data_2BKU
#
_entry.id   2BKU
#
_cell.length_a   107.021
_cell.length_b   127.879
_cell.length_c   161.741
_cell.angle_alpha   90.00
_cell.angle_beta   90.00
_cell.angle_gamma   90.00
#
_symmetry.space_group_name_H-M   'P 21 21 21'
#
loop_
_entity.id
_entity.type
_entity.pdbx_description
1 polymer 'GTP-BINDING NUCLEAR PROTEIN RAN'
2 polymer 'IMPORTIN BETA-1 SUBUNIT'
3 non-polymer "GUANOSINE-5'-TRIPHOSPHATE"
4 non-polymer 'MAGNESIUM ION'
5 water water
#
loop_
_entity_poly.entity_id
_entity_poly.type
_entity_poly.pdbx_seq_one_letter_code
_entity_poly.pdbx_strand_id
1 'polypeptide(L)'
;MAAQGEPQVQFKLVLVGDGGTGKTTFVKRHLTGEFEKKYVPTLGVEVHPLVFHTNRGPIKFNVWDTAGQEKFGGLRDGYY
IQAQCAIIMFDVTSRVTYKNVPNWHRDLVRVCENIPIVLCGNKVDIKDRKVKAKSIVFHRKKNLQYYDISAKSNYNFEKP
FLWLARKLIGDPNLEFV
;
A,C
2 'polypeptide(L)'
;MSTAEFAQLLENSILSPDQNIRLTSETQLKKLSNDNFLQFAGLSSQVLIDENTKLEGRILAALTLKNELVSKDSVKTQQF
AQRWITQVSPEAKNQIKTNALTALVSIEPRIANAAAQLIAAIADIELPHGAWPELMKIMVDNTGAEQPENVKRASLLALG
YMCESADPQSQALVSSSNNILIAIVQGAQSTETSKAVRLAALNALADSLIFIKNNMEREGERNYLMQVVCEATQAEDIEV
QAAAFGCLCKIMSKYYTFMKPYMEQALYALTIATMKSPNDKVASMTVEFWSTICEEEIDIAYELAQFPQSPLQSYNFALS
SIKDVVPNLLNLLTRQNEDPEDDDWNVSMSAGACLQLFAQNCGNHILEPVLEFVEQNITADNWRNREAAVMAFGSIMDGP
DKVQRTYYVHQALPSILNLMNDQSLQVKETTAWCIGRIADSVAESIDPQQHLPGVVQACLIGLQDHPKVATNCSWTIINL
VEQLAEATPSPIYNFYPALVDGLIGAANRIDNEFNARASAFSALTTMVEYATDTVAETSASISTFVMDKLGQTMSVDENQ
LTLEDAQSLQELQSNILTVLAAVIRKSPSSVEPVADMLMGLFFRLLEKKDSAFIEDDVFYAISALAASLGKGFEKYLETF
SPYLLKALNQVDSPVSITAVGFIADISNSLEEDFRRYSDAMMNVLAQMISNPNARRELKPAVLSVFGDIASNIGADFIPY
LNDIMALCVAAQNTKPENGTLEALDYQIKVLEAVLDAYVGIVAGLHDKPEALFPYVGTIFQFIAQVAEDPQLYSEDATSR
AAVGLIGDIAAMFPDGSIKQFYGQDWVIDYIKRTRSGQLFSQATKDTARWAREQQKRQLSL
;
B,D
#
loop_
_chem_comp.id
_chem_comp.type
_chem_comp.name
_chem_comp.formula
GTP non-polymer GUANOSINE-5'-TRIPHOSPHATE 'C10 H16 N5 O14 P3'
MG non-polymer 'MAGNESIUM ION' 'Mg 2'
#
# COMPACT_ATOMS: atom_id res chain seq x y z
N VAL A 9 -46.81 21.54 22.59
CA VAL A 9 -46.06 21.30 21.32
C VAL A 9 -44.82 20.43 21.54
N GLN A 10 -44.90 19.17 21.14
CA GLN A 10 -43.81 18.21 21.33
C GLN A 10 -43.58 17.35 20.09
N PHE A 11 -42.35 16.90 19.92
CA PHE A 11 -41.99 16.08 18.77
C PHE A 11 -41.11 14.92 19.19
N LYS A 12 -41.28 13.77 18.57
CA LYS A 12 -40.44 12.61 18.82
C LYS A 12 -39.19 12.69 17.93
N LEU A 13 -38.02 12.61 18.56
CA LEU A 13 -36.75 12.69 17.89
C LEU A 13 -35.96 11.42 18.15
N VAL A 14 -35.66 10.65 17.11
CA VAL A 14 -34.82 9.46 17.27
C VAL A 14 -33.37 9.83 16.99
N LEU A 15 -32.46 9.40 17.87
CA LEU A 15 -31.04 9.68 17.76
C LEU A 15 -30.30 8.38 17.51
N VAL A 16 -29.56 8.32 16.39
CA VAL A 16 -28.94 7.08 15.91
C VAL A 16 -27.48 7.26 15.50
N GLY A 17 -26.75 6.15 15.40
CA GLY A 17 -25.34 6.19 15.01
C GLY A 17 -24.52 5.09 15.64
N ASP A 18 -23.34 4.86 15.10
CA ASP A 18 -22.46 3.80 15.60
C ASP A 18 -22.18 4.02 17.07
N GLY A 19 -21.94 2.91 17.78
CA GLY A 19 -21.64 2.97 19.20
C GLY A 19 -20.39 3.77 19.51
N GLY A 20 -20.42 4.50 20.62
CA GLY A 20 -19.30 5.32 21.06
C GLY A 20 -19.11 6.64 20.35
N THR A 21 -20.05 7.02 19.48
CA THR A 21 -19.97 8.30 18.75
C THR A 21 -20.41 9.54 19.58
N GLY A 22 -21.00 9.30 20.75
CA GLY A 22 -21.32 10.36 21.70
C GLY A 22 -22.79 10.78 21.77
N LYS A 23 -23.68 9.88 21.38
CA LYS A 23 -25.12 10.18 21.35
C LYS A 23 -25.64 10.49 22.76
N THR A 24 -25.42 9.56 23.69
CA THR A 24 -25.88 9.71 25.07
C THR A 24 -25.21 10.90 25.75
N THR A 25 -23.90 11.01 25.59
CA THR A 25 -23.15 12.17 26.07
C THR A 25 -23.81 13.48 25.62
N PHE A 26 -24.09 13.58 24.33
CA PHE A 26 -24.73 14.77 23.74
C PHE A 26 -26.04 15.09 24.44
N VAL A 27 -26.90 14.07 24.57
CA VAL A 27 -28.23 14.22 25.17
C VAL A 27 -28.17 14.52 26.67
N LYS A 28 -27.34 13.78 27.41
CA LYS A 28 -27.23 13.99 28.84
C LYS A 28 -26.80 15.43 29.17
N ARG A 29 -25.91 15.99 28.34
CA ARG A 29 -25.46 17.35 28.51
C ARG A 29 -26.59 18.31 28.33
N HIS A 30 -27.37 18.11 27.27
CA HIS A 30 -28.53 18.94 27.01
C HIS A 30 -29.56 18.83 28.10
N LEU A 31 -29.66 17.64 28.68
CA LEU A 31 -30.62 17.35 29.71
C LEU A 31 -30.26 18.01 31.04
N THR A 32 -29.04 17.74 31.53
CA THR A 32 -28.63 18.13 32.89
C THR A 32 -27.39 19.03 33.01
N GLY A 33 -26.60 19.14 31.94
CA GLY A 33 -25.32 19.87 31.98
C GLY A 33 -24.12 19.03 32.39
N GLU A 34 -24.32 17.74 32.59
CA GLU A 34 -23.25 16.85 32.99
C GLU A 34 -22.58 16.23 31.77
N PHE A 35 -21.25 16.31 31.73
CA PHE A 35 -20.48 15.66 30.67
C PHE A 35 -20.01 14.30 31.17
N GLU A 36 -20.61 13.26 30.61
CA GLU A 36 -20.23 11.89 30.94
C GLU A 36 -18.89 11.55 30.30
N LYS A 37 -17.95 11.06 31.11
CA LYS A 37 -16.61 10.72 30.64
C LYS A 37 -16.52 9.25 30.24
N LYS A 38 -17.01 8.38 31.12
CA LYS A 38 -17.08 6.93 30.86
C LYS A 38 -18.01 6.61 29.69
N TYR A 39 -17.57 5.75 28.78
CA TYR A 39 -18.45 5.21 27.75
C TYR A 39 -19.17 3.96 28.27
N VAL A 40 -20.48 4.11 28.51
CA VAL A 40 -21.33 2.99 28.91
C VAL A 40 -22.34 2.76 27.80
N PRO A 41 -22.24 1.60 27.15
CA PRO A 41 -23.12 1.28 26.03
C PRO A 41 -24.58 1.44 26.46
N THR A 42 -25.35 2.15 25.64
CA THR A 42 -26.78 2.24 25.85
C THR A 42 -27.44 0.89 25.55
N LEU A 43 -28.36 0.51 26.43
CA LEU A 43 -29.09 -0.74 26.32
C LEU A 43 -30.46 -0.46 25.73
N GLY A 44 -30.59 -0.65 24.43
CA GLY A 44 -31.86 -0.44 23.72
C GLY A 44 -32.07 1.04 23.45
N VAL A 45 -32.64 1.73 24.44
CA VAL A 45 -32.95 3.14 24.29
C VAL A 45 -33.17 3.81 25.64
N GLU A 46 -32.75 5.05 25.74
CA GLU A 46 -33.10 5.91 26.87
C GLU A 46 -33.95 7.03 26.30
N VAL A 47 -35.18 7.17 26.80
CA VAL A 47 -36.07 8.25 26.37
C VAL A 47 -36.10 9.40 27.39
N HIS A 48 -35.76 10.60 26.94
CA HIS A 48 -35.69 11.78 27.81
C HIS A 48 -36.27 12.99 27.08
N PRO A 49 -37.14 13.76 27.75
CA PRO A 49 -37.66 14.99 27.17
C PRO A 49 -36.68 16.15 27.29
N LEU A 50 -36.45 16.88 26.19
CA LEU A 50 -35.68 18.13 26.20
C LEU A 50 -36.59 19.28 25.83
N VAL A 51 -36.60 20.32 26.66
CA VAL A 51 -37.37 21.51 26.37
C VAL A 51 -36.45 22.70 26.08
N PHE A 52 -36.81 23.45 25.06
CA PHE A 52 -36.08 24.64 24.67
C PHE A 52 -37.06 25.80 24.70
N HIS A 53 -36.66 26.88 25.36
CA HIS A 53 -37.57 27.99 25.63
C HIS A 53 -37.30 28.99 24.53
N THR A 54 -38.12 28.89 23.48
CA THR A 54 -37.88 29.65 22.27
C THR A 54 -38.55 31.01 22.36
N ASN A 55 -38.37 31.84 21.34
CA ASN A 55 -39.08 33.12 21.29
C ASN A 55 -40.58 32.93 20.97
N ARG A 56 -40.96 31.74 20.49
CA ARG A 56 -42.37 31.40 20.25
C ARG A 56 -42.86 30.36 21.26
N GLY A 57 -42.51 30.52 22.52
CA GLY A 57 -42.89 29.56 23.55
C GLY A 57 -41.98 28.34 23.57
N PRO A 58 -42.27 27.37 24.46
CA PRO A 58 -41.42 26.19 24.58
C PRO A 58 -41.72 25.09 23.55
N ILE A 59 -40.67 24.45 23.06
CA ILE A 59 -40.76 23.30 22.19
C ILE A 59 -40.12 22.13 22.90
N LYS A 60 -40.76 20.96 22.83
CA LYS A 60 -40.28 19.78 23.54
C LYS A 60 -39.91 18.65 22.59
N PHE A 61 -38.67 18.17 22.70
CA PHE A 61 -38.22 17.00 21.94
C PHE A 61 -38.18 15.81 22.87
N ASN A 62 -39.05 14.83 22.63
CA ASN A 62 -38.94 13.56 23.32
C ASN A 62 -37.86 12.78 22.60
N VAL A 63 -36.68 12.72 23.19
CA VAL A 63 -35.52 12.14 22.54
C VAL A 63 -35.44 10.64 22.78
N TRP A 64 -35.33 9.88 21.70
CA TRP A 64 -35.09 8.45 21.79
C TRP A 64 -33.62 8.21 21.46
N ASP A 65 -32.84 8.01 22.51
CA ASP A 65 -31.39 7.84 22.41
C ASP A 65 -31.07 6.35 22.22
N THR A 66 -30.95 5.93 20.97
CA THR A 66 -30.90 4.50 20.64
C THR A 66 -29.49 3.94 20.78
N ALA A 67 -29.43 2.62 20.93
CA ALA A 67 -28.14 1.93 21.05
C ALA A 67 -27.43 1.84 19.69
N GLY A 68 -26.11 1.94 19.72
CA GLY A 68 -25.30 1.83 18.51
C GLY A 68 -24.68 0.45 18.32
N GLN A 69 -24.50 -0.29 19.40
CA GLN A 69 -23.90 -1.62 19.33
C GLN A 69 -24.92 -2.66 18.98
N GLU A 70 -24.62 -3.47 17.97
CA GLU A 70 -25.51 -4.56 17.54
C GLU A 70 -25.95 -5.41 18.73
N LYS A 71 -25.03 -5.81 19.60
CA LYS A 71 -25.37 -6.58 20.79
C LYS A 71 -26.59 -6.00 21.50
N PHE A 72 -26.61 -4.67 21.69
CA PHE A 72 -27.59 -4.00 22.53
C PHE A 72 -28.64 -3.22 21.74
N GLY A 73 -28.89 -3.66 20.50
CA GLY A 73 -29.83 -2.99 19.61
C GLY A 73 -31.26 -2.80 20.12
N GLY A 74 -31.69 -3.67 21.04
CA GLY A 74 -33.07 -3.59 21.56
C GLY A 74 -34.08 -3.85 20.46
N LEU A 75 -35.07 -2.96 20.33
CA LEU A 75 -36.03 -3.02 19.23
C LEU A 75 -35.47 -2.47 17.90
N ARG A 76 -34.29 -1.87 17.97
CA ARG A 76 -33.63 -1.33 16.78
C ARG A 76 -34.54 -0.32 16.05
N ASP A 77 -34.85 -0.58 14.79
CA ASP A 77 -35.66 0.31 13.98
C ASP A 77 -37.12 0.32 14.44
N GLY A 78 -37.48 -0.57 15.35
CA GLY A 78 -38.74 -0.46 16.10
C GLY A 78 -38.91 0.87 16.83
N TYR A 79 -37.82 1.44 17.33
CA TYR A 79 -37.84 2.77 17.95
C TYR A 79 -38.11 3.94 16.99
N TYR A 80 -37.99 3.72 15.68
CA TYR A 80 -38.22 4.78 14.71
C TYR A 80 -39.72 5.02 14.44
N ILE A 81 -40.54 4.04 14.82
CA ILE A 81 -41.98 4.14 14.60
C ILE A 81 -42.50 5.45 15.18
N GLN A 82 -43.17 6.23 14.33
CA GLN A 82 -43.78 7.50 14.74
C GLN A 82 -42.79 8.63 15.03
N ALA A 83 -41.51 8.40 14.78
CA ALA A 83 -40.52 9.46 14.91
C ALA A 83 -40.82 10.56 13.90
N GLN A 84 -40.85 11.80 14.38
CA GLN A 84 -41.10 12.95 13.51
C GLN A 84 -39.83 13.65 13.02
N CYS A 85 -38.67 13.23 13.51
CA CYS A 85 -37.40 13.81 13.09
C CYS A 85 -36.24 13.03 13.66
N ALA A 86 -35.05 13.22 13.10
CA ALA A 86 -33.90 12.45 13.56
C ALA A 86 -32.55 13.20 13.57
N ILE A 87 -31.64 12.65 14.36
CA ILE A 87 -30.24 13.02 14.33
C ILE A 87 -29.44 11.76 14.04
N ILE A 88 -28.68 11.78 12.96
CA ILE A 88 -27.67 10.78 12.72
C ILE A 88 -26.35 11.33 13.22
N MET A 89 -25.70 10.61 14.11
CA MET A 89 -24.39 11.02 14.61
C MET A 89 -23.29 10.09 14.17
N PHE A 90 -22.18 10.67 13.73
CA PHE A 90 -20.94 9.92 13.54
C PHE A 90 -19.79 10.59 14.31
N ASP A 91 -18.70 9.86 14.49
CA ASP A 91 -17.50 10.33 15.17
C ASP A 91 -16.46 10.74 14.13
N VAL A 92 -16.17 12.04 14.07
CA VAL A 92 -15.20 12.60 13.13
C VAL A 92 -13.78 12.00 13.33
N THR A 93 -13.56 11.44 14.52
CA THR A 93 -12.33 10.72 14.87
C THR A 93 -12.29 9.27 14.33
N SER A 94 -13.35 8.80 13.68
CA SER A 94 -13.47 7.39 13.32
C SER A 94 -14.16 7.16 11.96
N ARG A 95 -13.36 6.95 10.91
CA ARG A 95 -13.82 6.83 9.53
C ARG A 95 -14.96 5.84 9.35
N VAL A 96 -14.90 4.72 10.07
CA VAL A 96 -15.92 3.67 9.96
C VAL A 96 -17.31 4.17 10.40
N THR A 97 -17.34 5.06 11.39
CA THR A 97 -18.60 5.64 11.85
C THR A 97 -19.25 6.56 10.83
N TYR A 98 -18.45 7.11 9.91
CA TYR A 98 -19.00 7.89 8.80
C TYR A 98 -19.32 6.96 7.62
N LYS A 99 -18.50 5.92 7.45
CA LYS A 99 -18.76 4.91 6.43
C LYS A 99 -20.15 4.26 6.61
N ASN A 100 -20.60 4.10 7.86
CA ASN A 100 -21.93 3.55 8.17
C ASN A 100 -23.09 4.55 8.16
N VAL A 101 -22.81 5.83 7.97
CA VAL A 101 -23.89 6.82 7.97
C VAL A 101 -24.97 6.42 6.98
N PRO A 102 -24.59 6.14 5.71
CA PRO A 102 -25.61 5.76 4.73
C PRO A 102 -26.52 4.62 5.19
N ASN A 103 -26.01 3.66 5.96
CA ASN A 103 -26.87 2.60 6.51
C ASN A 103 -27.87 3.14 7.52
N TRP A 104 -27.41 4.00 8.42
CA TRP A 104 -28.33 4.57 9.41
C TRP A 104 -29.46 5.34 8.71
N HIS A 105 -29.11 6.11 7.69
CA HIS A 105 -30.10 6.88 6.97
C HIS A 105 -31.13 5.97 6.34
N ARG A 106 -30.66 4.92 5.69
CA ARG A 106 -31.52 3.95 5.00
C ARG A 106 -32.54 3.33 5.93
N ASP A 107 -32.06 2.80 7.05
CA ASP A 107 -32.92 2.13 8.03
C ASP A 107 -33.93 3.08 8.66
N LEU A 108 -33.59 4.37 8.74
CA LEU A 108 -34.50 5.41 9.20
C LEU A 108 -35.65 5.60 8.22
N VAL A 109 -35.31 5.93 6.99
CA VAL A 109 -36.32 6.38 6.03
C VAL A 109 -37.24 5.25 5.59
N ARG A 110 -36.81 4.00 5.77
CA ARG A 110 -37.67 2.85 5.52
C ARG A 110 -38.82 2.74 6.52
N VAL A 111 -38.72 3.43 7.65
CA VAL A 111 -39.73 3.43 8.71
C VAL A 111 -40.39 4.79 8.83
N CYS A 112 -39.61 5.86 8.74
CA CYS A 112 -40.14 7.23 8.76
C CYS A 112 -40.00 7.82 7.37
N GLU A 113 -41.05 7.64 6.57
CA GLU A 113 -41.05 8.04 5.18
C GLU A 113 -40.29 9.36 4.93
N ASN A 114 -40.85 10.46 5.41
CA ASN A 114 -40.38 11.78 5.05
C ASN A 114 -40.22 12.65 6.27
N ILE A 115 -39.04 12.67 6.86
CA ILE A 115 -38.79 13.48 8.07
C ILE A 115 -37.53 14.31 7.93
N PRO A 116 -37.46 15.44 8.66
CA PRO A 116 -36.22 16.20 8.67
C PRO A 116 -35.15 15.52 9.52
N ILE A 117 -33.95 15.38 8.97
CA ILE A 117 -32.84 14.68 9.61
C ILE A 117 -31.62 15.58 9.62
N VAL A 118 -30.92 15.63 10.75
CA VAL A 118 -29.66 16.36 10.85
C VAL A 118 -28.53 15.34 10.97
N LEU A 119 -27.46 15.56 10.22
CA LEU A 119 -26.25 14.75 10.29
C LEU A 119 -25.23 15.48 11.12
N CYS A 120 -24.75 14.86 12.19
CA CYS A 120 -23.75 15.46 13.06
C CYS A 120 -22.43 14.69 13.11
N GLY A 121 -21.33 15.39 12.81
CA GLY A 121 -20.00 14.87 13.03
C GLY A 121 -19.51 15.34 14.38
N ASN A 122 -19.54 14.44 15.37
CA ASN A 122 -19.16 14.76 16.74
C ASN A 122 -17.66 14.57 16.98
N LYS A 123 -17.18 15.12 18.09
CA LYS A 123 -15.78 15.04 18.55
C LYS A 123 -14.79 15.94 17.77
N VAL A 124 -15.28 17.05 17.22
CA VAL A 124 -14.41 17.97 16.48
C VAL A 124 -13.35 18.68 17.34
N ASP A 125 -13.52 18.59 18.66
CA ASP A 125 -12.51 19.08 19.61
C ASP A 125 -11.22 18.28 19.56
N ILE A 126 -11.29 17.01 19.18
CA ILE A 126 -10.12 16.16 19.14
C ILE A 126 -9.19 16.63 18.02
N LYS A 127 -7.89 16.63 18.33
CA LYS A 127 -6.87 17.26 17.50
C LYS A 127 -6.87 16.74 16.06
N ASP A 128 -6.46 15.49 15.84
CA ASP A 128 -6.40 14.96 14.48
C ASP A 128 -7.71 14.26 14.11
N ARG A 129 -8.50 14.96 13.30
CA ARG A 129 -9.67 14.39 12.65
C ARG A 129 -9.22 13.33 11.67
N LYS A 130 -9.96 12.23 11.61
CA LYS A 130 -9.75 11.22 10.57
C LYS A 130 -10.80 11.35 9.45
N VAL A 131 -11.78 12.24 9.63
CA VAL A 131 -12.83 12.50 8.64
C VAL A 131 -12.98 14.00 8.45
N LYS A 132 -12.19 14.58 7.55
CA LYS A 132 -12.21 16.04 7.35
C LYS A 132 -13.44 16.54 6.58
N ALA A 133 -13.67 17.84 6.61
CA ALA A 133 -14.79 18.48 5.92
C ALA A 133 -14.90 18.06 4.44
N LYS A 134 -13.75 17.79 3.84
CA LYS A 134 -13.65 17.35 2.45
C LYS A 134 -14.42 16.05 2.17
N SER A 135 -14.29 15.08 3.07
CA SER A 135 -14.92 13.76 2.92
C SER A 135 -16.40 13.75 3.24
N ILE A 136 -16.87 14.73 4.02
CA ILE A 136 -18.26 14.77 4.46
C ILE A 136 -19.12 15.30 3.33
N VAL A 137 -19.73 14.36 2.61
CA VAL A 137 -20.47 14.66 1.40
C VAL A 137 -21.91 14.11 1.38
N PHE A 138 -22.31 13.43 2.45
CA PHE A 138 -23.60 12.75 2.44
C PHE A 138 -24.77 13.73 2.59
N HIS A 139 -24.64 14.69 3.50
CA HIS A 139 -25.62 15.77 3.61
C HIS A 139 -26.00 16.32 2.23
N ARG A 140 -24.99 16.41 1.37
CA ARG A 140 -25.10 16.98 0.04
C ARG A 140 -25.92 16.10 -0.91
N LYS A 141 -25.70 14.79 -0.85
CA LYS A 141 -26.38 13.83 -1.76
C LYS A 141 -27.85 13.60 -1.42
N LYS A 142 -28.23 13.76 -0.15
CA LYS A 142 -29.60 13.49 0.30
C LYS A 142 -30.25 14.72 0.94
N ASN A 143 -29.80 15.92 0.56
CA ASN A 143 -30.34 17.18 1.05
C ASN A 143 -30.67 17.22 2.55
N LEU A 144 -29.69 16.83 3.36
CA LEU A 144 -29.76 16.95 4.82
C LEU A 144 -28.96 18.15 5.27
N GLN A 145 -29.12 18.50 6.54
CA GLN A 145 -28.32 19.54 7.18
C GLN A 145 -27.20 18.86 7.95
N TYR A 146 -25.98 19.38 7.80
CA TYR A 146 -24.84 18.84 8.52
C TYR A 146 -24.31 19.86 9.52
N TYR A 147 -23.85 19.37 10.68
CA TYR A 147 -23.08 20.19 11.60
C TYR A 147 -21.89 19.43 12.17
N ASP A 148 -20.74 20.10 12.20
CA ASP A 148 -19.68 19.77 13.13
C ASP A 148 -20.24 20.02 14.52
N ILE A 149 -20.01 19.07 15.42
CA ILE A 149 -20.47 19.19 16.79
C ILE A 149 -19.37 18.68 17.71
N SER A 150 -19.39 19.13 18.96
CA SER A 150 -18.58 18.54 20.01
C SER A 150 -19.36 18.58 21.30
N ALA A 151 -19.76 17.40 21.78
CA ALA A 151 -20.47 17.32 23.05
C ALA A 151 -19.58 17.70 24.24
N LYS A 152 -18.26 17.82 24.01
CA LYS A 152 -17.28 18.16 25.06
C LYS A 152 -16.95 19.65 25.10
N SER A 153 -16.55 20.21 23.96
CA SER A 153 -16.27 21.66 23.88
C SER A 153 -17.52 22.49 23.68
N ASN A 154 -18.68 21.81 23.55
CA ASN A 154 -19.97 22.44 23.31
C ASN A 154 -19.99 23.27 22.04
N TYR A 155 -19.22 22.84 21.04
CA TYR A 155 -19.23 23.48 19.73
C TYR A 155 -20.54 23.15 19.06
N ASN A 156 -21.22 24.20 18.57
CA ASN A 156 -22.52 24.10 17.93
C ASN A 156 -23.55 23.29 18.74
N PHE A 157 -23.39 23.31 20.06
CA PHE A 157 -24.24 22.58 21.00
C PHE A 157 -25.73 22.57 20.62
N GLU A 158 -26.30 23.74 20.43
CA GLU A 158 -27.75 23.86 20.21
C GLU A 158 -28.20 23.77 18.75
N LYS A 159 -27.26 23.78 17.80
CA LYS A 159 -27.60 23.87 16.36
C LYS A 159 -28.55 22.78 15.85
N PRO A 160 -28.25 21.49 16.10
CA PRO A 160 -29.13 20.47 15.55
C PRO A 160 -30.57 20.64 15.98
N PHE A 161 -30.79 21.05 17.23
CA PHE A 161 -32.14 21.23 17.74
C PHE A 161 -32.77 22.52 17.21
N LEU A 162 -31.96 23.55 17.01
CA LEU A 162 -32.47 24.80 16.46
C LEU A 162 -32.97 24.57 15.04
N TRP A 163 -32.15 23.94 14.21
CA TRP A 163 -32.54 23.63 12.84
C TRP A 163 -33.78 22.73 12.76
N LEU A 164 -33.84 21.69 13.59
CA LEU A 164 -34.98 20.79 13.57
C LEU A 164 -36.25 21.51 13.99
N ALA A 165 -36.17 22.26 15.07
CA ALA A 165 -37.29 23.03 15.57
C ALA A 165 -37.86 23.95 14.49
N ARG A 166 -36.99 24.65 13.78
CA ARG A 166 -37.43 25.56 12.71
C ARG A 166 -38.18 24.82 11.62
N LYS A 167 -37.56 23.79 11.08
CA LYS A 167 -38.18 22.96 10.04
C LYS A 167 -39.48 22.33 10.54
N LEU A 168 -39.47 21.84 11.78
CA LEU A 168 -40.66 21.22 12.36
C LEU A 168 -41.81 22.20 12.56
N ILE A 169 -41.51 23.35 13.13
CA ILE A 169 -42.51 24.39 13.38
C ILE A 169 -42.83 25.16 12.12
N GLY A 170 -41.96 25.08 11.12
CA GLY A 170 -42.15 25.78 9.87
C GLY A 170 -41.89 27.27 9.94
N ASP A 171 -41.12 27.71 10.95
CA ASP A 171 -40.78 29.13 11.12
C ASP A 171 -39.26 29.36 11.09
N PRO A 172 -38.74 29.93 9.99
CA PRO A 172 -37.31 30.25 9.86
C PRO A 172 -36.73 31.25 10.89
N ASN A 173 -37.58 31.97 11.62
CA ASN A 173 -37.09 32.99 12.58
C ASN A 173 -37.10 32.55 14.04
N LEU A 174 -37.27 31.26 14.28
CA LEU A 174 -37.33 30.72 15.64
C LEU A 174 -35.99 30.88 16.33
N GLU A 175 -36.00 31.31 17.59
CA GLU A 175 -34.75 31.55 18.33
C GLU A 175 -34.80 30.89 19.71
N PHE A 176 -33.64 30.46 20.19
CA PHE A 176 -33.53 29.72 21.46
C PHE A 176 -33.09 30.59 22.64
N VAL A 177 -31.97 31.30 22.47
CA VAL A 177 -31.39 32.15 23.52
C VAL A 177 -32.16 32.11 24.84
N MET B 1 -49.65 -18.23 25.07
CA MET B 1 -49.87 -16.76 25.23
C MET B 1 -50.87 -16.24 24.19
N SER B 2 -51.79 -15.40 24.65
CA SER B 2 -52.81 -14.83 23.78
C SER B 2 -52.19 -13.87 22.75
N THR B 3 -52.78 -13.84 21.56
CA THR B 3 -52.40 -12.86 20.52
C THR B 3 -52.65 -11.43 20.99
N ALA B 4 -53.69 -11.22 21.80
CA ALA B 4 -54.00 -9.90 22.33
C ALA B 4 -53.01 -9.47 23.42
N GLU B 5 -52.64 -10.38 24.30
CA GLU B 5 -51.64 -10.10 25.34
C GLU B 5 -50.29 -9.77 24.70
N PHE B 6 -49.94 -10.51 23.66
CA PHE B 6 -48.74 -10.25 22.89
C PHE B 6 -48.80 -8.87 22.24
N ALA B 7 -49.97 -8.53 21.69
CA ALA B 7 -50.16 -7.25 21.02
C ALA B 7 -50.03 -6.06 21.98
N GLN B 8 -50.39 -6.28 23.25
CA GLN B 8 -50.31 -5.25 24.27
C GLN B 8 -48.85 -4.98 24.67
N LEU B 9 -48.05 -6.03 24.75
CA LEU B 9 -46.60 -5.88 24.97
C LEU B 9 -45.97 -5.03 23.88
N LEU B 10 -46.29 -5.34 22.63
CA LEU B 10 -45.76 -4.62 21.48
C LEU B 10 -46.15 -3.16 21.53
N GLU B 11 -47.43 -2.89 21.74
CA GLU B 11 -47.89 -1.50 21.90
C GLU B 11 -47.20 -0.81 23.08
N ASN B 12 -47.08 -1.53 24.19
CA ASN B 12 -46.45 -0.97 25.39
C ASN B 12 -44.97 -0.66 25.19
N SER B 13 -44.28 -1.49 24.42
CA SER B 13 -42.84 -1.31 24.13
C SER B 13 -42.48 0.06 23.58
N ILE B 14 -43.37 0.68 22.82
CA ILE B 14 -43.10 1.99 22.23
C ILE B 14 -44.15 3.07 22.55
N LEU B 15 -45.35 2.68 22.98
CA LEU B 15 -46.42 3.64 23.23
C LEU B 15 -46.67 3.99 24.68
N SER B 16 -46.27 3.14 25.62
CA SER B 16 -46.45 3.45 27.05
C SER B 16 -45.70 4.72 27.39
N PRO B 17 -46.34 5.67 28.10
CA PRO B 17 -45.62 6.84 28.63
C PRO B 17 -44.77 6.48 29.85
N ASP B 18 -45.11 5.38 30.52
CA ASP B 18 -44.34 4.89 31.65
C ASP B 18 -43.12 4.13 31.16
N GLN B 19 -41.93 4.64 31.49
CA GLN B 19 -40.66 4.04 31.07
C GLN B 19 -40.42 2.63 31.60
N ASN B 20 -40.98 2.31 32.77
CA ASN B 20 -40.82 0.98 33.38
C ASN B 20 -41.63 -0.07 32.66
N ILE B 21 -42.83 0.33 32.22
CA ILE B 21 -43.67 -0.52 31.39
C ILE B 21 -42.91 -0.87 30.10
N ARG B 22 -42.44 0.17 29.40
CA ARG B 22 -41.71 -0.01 28.14
C ARG B 22 -40.57 -1.01 28.28
N LEU B 23 -39.71 -0.78 29.27
CA LEU B 23 -38.59 -1.68 29.54
C LEU B 23 -39.06 -3.11 29.81
N THR B 24 -40.04 -3.25 30.70
CA THR B 24 -40.59 -4.58 31.02
C THR B 24 -41.13 -5.30 29.79
N SER B 25 -41.96 -4.59 29.02
CA SER B 25 -42.60 -5.15 27.82
C SER B 25 -41.57 -5.62 26.79
N GLU B 26 -40.56 -4.78 26.53
CA GLU B 26 -39.47 -5.16 25.64
C GLU B 26 -38.73 -6.39 26.18
N THR B 27 -38.54 -6.47 27.49
CA THR B 27 -37.88 -7.62 28.11
C THR B 27 -38.68 -8.90 27.92
N GLN B 28 -39.99 -8.80 28.14
CA GLN B 28 -40.87 -9.95 27.99
C GLN B 28 -40.94 -10.46 26.54
N LEU B 29 -40.90 -9.53 25.58
CA LEU B 29 -40.89 -9.88 24.16
C LEU B 29 -39.62 -10.61 23.80
N LYS B 30 -38.51 -10.20 24.41
CA LYS B 30 -37.23 -10.78 24.10
C LYS B 30 -37.10 -12.22 24.60
N LYS B 31 -37.58 -12.49 25.81
CA LYS B 31 -37.43 -13.85 26.38
C LYS B 31 -38.37 -14.85 25.69
N LEU B 32 -39.54 -14.36 25.31
CA LEU B 32 -40.47 -15.14 24.49
C LEU B 32 -39.80 -15.55 23.17
N SER B 33 -38.99 -14.66 22.60
CA SER B 33 -38.21 -14.96 21.40
C SER B 33 -37.21 -16.09 21.64
N ASN B 34 -36.54 -16.05 22.79
CA ASN B 34 -35.50 -17.04 23.15
C ASN B 34 -36.07 -18.40 23.53
N ASP B 35 -37.08 -18.38 24.39
CA ASP B 35 -37.63 -19.62 24.97
C ASP B 35 -38.48 -20.41 23.98
N ASN B 36 -39.32 -19.71 23.21
CA ASN B 36 -40.25 -20.35 22.28
C ASN B 36 -40.37 -19.57 20.97
N PHE B 37 -39.29 -19.60 20.18
CA PHE B 37 -39.24 -18.84 18.94
C PHE B 37 -40.42 -19.16 18.02
N LEU B 38 -40.76 -20.44 17.92
CA LEU B 38 -41.90 -20.87 17.11
C LEU B 38 -43.07 -19.96 17.41
N GLN B 39 -43.47 -19.90 18.67
CA GLN B 39 -44.65 -19.14 19.08
C GLN B 39 -44.45 -17.63 18.84
N PHE B 40 -43.28 -17.11 19.19
CA PHE B 40 -42.98 -15.70 18.97
C PHE B 40 -43.23 -15.31 17.52
N ALA B 41 -42.65 -16.06 16.60
CA ALA B 41 -42.80 -15.79 15.18
C ALA B 41 -44.29 -15.78 14.79
N GLY B 42 -45.00 -16.84 15.17
CA GLY B 42 -46.41 -16.98 14.85
C GLY B 42 -47.26 -15.82 15.34
N LEU B 43 -47.12 -15.50 16.62
CA LEU B 43 -47.88 -14.42 17.22
C LEU B 43 -47.57 -13.06 16.58
N SER B 44 -46.29 -12.84 16.31
CA SER B 44 -45.85 -11.65 15.59
C SER B 44 -46.60 -11.52 14.28
N SER B 45 -46.65 -12.61 13.52
CA SER B 45 -47.34 -12.59 12.22
C SER B 45 -48.82 -12.28 12.36
N GLN B 46 -49.41 -12.61 13.51
CA GLN B 46 -50.84 -12.43 13.70
C GLN B 46 -51.18 -11.02 14.13
N VAL B 47 -50.37 -10.44 15.02
CA VAL B 47 -50.61 -9.06 15.42
C VAL B 47 -50.44 -8.14 14.21
N LEU B 48 -49.55 -8.53 13.30
CA LEU B 48 -49.32 -7.77 12.08
C LEU B 48 -50.63 -7.53 11.33
N ILE B 49 -51.42 -8.58 11.15
CA ILE B 49 -52.70 -8.49 10.43
C ILE B 49 -53.92 -8.26 11.33
N ASP B 50 -53.70 -8.04 12.63
CA ASP B 50 -54.81 -7.82 13.58
C ASP B 50 -55.38 -6.40 13.48
N GLU B 51 -56.63 -6.29 13.07
CA GLU B 51 -57.27 -4.98 12.90
C GLU B 51 -57.52 -4.25 14.22
N ASN B 52 -57.54 -4.99 15.33
CA ASN B 52 -57.79 -4.41 16.67
C ASN B 52 -56.56 -3.76 17.30
N THR B 53 -55.37 -3.99 16.74
CA THR B 53 -54.12 -3.49 17.31
C THR B 53 -53.75 -2.17 16.67
N LYS B 54 -53.16 -1.25 17.45
CA LYS B 54 -52.80 0.05 16.92
C LYS B 54 -51.75 -0.08 15.82
N LEU B 55 -51.69 0.93 14.95
CA LEU B 55 -50.72 0.93 13.86
C LEU B 55 -49.34 0.54 14.34
N GLU B 56 -48.89 1.25 15.37
CA GLU B 56 -47.53 1.16 15.86
C GLU B 56 -47.17 -0.25 16.30
N GLY B 57 -48.13 -0.94 16.91
CA GLY B 57 -47.92 -2.31 17.38
C GLY B 57 -47.87 -3.33 16.26
N ARG B 58 -48.60 -3.05 15.19
CA ARG B 58 -48.61 -3.94 14.04
C ARG B 58 -47.33 -3.77 13.25
N ILE B 59 -46.93 -2.51 13.04
CA ILE B 59 -45.66 -2.22 12.41
C ILE B 59 -44.52 -2.83 13.24
N LEU B 60 -44.57 -2.69 14.55
CA LEU B 60 -43.53 -3.23 15.41
C LEU B 60 -43.49 -4.75 15.37
N ALA B 61 -44.64 -5.40 15.23
CA ALA B 61 -44.67 -6.87 15.13
C ALA B 61 -43.80 -7.36 13.98
N ALA B 62 -43.99 -6.76 12.81
CA ALA B 62 -43.24 -7.12 11.60
C ALA B 62 -41.74 -6.87 11.72
N LEU B 63 -41.38 -5.70 12.27
CA LEU B 63 -39.98 -5.29 12.34
C LEU B 63 -39.18 -6.14 13.31
N THR B 64 -39.79 -6.52 14.44
CA THR B 64 -39.01 -7.20 15.46
C THR B 64 -38.87 -8.68 15.16
N LEU B 65 -39.84 -9.26 14.46
CA LEU B 65 -39.70 -10.61 13.94
C LEU B 65 -38.61 -10.63 12.88
N LYS B 66 -38.61 -9.60 12.03
CA LYS B 66 -37.54 -9.40 11.06
C LYS B 66 -36.19 -9.27 11.75
N ASN B 67 -36.14 -8.57 12.87
CA ASN B 67 -34.87 -8.41 13.59
C ASN B 67 -34.44 -9.69 14.30
N GLU B 68 -35.32 -10.68 14.33
CA GLU B 68 -34.95 -12.02 14.79
C GLU B 68 -34.74 -12.98 13.60
N LEU B 69 -34.82 -12.47 12.36
CA LEU B 69 -34.57 -13.26 11.15
C LEU B 69 -33.28 -12.87 10.43
N VAL B 70 -32.97 -11.59 10.43
CA VAL B 70 -31.82 -11.06 9.73
C VAL B 70 -31.04 -10.11 10.66
N SER B 71 -29.76 -9.90 10.40
CA SER B 71 -28.90 -9.20 11.35
C SER B 71 -27.67 -8.58 10.68
N LYS B 72 -27.22 -7.45 11.21
CA LYS B 72 -26.00 -6.79 10.73
C LYS B 72 -24.74 -7.66 10.98
N ASP B 73 -24.76 -8.44 12.07
CA ASP B 73 -23.66 -9.35 12.41
C ASP B 73 -23.79 -10.63 11.60
N SER B 74 -22.69 -11.08 11.02
CA SER B 74 -22.70 -12.20 10.05
C SER B 74 -22.83 -13.59 10.70
N VAL B 75 -22.47 -13.71 11.97
CA VAL B 75 -22.70 -14.96 12.72
C VAL B 75 -24.18 -15.07 13.13
N LYS B 76 -24.70 -14.01 13.76
CA LYS B 76 -26.12 -13.90 14.10
C LYS B 76 -27.03 -14.22 12.91
N THR B 77 -26.64 -13.76 11.73
CA THR B 77 -27.40 -14.00 10.50
C THR B 77 -27.51 -15.49 10.21
N GLN B 78 -26.42 -16.23 10.36
CA GLN B 78 -26.42 -17.70 10.19
C GLN B 78 -27.19 -18.41 11.31
N GLN B 79 -27.01 -17.96 12.54
CA GLN B 79 -27.79 -18.47 13.68
C GLN B 79 -29.29 -18.30 13.45
N PHE B 80 -29.68 -17.09 13.07
CA PHE B 80 -31.09 -16.75 12.80
C PHE B 80 -31.61 -17.54 11.61
N ALA B 81 -30.77 -17.73 10.60
CA ALA B 81 -31.17 -18.48 9.42
C ALA B 81 -31.55 -19.91 9.80
N GLN B 82 -30.63 -20.54 10.53
CA GLN B 82 -30.76 -21.92 10.93
C GLN B 82 -31.96 -22.08 11.87
N ARG B 83 -32.12 -21.14 12.79
CA ARG B 83 -33.24 -21.19 13.74
C ARG B 83 -34.57 -21.25 13.00
N TRP B 84 -34.73 -20.37 12.03
CA TRP B 84 -35.96 -20.31 11.24
C TRP B 84 -36.19 -21.63 10.49
N ILE B 85 -35.13 -22.16 9.89
CA ILE B 85 -35.21 -23.40 9.13
C ILE B 85 -35.57 -24.59 10.02
N THR B 86 -34.97 -24.68 11.21
CA THR B 86 -35.16 -25.85 12.07
C THR B 86 -36.28 -25.72 13.11
N GLN B 87 -36.42 -24.56 13.74
CA GLN B 87 -37.40 -24.42 14.83
C GLN B 87 -38.83 -24.18 14.34
N VAL B 88 -39.00 -23.43 13.26
CA VAL B 88 -40.33 -23.10 12.79
C VAL B 88 -40.89 -24.26 11.98
N SER B 89 -42.06 -24.74 12.39
CA SER B 89 -42.71 -25.85 11.74
C SER B 89 -43.15 -25.41 10.35
N PRO B 90 -43.13 -26.33 9.38
CA PRO B 90 -43.67 -26.07 8.04
C PRO B 90 -45.09 -25.48 8.05
N GLU B 91 -45.87 -25.83 9.07
CA GLU B 91 -47.23 -25.35 9.24
C GLU B 91 -47.21 -23.88 9.60
N ALA B 92 -46.28 -23.50 10.48
CA ALA B 92 -46.13 -22.12 10.92
C ALA B 92 -45.46 -21.23 9.85
N LYS B 93 -44.49 -21.80 9.13
CA LYS B 93 -43.84 -21.07 8.05
C LYS B 93 -44.90 -20.56 7.07
N ASN B 94 -45.75 -21.45 6.57
CA ASN B 94 -46.81 -21.06 5.63
C ASN B 94 -47.78 -20.05 6.26
N GLN B 95 -48.06 -20.21 7.55
CA GLN B 95 -48.97 -19.32 8.26
C GLN B 95 -48.39 -17.91 8.36
N ILE B 96 -47.10 -17.84 8.70
CA ILE B 96 -46.39 -16.56 8.78
C ILE B 96 -46.29 -15.90 7.43
N LYS B 97 -45.85 -16.65 6.43
CA LYS B 97 -45.67 -16.15 5.07
C LYS B 97 -46.97 -15.59 4.51
N THR B 98 -48.04 -16.36 4.69
CA THR B 98 -49.37 -16.00 4.21
C THR B 98 -49.84 -14.71 4.85
N ASN B 99 -49.54 -14.56 6.15
CA ASN B 99 -49.89 -13.33 6.86
C ASN B 99 -49.10 -12.12 6.34
N ALA B 100 -47.81 -12.36 6.07
CA ALA B 100 -46.92 -11.32 5.56
C ALA B 100 -47.41 -10.81 4.20
N LEU B 101 -47.80 -11.73 3.33
CA LEU B 101 -48.29 -11.39 1.99
C LEU B 101 -49.59 -10.64 2.07
N THR B 102 -50.46 -11.03 2.99
CA THR B 102 -51.69 -10.31 3.24
C THR B 102 -51.36 -8.89 3.71
N ALA B 103 -50.52 -8.79 4.75
CA ALA B 103 -50.09 -7.51 5.29
C ALA B 103 -49.47 -6.62 4.20
N LEU B 104 -48.72 -7.25 3.30
CA LEU B 104 -48.10 -6.57 2.18
C LEU B 104 -49.09 -5.83 1.30
N VAL B 105 -50.31 -6.34 1.20
CA VAL B 105 -51.35 -5.72 0.37
C VAL B 105 -52.34 -4.88 1.17
N SER B 106 -52.04 -4.66 2.45
CA SER B 106 -52.87 -3.80 3.28
C SER B 106 -53.10 -2.47 2.59
N ILE B 107 -54.25 -1.87 2.83
CA ILE B 107 -54.56 -0.53 2.32
C ILE B 107 -53.81 0.53 3.13
N GLU B 108 -53.34 0.14 4.31
CA GLU B 108 -52.51 1.01 5.15
C GLU B 108 -51.04 0.82 4.76
N PRO B 109 -50.44 1.83 4.09
CA PRO B 109 -49.09 1.68 3.51
C PRO B 109 -47.96 1.40 4.48
N ARG B 110 -48.03 1.95 5.70
CA ARG B 110 -46.93 1.74 6.66
C ARG B 110 -46.92 0.30 7.18
N ILE B 111 -48.06 -0.38 7.10
CA ILE B 111 -48.12 -1.80 7.43
C ILE B 111 -47.51 -2.62 6.30
N ALA B 112 -47.82 -2.24 5.07
CA ALA B 112 -47.30 -2.95 3.90
C ALA B 112 -45.79 -2.79 3.80
N ASN B 113 -45.31 -1.59 4.12
CA ASN B 113 -43.88 -1.32 4.18
C ASN B 113 -43.17 -2.27 5.13
N ALA B 114 -43.72 -2.41 6.33
CA ALA B 114 -43.11 -3.29 7.33
C ALA B 114 -43.20 -4.75 6.87
N ALA B 115 -44.34 -5.09 6.28
CA ALA B 115 -44.53 -6.42 5.71
C ALA B 115 -43.55 -6.67 4.58
N ALA B 116 -43.30 -5.65 3.77
CA ALA B 116 -42.25 -5.73 2.74
C ALA B 116 -40.89 -6.08 3.33
N GLN B 117 -40.55 -5.47 4.47
CA GLN B 117 -39.28 -5.70 5.15
C GLN B 117 -39.18 -7.12 5.68
N LEU B 118 -40.26 -7.62 6.27
CA LEU B 118 -40.32 -8.98 6.81
C LEU B 118 -40.26 -10.03 5.69
N ILE B 119 -40.99 -9.80 4.60
CA ILE B 119 -40.92 -10.69 3.43
C ILE B 119 -39.50 -10.82 2.88
N ALA B 120 -38.82 -9.69 2.76
CA ALA B 120 -37.43 -9.66 2.28
C ALA B 120 -36.54 -10.47 3.20
N ALA B 121 -36.71 -10.28 4.51
CA ALA B 121 -35.96 -11.01 5.51
C ALA B 121 -36.17 -12.51 5.38
N ILE B 122 -37.41 -12.95 5.23
CA ILE B 122 -37.66 -14.39 5.07
C ILE B 122 -37.06 -14.90 3.74
N ALA B 123 -37.13 -14.08 2.69
CA ALA B 123 -36.57 -14.45 1.39
C ALA B 123 -35.06 -14.60 1.43
N ASP B 124 -34.38 -13.81 2.26
CA ASP B 124 -32.93 -13.91 2.41
C ASP B 124 -32.54 -15.30 2.89
N ILE B 125 -33.35 -15.81 3.83
CA ILE B 125 -33.09 -17.09 4.47
C ILE B 125 -33.43 -18.27 3.56
N GLU B 126 -34.58 -18.19 2.90
CA GLU B 126 -35.17 -19.34 2.19
C GLU B 126 -34.78 -19.48 0.70
N LEU B 127 -34.64 -18.37 -0.01
CA LEU B 127 -34.38 -18.42 -1.45
C LEU B 127 -33.04 -19.07 -1.81
N PRO B 128 -31.99 -18.81 -1.03
CA PRO B 128 -30.73 -19.50 -1.32
C PRO B 128 -30.82 -21.02 -1.23
N HIS B 129 -31.71 -21.55 -0.40
CA HIS B 129 -31.93 -22.99 -0.31
C HIS B 129 -33.13 -23.44 -1.18
N GLY B 130 -33.47 -22.65 -2.20
CA GLY B 130 -34.55 -22.98 -3.13
C GLY B 130 -35.93 -23.15 -2.52
N ALA B 131 -36.13 -22.65 -1.30
CA ALA B 131 -37.44 -22.66 -0.65
C ALA B 131 -38.24 -21.40 -1.05
N TRP B 132 -39.47 -21.28 -0.54
CA TRP B 132 -40.40 -20.23 -0.98
C TRP B 132 -40.28 -19.96 -2.49
N PRO B 133 -40.50 -21.01 -3.32
CA PRO B 133 -40.43 -20.87 -4.77
C PRO B 133 -41.66 -20.15 -5.35
N GLU B 134 -42.72 -20.04 -4.57
CA GLU B 134 -43.95 -19.37 -5.00
C GLU B 134 -43.78 -17.85 -5.08
N LEU B 135 -42.82 -17.33 -4.29
CA LEU B 135 -42.66 -15.89 -4.06
C LEU B 135 -42.47 -15.04 -5.33
N MET B 136 -41.51 -15.40 -6.18
CA MET B 136 -41.21 -14.59 -7.37
C MET B 136 -42.44 -14.35 -8.24
N LYS B 137 -43.18 -15.44 -8.50
CA LYS B 137 -44.39 -15.35 -9.29
C LYS B 137 -45.39 -14.38 -8.62
N ILE B 138 -45.54 -14.49 -7.30
CA ILE B 138 -46.44 -13.59 -6.55
C ILE B 138 -45.97 -12.15 -6.74
N MET B 139 -44.67 -11.94 -6.50
CA MET B 139 -44.09 -10.61 -6.50
C MET B 139 -44.22 -9.92 -7.86
N VAL B 140 -43.86 -10.66 -8.91
CA VAL B 140 -43.96 -10.17 -10.29
C VAL B 140 -45.43 -9.96 -10.70
N ASP B 141 -46.32 -10.87 -10.32
CA ASP B 141 -47.73 -10.75 -10.65
C ASP B 141 -48.41 -9.59 -9.96
N ASN B 142 -48.00 -9.27 -8.74
CA ASN B 142 -48.51 -8.08 -8.04
C ASN B 142 -48.10 -6.78 -8.75
N THR B 143 -47.06 -6.86 -9.57
CA THR B 143 -46.57 -5.71 -10.33
C THR B 143 -47.37 -5.47 -11.62
N GLY B 144 -48.27 -6.40 -11.95
CA GLY B 144 -49.13 -6.26 -13.12
C GLY B 144 -49.84 -4.93 -13.16
N ALA B 145 -50.11 -4.43 -14.37
CA ALA B 145 -50.68 -3.09 -14.54
C ALA B 145 -52.10 -2.99 -14.00
N GLU B 146 -52.88 -4.05 -14.22
CA GLU B 146 -54.26 -4.12 -13.73
C GLU B 146 -54.38 -4.20 -12.20
N GLN B 147 -53.28 -4.48 -11.50
CA GLN B 147 -53.30 -4.57 -10.04
C GLN B 147 -53.52 -3.18 -9.44
N PRO B 148 -54.16 -3.12 -8.27
CA PRO B 148 -54.44 -1.81 -7.66
C PRO B 148 -53.17 -1.12 -7.15
N GLU B 149 -53.21 0.21 -7.06
CA GLU B 149 -52.02 1.03 -6.77
C GLU B 149 -51.18 0.50 -5.61
N ASN B 150 -51.84 0.20 -4.50
CA ASN B 150 -51.14 -0.23 -3.27
C ASN B 150 -50.42 -1.57 -3.43
N VAL B 151 -51.09 -2.52 -4.09
CA VAL B 151 -50.53 -3.85 -4.33
C VAL B 151 -49.25 -3.78 -5.18
N LYS B 152 -49.25 -2.88 -6.17
CA LYS B 152 -48.06 -2.70 -7.00
C LYS B 152 -46.94 -2.04 -6.20
N ARG B 153 -47.30 -1.05 -5.39
CA ARG B 153 -46.32 -0.21 -4.69
C ARG B 153 -45.46 -1.01 -3.72
N ALA B 154 -46.12 -1.61 -2.75
CA ALA B 154 -45.46 -2.37 -1.70
C ALA B 154 -44.71 -3.58 -2.24
N SER B 155 -45.19 -4.12 -3.37
CA SER B 155 -44.56 -5.28 -3.97
C SER B 155 -43.24 -4.88 -4.65
N LEU B 156 -43.26 -3.78 -5.40
CA LEU B 156 -42.02 -3.21 -5.95
C LEU B 156 -41.03 -2.90 -4.82
N LEU B 157 -41.57 -2.32 -3.75
CA LEU B 157 -40.77 -2.03 -2.57
C LEU B 157 -40.12 -3.32 -2.07
N ALA B 158 -40.94 -4.34 -1.84
CA ALA B 158 -40.47 -5.65 -1.38
C ALA B 158 -39.41 -6.23 -2.30
N LEU B 159 -39.63 -6.15 -3.62
CA LEU B 159 -38.61 -6.54 -4.60
C LEU B 159 -37.31 -5.78 -4.40
N GLY B 160 -37.40 -4.48 -4.16
CA GLY B 160 -36.22 -3.67 -3.89
C GLY B 160 -35.45 -4.24 -2.72
N TYR B 161 -36.08 -4.23 -1.56
CA TYR B 161 -35.46 -4.76 -0.35
C TYR B 161 -34.89 -6.17 -0.58
N MET B 162 -35.66 -7.00 -1.26
CA MET B 162 -35.27 -8.38 -1.53
C MET B 162 -33.93 -8.47 -2.25
N CYS B 163 -33.82 -7.75 -3.35
CA CYS B 163 -32.57 -7.76 -4.13
C CYS B 163 -31.40 -7.16 -3.38
N GLU B 164 -31.66 -6.06 -2.68
CA GLU B 164 -30.62 -5.31 -2.00
C GLU B 164 -29.87 -6.13 -0.96
N SER B 165 -30.56 -7.03 -0.28
CA SER B 165 -29.93 -7.87 0.74
C SER B 165 -29.56 -9.25 0.20
N ALA B 166 -29.93 -9.54 -1.05
CA ALA B 166 -29.75 -10.87 -1.64
C ALA B 166 -28.32 -11.42 -1.61
N ASP B 167 -28.20 -12.74 -1.63
CA ASP B 167 -26.91 -13.44 -1.48
C ASP B 167 -26.42 -14.01 -2.81
N ALA B 172 -33.17 -18.97 -7.93
CA ALA B 172 -34.44 -18.41 -8.40
C ALA B 172 -34.28 -16.93 -8.64
N LEU B 173 -33.96 -16.21 -7.57
CA LEU B 173 -33.65 -14.79 -7.62
C LEU B 173 -32.83 -14.42 -8.85
N VAL B 174 -31.76 -15.19 -9.11
CA VAL B 174 -30.87 -14.94 -10.25
C VAL B 174 -31.54 -15.24 -11.58
N SER B 175 -32.26 -16.37 -11.67
CA SER B 175 -32.94 -16.77 -12.91
C SER B 175 -34.27 -16.00 -13.08
N SER B 176 -34.67 -15.28 -12.04
CA SER B 176 -35.86 -14.43 -12.08
C SER B 176 -35.46 -12.96 -12.30
N SER B 177 -34.16 -12.68 -12.38
CA SER B 177 -33.66 -11.28 -12.45
C SER B 177 -34.26 -10.43 -13.59
N ASN B 178 -34.39 -11.01 -14.78
CA ASN B 178 -35.03 -10.32 -15.90
C ASN B 178 -36.43 -9.88 -15.52
N ASN B 179 -37.24 -10.86 -15.09
CA ASN B 179 -38.59 -10.59 -14.59
C ASN B 179 -38.63 -9.50 -13.52
N ILE B 180 -37.62 -9.48 -12.63
CA ILE B 180 -37.51 -8.45 -11.60
C ILE B 180 -37.25 -7.09 -12.25
N LEU B 181 -36.17 -7.03 -13.03
CA LEU B 181 -35.78 -5.81 -13.69
C LEU B 181 -36.94 -5.25 -14.50
N ILE B 182 -37.55 -6.08 -15.33
CA ILE B 182 -38.70 -5.63 -16.13
C ILE B 182 -39.79 -5.11 -15.20
N ALA B 183 -40.23 -5.94 -14.25
CA ALA B 183 -41.25 -5.53 -13.26
C ALA B 183 -40.95 -4.21 -12.57
N ILE B 184 -39.69 -4.00 -12.21
CA ILE B 184 -39.27 -2.75 -11.57
C ILE B 184 -39.37 -1.60 -12.58
N VAL B 185 -38.65 -1.70 -13.68
CA VAL B 185 -38.62 -0.64 -14.67
C VAL B 185 -40.01 -0.36 -15.25
N GLN B 186 -40.82 -1.42 -15.47
CA GLN B 186 -42.22 -1.25 -15.91
C GLN B 186 -42.95 -0.28 -15.02
N GLY B 187 -42.87 -0.51 -13.71
CA GLY B 187 -43.59 0.29 -12.73
C GLY B 187 -43.21 1.76 -12.71
N ALA B 188 -42.08 2.09 -13.34
CA ALA B 188 -41.58 3.48 -13.44
C ALA B 188 -41.94 4.13 -14.78
N GLN B 189 -41.92 3.37 -15.87
CA GLN B 189 -42.35 3.90 -17.18
C GLN B 189 -43.84 4.10 -17.14
N SER B 190 -44.40 4.59 -18.24
CA SER B 190 -45.80 5.03 -18.30
C SER B 190 -46.05 6.19 -17.35
N THR B 191 -46.33 7.35 -17.94
CA THR B 191 -46.58 8.55 -17.16
C THR B 191 -47.79 8.35 -16.26
N GLU B 192 -48.72 7.51 -16.69
CA GLU B 192 -50.02 7.39 -16.04
C GLU B 192 -50.16 6.25 -15.01
N THR B 193 -49.06 5.87 -14.37
CA THR B 193 -49.16 5.11 -13.14
C THR B 193 -49.24 6.14 -12.02
N SER B 194 -49.65 5.69 -10.84
CA SER B 194 -49.65 6.50 -9.63
C SER B 194 -48.26 7.04 -9.33
N LYS B 195 -48.20 8.25 -8.80
CA LYS B 195 -46.94 8.87 -8.37
C LYS B 195 -46.22 7.95 -7.38
N ALA B 196 -46.96 7.42 -6.42
CA ALA B 196 -46.37 6.60 -5.36
C ALA B 196 -45.75 5.31 -5.93
N VAL B 197 -46.41 4.73 -6.94
CA VAL B 197 -45.93 3.49 -7.53
C VAL B 197 -44.68 3.76 -8.35
N ARG B 198 -44.73 4.84 -9.11
CA ARG B 198 -43.61 5.29 -9.94
C ARG B 198 -42.41 5.60 -9.05
N LEU B 199 -42.66 6.26 -7.94
CA LEU B 199 -41.63 6.54 -6.95
C LEU B 199 -41.06 5.24 -6.39
N ALA B 200 -41.95 4.36 -5.93
CA ALA B 200 -41.57 3.07 -5.35
C ALA B 200 -40.69 2.25 -6.30
N ALA B 201 -40.93 2.40 -7.60
CA ALA B 201 -40.19 1.64 -8.63
C ALA B 201 -38.79 2.18 -8.80
N LEU B 202 -38.68 3.51 -8.87
CA LEU B 202 -37.39 4.14 -9.06
C LEU B 202 -36.50 3.84 -7.86
N ASN B 203 -37.07 3.91 -6.67
CA ASN B 203 -36.32 3.57 -5.46
C ASN B 203 -35.96 2.07 -5.38
N ALA B 204 -36.84 1.21 -5.89
CA ALA B 204 -36.56 -0.22 -5.91
C ALA B 204 -35.43 -0.51 -6.89
N LEU B 205 -35.43 0.20 -8.01
CA LEU B 205 -34.32 0.09 -8.96
C LEU B 205 -33.00 0.51 -8.30
N ALA B 206 -33.02 1.62 -7.57
CA ALA B 206 -31.84 2.08 -6.87
C ALA B 206 -31.28 0.97 -5.96
N ASP B 207 -32.11 0.48 -5.04
CA ASP B 207 -31.69 -0.58 -4.09
C ASP B 207 -31.17 -1.84 -4.78
N SER B 208 -31.58 -2.05 -6.02
CA SER B 208 -31.26 -3.25 -6.77
C SER B 208 -30.10 -3.10 -7.75
N LEU B 209 -29.54 -1.90 -7.87
CA LEU B 209 -28.56 -1.66 -8.94
C LEU B 209 -27.36 -2.59 -8.95
N ILE B 210 -26.87 -2.97 -7.77
CA ILE B 210 -25.69 -3.83 -7.67
C ILE B 210 -26.03 -5.27 -8.01
N PHE B 211 -27.29 -5.63 -7.85
CA PHE B 211 -27.69 -7.02 -7.89
C PHE B 211 -28.20 -7.39 -9.28
N ILE B 212 -28.44 -6.37 -10.09
CA ILE B 212 -28.75 -6.56 -11.51
C ILE B 212 -27.54 -6.34 -12.44
N LYS B 213 -26.31 -6.39 -11.90
CA LYS B 213 -25.11 -6.17 -12.73
C LYS B 213 -25.17 -6.88 -14.08
N ASN B 214 -25.52 -8.16 -14.07
CA ASN B 214 -25.52 -8.94 -15.32
C ASN B 214 -26.55 -8.44 -16.31
N ASN B 215 -27.62 -7.85 -15.78
CA ASN B 215 -28.64 -7.20 -16.59
C ASN B 215 -28.10 -5.89 -17.14
N MET B 216 -27.47 -5.09 -16.28
CA MET B 216 -26.87 -3.84 -16.70
C MET B 216 -25.78 -4.05 -17.72
N GLU B 217 -25.18 -5.24 -17.75
CA GLU B 217 -24.13 -5.57 -18.73
C GLU B 217 -24.74 -6.34 -19.94
N ARG B 218 -25.83 -5.80 -20.49
CA ARG B 218 -26.46 -6.29 -21.72
C ARG B 218 -27.09 -5.10 -22.41
N GLU B 219 -26.60 -4.76 -23.62
CA GLU B 219 -27.12 -3.62 -24.41
C GLU B 219 -28.67 -3.55 -24.33
N GLY B 220 -29.33 -4.68 -24.55
CA GLY B 220 -30.79 -4.77 -24.54
C GLY B 220 -31.48 -4.31 -23.27
N GLU B 221 -31.21 -5.01 -22.18
CA GLU B 221 -31.77 -4.64 -20.88
C GLU B 221 -31.31 -3.26 -20.42
N ARG B 222 -30.02 -2.99 -20.54
CA ARG B 222 -29.49 -1.69 -20.10
C ARG B 222 -30.16 -0.51 -20.83
N ASN B 223 -30.34 -0.63 -22.14
CA ASN B 223 -30.97 0.42 -22.93
C ASN B 223 -32.40 0.69 -22.49
N TYR B 224 -33.20 -0.37 -22.35
CA TYR B 224 -34.56 -0.23 -21.85
C TYR B 224 -34.58 0.55 -20.54
N LEU B 225 -33.85 0.02 -19.58
CA LEU B 225 -33.73 0.61 -18.25
C LEU B 225 -33.34 2.06 -18.31
N MET B 226 -32.36 2.37 -19.15
CA MET B 226 -31.88 3.73 -19.27
C MET B 226 -32.90 4.67 -19.94
N GLN B 227 -33.70 4.13 -20.85
CA GLN B 227 -34.78 4.90 -21.52
C GLN B 227 -35.79 5.41 -20.48
N VAL B 228 -36.11 4.53 -19.53
CA VAL B 228 -37.15 4.81 -18.56
C VAL B 228 -36.68 5.82 -17.52
N VAL B 229 -35.49 5.59 -16.99
CA VAL B 229 -34.91 6.49 -16.01
C VAL B 229 -34.71 7.90 -16.59
N CYS B 230 -34.30 7.98 -17.86
CA CYS B 230 -34.15 9.27 -18.52
C CYS B 230 -35.48 10.02 -18.69
N GLU B 231 -36.51 9.32 -19.18
CA GLU B 231 -37.87 9.85 -19.24
C GLU B 231 -38.35 10.40 -17.90
N ALA B 232 -38.06 9.68 -16.83
CA ALA B 232 -38.48 10.05 -15.49
C ALA B 232 -37.85 11.34 -15.01
N THR B 233 -36.65 11.67 -15.52
CA THR B 233 -36.02 12.97 -15.23
C THR B 233 -36.88 14.13 -15.72
N GLN B 234 -37.66 13.88 -16.78
CA GLN B 234 -38.55 14.87 -17.36
C GLN B 234 -40.00 14.66 -16.92
N ALA B 235 -40.20 14.13 -15.72
CA ALA B 235 -41.53 14.07 -15.15
C ALA B 235 -41.92 15.49 -14.76
N GLU B 236 -43.23 15.73 -14.65
CA GLU B 236 -43.68 17.02 -14.17
C GLU B 236 -43.66 17.04 -12.63
N ASP B 237 -43.84 15.88 -12.03
CA ASP B 237 -43.79 15.75 -10.59
C ASP B 237 -42.33 15.88 -10.14
N ILE B 238 -42.09 16.70 -9.12
CA ILE B 238 -40.73 17.01 -8.65
C ILE B 238 -40.06 15.82 -7.98
N GLU B 239 -40.81 15.07 -7.18
CA GLU B 239 -40.24 13.96 -6.44
C GLU B 239 -39.83 12.84 -7.39
N VAL B 240 -40.64 12.60 -8.42
CA VAL B 240 -40.33 11.55 -9.38
C VAL B 240 -39.06 11.91 -10.14
N GLN B 241 -38.89 13.19 -10.47
CA GLN B 241 -37.64 13.67 -11.06
C GLN B 241 -36.45 13.39 -10.12
N ALA B 242 -36.64 13.70 -8.84
CA ALA B 242 -35.57 13.53 -7.85
C ALA B 242 -35.19 12.07 -7.71
N ALA B 243 -36.18 11.20 -7.82
CA ALA B 243 -35.94 9.76 -7.79
C ALA B 243 -35.14 9.33 -9.01
N ALA B 244 -35.51 9.87 -10.17
CA ALA B 244 -34.85 9.53 -11.43
C ALA B 244 -33.39 9.95 -11.40
N PHE B 245 -33.12 11.22 -11.10
CA PHE B 245 -31.75 11.70 -10.99
C PHE B 245 -30.99 10.88 -9.96
N GLY B 246 -31.67 10.52 -8.87
CA GLY B 246 -31.13 9.62 -7.86
C GLY B 246 -30.56 8.35 -8.46
N CYS B 247 -31.34 7.70 -9.31
CA CYS B 247 -30.87 6.50 -10.01
C CYS B 247 -29.73 6.79 -10.98
N LEU B 248 -29.84 7.87 -11.75
CA LEU B 248 -28.77 8.28 -12.64
C LEU B 248 -27.44 8.43 -11.92
N CYS B 249 -27.45 9.11 -10.77
CA CYS B 249 -26.24 9.23 -9.97
C CYS B 249 -25.67 7.90 -9.61
N LYS B 250 -26.48 7.04 -9.02
CA LYS B 250 -25.99 5.70 -8.69
C LYS B 250 -25.46 4.97 -9.91
N ILE B 251 -26.21 4.99 -11.02
CA ILE B 251 -25.80 4.34 -12.24
C ILE B 251 -24.46 4.85 -12.75
N MET B 252 -24.25 6.16 -12.63
CA MET B 252 -23.00 6.78 -13.04
C MET B 252 -21.88 6.31 -12.14
N SER B 253 -22.15 6.17 -10.85
CA SER B 253 -21.17 5.67 -9.90
C SER B 253 -20.85 4.22 -10.19
N LYS B 254 -21.89 3.40 -10.29
CA LYS B 254 -21.74 1.96 -10.40
C LYS B 254 -21.25 1.55 -11.78
N TYR B 255 -21.78 2.20 -12.82
CA TYR B 255 -21.60 1.74 -14.19
C TYR B 255 -21.11 2.85 -15.13
N TYR B 256 -20.21 3.69 -14.61
CA TYR B 256 -19.49 4.68 -15.41
C TYR B 256 -19.07 4.09 -16.75
N THR B 257 -18.41 2.95 -16.69
CA THR B 257 -17.94 2.24 -17.89
C THR B 257 -18.89 2.30 -19.10
N PHE B 258 -20.19 2.09 -18.88
CA PHE B 258 -21.18 2.01 -19.99
C PHE B 258 -21.86 3.34 -20.38
N MET B 259 -21.40 4.48 -19.85
CA MET B 259 -22.17 5.73 -19.91
C MET B 259 -21.96 6.63 -21.13
N LYS B 260 -20.85 6.45 -21.85
CA LYS B 260 -20.52 7.36 -22.95
C LYS B 260 -21.65 7.50 -24.00
N PRO B 261 -22.20 6.37 -24.47
CA PRO B 261 -23.26 6.48 -25.49
C PRO B 261 -24.49 7.24 -25.01
N TYR B 262 -24.91 7.01 -23.76
CA TYR B 262 -26.08 7.68 -23.18
C TYR B 262 -25.80 9.16 -22.92
N MET B 263 -24.58 9.46 -22.46
CA MET B 263 -24.17 10.86 -22.39
C MET B 263 -24.28 11.50 -23.78
N GLU B 264 -23.60 10.92 -24.77
CA GLU B 264 -23.54 11.50 -26.12
C GLU B 264 -24.92 11.64 -26.77
N GLN B 265 -25.78 10.65 -26.58
CA GLN B 265 -27.05 10.59 -27.28
C GLN B 265 -28.23 11.28 -26.57
N ALA B 266 -28.11 11.60 -25.28
CA ALA B 266 -29.26 12.14 -24.57
C ALA B 266 -28.91 12.89 -23.28
N LEU B 267 -28.29 12.21 -22.33
CA LEU B 267 -28.10 12.77 -21.00
C LEU B 267 -27.34 14.09 -21.03
N TYR B 268 -26.30 14.16 -21.86
CA TYR B 268 -25.55 15.39 -22.03
C TYR B 268 -26.49 16.56 -22.27
N ALA B 269 -27.39 16.42 -23.24
CA ALA B 269 -28.32 17.48 -23.60
C ALA B 269 -29.45 17.70 -22.58
N LEU B 270 -29.94 16.64 -21.94
CA LEU B 270 -31.03 16.76 -20.95
C LEU B 270 -30.61 17.48 -19.68
N THR B 271 -29.36 17.27 -19.28
CA THR B 271 -28.83 17.79 -18.02
C THR B 271 -28.36 19.24 -18.13
N ILE B 272 -27.92 19.65 -19.32
CA ILE B 272 -27.66 21.07 -19.60
C ILE B 272 -28.98 21.88 -19.48
N ALA B 273 -30.04 21.36 -20.09
CA ALA B 273 -31.37 21.99 -20.04
C ALA B 273 -31.87 22.15 -18.62
N THR B 274 -31.88 21.06 -17.86
CA THR B 274 -32.43 21.09 -16.50
C THR B 274 -31.53 21.89 -15.54
N MET B 275 -30.25 22.04 -15.86
CA MET B 275 -29.37 22.86 -15.05
C MET B 275 -29.77 24.33 -15.13
N LYS B 276 -30.42 24.69 -16.23
CA LYS B 276 -30.94 26.06 -16.41
C LYS B 276 -32.26 26.28 -15.67
N SER B 277 -33.05 25.23 -15.47
CA SER B 277 -34.40 25.34 -14.88
C SER B 277 -34.53 26.44 -13.82
N PRO B 278 -35.61 27.23 -13.89
CA PRO B 278 -35.81 28.26 -12.87
C PRO B 278 -36.18 27.68 -11.49
N ASN B 279 -36.60 26.41 -11.44
CA ASN B 279 -36.79 25.72 -10.16
C ASN B 279 -35.46 25.25 -9.56
N ASP B 280 -35.22 25.65 -8.31
CA ASP B 280 -33.97 25.35 -7.61
C ASP B 280 -33.79 23.86 -7.31
N LYS B 281 -34.87 23.18 -6.93
CA LYS B 281 -34.83 21.74 -6.68
C LYS B 281 -34.39 20.96 -7.92
N VAL B 282 -34.87 21.39 -9.09
CA VAL B 282 -34.54 20.73 -10.34
C VAL B 282 -33.08 20.94 -10.70
N ALA B 283 -32.64 22.20 -10.69
CA ALA B 283 -31.24 22.51 -10.98
C ALA B 283 -30.32 21.81 -9.99
N SER B 284 -30.72 21.74 -8.73
CA SER B 284 -29.95 20.99 -7.72
C SER B 284 -29.72 19.55 -8.13
N MET B 285 -30.81 18.82 -8.39
CA MET B 285 -30.76 17.43 -8.86
C MET B 285 -29.70 17.19 -9.91
N THR B 286 -29.67 18.04 -10.93
CA THR B 286 -28.77 17.89 -12.06
C THR B 286 -27.31 18.33 -11.74
N VAL B 287 -27.14 19.29 -10.83
CA VAL B 287 -25.80 19.66 -10.36
C VAL B 287 -25.14 18.48 -9.65
N GLU B 288 -25.91 17.77 -8.84
CA GLU B 288 -25.44 16.57 -8.15
C GLU B 288 -24.97 15.52 -9.15
N PHE B 289 -25.78 15.30 -10.19
CA PHE B 289 -25.38 14.36 -11.25
C PHE B 289 -23.99 14.68 -11.74
N TRP B 290 -23.71 15.96 -11.99
CA TRP B 290 -22.39 16.38 -12.52
C TRP B 290 -21.28 16.34 -11.47
N SER B 291 -21.65 16.47 -10.20
CA SER B 291 -20.68 16.28 -9.12
C SER B 291 -20.30 14.81 -9.04
N THR B 292 -21.30 13.94 -9.08
CA THR B 292 -21.03 12.51 -9.14
C THR B 292 -20.05 12.23 -10.30
N ILE B 293 -20.37 12.71 -11.49
CA ILE B 293 -19.50 12.54 -12.65
C ILE B 293 -18.05 12.95 -12.34
N CYS B 294 -17.86 14.14 -11.76
CA CYS B 294 -16.53 14.61 -11.38
C CYS B 294 -15.88 13.72 -10.35
N GLU B 295 -16.65 13.30 -9.35
CA GLU B 295 -16.10 12.42 -8.29
C GLU B 295 -15.57 11.13 -8.86
N GLU B 296 -16.32 10.49 -9.74
CA GLU B 296 -15.89 9.19 -10.25
C GLU B 296 -14.73 9.36 -11.24
N GLU B 297 -14.66 10.51 -11.92
CA GLU B 297 -13.52 10.80 -12.80
C GLU B 297 -12.25 11.14 -12.00
N ILE B 298 -12.42 11.82 -10.87
CA ILE B 298 -11.29 12.08 -9.96
C ILE B 298 -10.72 10.80 -9.33
N ASP B 299 -11.59 9.91 -8.88
CA ASP B 299 -11.17 8.62 -8.32
C ASP B 299 -10.48 7.75 -9.37
N ILE B 300 -10.91 7.89 -10.63
CA ILE B 300 -10.28 7.19 -11.74
C ILE B 300 -8.83 7.67 -11.91
N ALA B 301 -8.63 8.98 -11.77
CA ALA B 301 -7.29 9.56 -11.87
C ALA B 301 -6.35 8.99 -10.83
N TYR B 302 -6.84 8.84 -9.60
CA TYR B 302 -6.07 8.19 -8.54
C TYR B 302 -5.78 6.75 -8.90
N GLU B 303 -6.77 6.08 -9.47
CA GLU B 303 -6.67 4.65 -9.77
C GLU B 303 -5.65 4.38 -10.89
N LEU B 304 -5.61 5.24 -11.90
CA LEU B 304 -4.61 5.11 -12.97
C LEU B 304 -3.21 5.43 -12.45
N ALA B 305 -3.12 6.38 -11.51
CA ALA B 305 -1.83 6.75 -10.92
C ALA B 305 -1.19 5.58 -10.17
N GLN B 306 -2.00 4.71 -9.58
CA GLN B 306 -1.48 3.59 -8.81
C GLN B 306 -1.58 2.25 -9.55
N PHE B 307 -2.20 2.25 -10.73
CA PHE B 307 -2.32 1.06 -11.58
C PHE B 307 -2.37 1.55 -13.02
N PRO B 308 -1.24 2.02 -13.55
CA PRO B 308 -1.22 2.65 -14.87
C PRO B 308 -1.60 1.70 -16.02
N GLN B 309 -1.59 0.39 -15.77
CA GLN B 309 -2.03 -0.59 -16.77
C GLN B 309 -3.53 -0.86 -16.77
N SER B 310 -4.25 -0.32 -15.80
CA SER B 310 -5.69 -0.57 -15.67
C SER B 310 -6.44 -0.38 -17.00
N PRO B 311 -7.36 -1.30 -17.33
CA PRO B 311 -8.14 -1.18 -18.58
C PRO B 311 -9.28 -0.13 -18.46
N LEU B 312 -9.46 0.43 -17.28
CA LEU B 312 -10.40 1.52 -17.04
C LEU B 312 -9.84 2.84 -17.57
N GLN B 313 -10.70 3.70 -18.09
CA GLN B 313 -10.30 4.97 -18.68
C GLN B 313 -11.39 6.00 -18.49
N SER B 314 -10.99 7.25 -18.21
CA SER B 314 -11.94 8.35 -18.11
C SER B 314 -12.46 8.72 -19.50
N TYR B 315 -13.75 9.01 -19.57
CA TYR B 315 -14.35 9.52 -20.78
C TYR B 315 -14.32 11.05 -20.80
N ASN B 316 -13.83 11.66 -19.72
CA ASN B 316 -13.66 13.11 -19.64
C ASN B 316 -14.96 13.85 -19.87
N PHE B 317 -16.02 13.38 -19.24
CA PHE B 317 -17.33 13.99 -19.41
C PHE B 317 -17.27 15.44 -18.96
N ALA B 318 -16.66 15.68 -17.80
CA ALA B 318 -16.58 17.03 -17.26
C ALA B 318 -15.81 17.91 -18.23
N LEU B 319 -14.58 17.50 -18.51
CA LEU B 319 -13.69 18.24 -19.40
C LEU B 319 -14.40 18.61 -20.69
N SER B 320 -15.03 17.61 -21.33
CA SER B 320 -15.77 17.83 -22.58
C SER B 320 -16.96 18.77 -22.45
N SER B 321 -17.43 19.02 -21.23
CA SER B 321 -18.65 19.79 -21.03
C SER B 321 -18.42 21.17 -20.44
N ILE B 322 -17.17 21.55 -20.26
CA ILE B 322 -16.86 22.78 -19.51
C ILE B 322 -17.49 23.99 -20.20
N LYS B 323 -17.57 23.96 -21.53
CA LYS B 323 -18.06 25.09 -22.30
C LYS B 323 -19.55 25.33 -22.03
N ASP B 324 -20.29 24.25 -21.85
CA ASP B 324 -21.71 24.31 -21.52
C ASP B 324 -21.94 24.44 -20.02
N VAL B 325 -21.38 23.51 -19.25
CA VAL B 325 -21.76 23.31 -17.84
C VAL B 325 -21.23 24.38 -16.88
N VAL B 326 -19.96 24.73 -16.98
CA VAL B 326 -19.37 25.63 -15.98
C VAL B 326 -20.04 27.01 -15.95
N PRO B 327 -20.27 27.63 -17.11
CA PRO B 327 -21.05 28.89 -17.10
C PRO B 327 -22.42 28.78 -16.41
N ASN B 328 -23.12 27.67 -16.61
CA ASN B 328 -24.43 27.44 -15.97
C ASN B 328 -24.33 27.21 -14.47
N LEU B 329 -23.20 26.64 -14.04
CA LEU B 329 -22.91 26.49 -12.61
C LEU B 329 -22.62 27.83 -11.98
N LEU B 330 -21.82 28.65 -12.67
CA LEU B 330 -21.49 29.99 -12.18
C LEU B 330 -22.76 30.82 -12.07
N ASN B 331 -23.69 30.59 -12.98
CA ASN B 331 -24.97 31.27 -12.93
C ASN B 331 -25.78 30.86 -11.69
N LEU B 332 -25.68 29.59 -11.30
CA LEU B 332 -26.40 29.11 -10.11
C LEU B 332 -25.82 29.64 -8.80
N LEU B 333 -24.56 30.09 -8.83
CA LEU B 333 -23.94 30.71 -7.65
C LEU B 333 -24.61 32.03 -7.22
N THR B 334 -25.35 32.65 -8.13
CA THR B 334 -26.11 33.87 -7.80
C THR B 334 -27.55 33.57 -7.33
N ARG B 335 -27.80 32.35 -6.87
CA ARG B 335 -29.11 31.98 -6.29
C ARG B 335 -29.03 31.79 -4.78
N GLN B 336 -28.21 32.59 -4.11
CA GLN B 336 -28.06 32.49 -2.66
C GLN B 336 -29.37 32.84 -1.95
N ASN B 337 -29.41 32.65 -0.64
CA ASN B 337 -30.55 33.06 0.18
C ASN B 337 -30.43 34.57 0.44
N GLU B 338 -31.52 35.33 0.21
CA GLU B 338 -31.53 36.77 0.55
C GLU B 338 -31.16 36.98 2.01
N ASP B 339 -31.84 36.25 2.89
CA ASP B 339 -31.62 36.32 4.34
C ASP B 339 -30.16 35.94 4.65
N PRO B 340 -29.33 36.95 5.04
CA PRO B 340 -27.90 36.71 5.27
C PRO B 340 -27.58 35.63 6.29
N GLU B 341 -28.52 35.36 7.19
CA GLU B 341 -28.34 34.32 8.19
C GLU B 341 -29.36 33.18 8.07
N ASP B 342 -29.63 32.74 6.84
CA ASP B 342 -30.45 31.55 6.60
C ASP B 342 -29.65 30.27 6.93
N ASP B 343 -28.57 30.03 6.19
CA ASP B 343 -27.73 28.81 6.34
C ASP B 343 -28.36 27.52 5.78
N ASP B 344 -29.58 27.61 5.25
CA ASP B 344 -30.21 26.44 4.65
C ASP B 344 -29.50 26.12 3.34
N TRP B 345 -29.10 24.86 3.20
CA TRP B 345 -28.46 24.38 1.98
C TRP B 345 -29.36 24.57 0.77
N ASN B 346 -28.80 25.15 -0.28
CA ASN B 346 -29.54 25.49 -1.49
C ASN B 346 -28.71 25.21 -2.73
N VAL B 347 -29.32 25.41 -3.90
CA VAL B 347 -28.67 25.15 -5.18
C VAL B 347 -27.35 25.91 -5.41
N SER B 348 -27.21 27.12 -4.89
CA SER B 348 -25.95 27.85 -5.04
C SER B 348 -24.82 27.13 -4.29
N MET B 349 -25.11 26.60 -3.11
CA MET B 349 -24.09 25.90 -2.34
C MET B 349 -23.72 24.61 -3.04
N SER B 350 -24.73 23.92 -3.57
CA SER B 350 -24.54 22.73 -4.41
C SER B 350 -23.64 23.02 -5.62
N ALA B 351 -23.87 24.18 -6.24
CA ALA B 351 -23.09 24.63 -7.41
C ALA B 351 -21.64 24.86 -7.05
N GLY B 352 -21.39 25.50 -5.91
CA GLY B 352 -20.03 25.72 -5.40
C GLY B 352 -19.27 24.42 -5.19
N ALA B 353 -19.90 23.47 -4.50
CA ALA B 353 -19.31 22.15 -4.31
C ALA B 353 -18.93 21.50 -5.63
N CYS B 354 -19.82 21.67 -6.62
CA CYS B 354 -19.65 21.05 -7.94
C CYS B 354 -18.53 21.71 -8.72
N LEU B 355 -18.39 23.02 -8.54
CA LEU B 355 -17.33 23.77 -9.19
C LEU B 355 -15.96 23.37 -8.61
N GLN B 356 -15.89 23.17 -7.31
CA GLN B 356 -14.64 22.71 -6.70
C GLN B 356 -14.26 21.36 -7.28
N LEU B 357 -15.24 20.47 -7.41
CA LEU B 357 -14.99 19.18 -8.05
C LEU B 357 -14.56 19.33 -9.52
N PHE B 358 -15.19 20.25 -10.24
CA PHE B 358 -14.77 20.56 -11.60
C PHE B 358 -13.33 21.06 -11.67
N ALA B 359 -12.93 21.90 -10.72
CA ALA B 359 -11.55 22.38 -10.63
C ALA B 359 -10.61 21.20 -10.39
N GLN B 360 -10.89 20.45 -9.34
CA GLN B 360 -10.07 19.31 -8.97
C GLN B 360 -9.98 18.25 -10.06
N ASN B 361 -10.97 18.20 -10.95
CA ASN B 361 -11.03 17.19 -12.01
C ASN B 361 -10.47 17.67 -13.35
N CYS B 362 -10.69 18.93 -13.67
CA CYS B 362 -10.26 19.47 -14.96
C CYS B 362 -9.02 20.37 -14.84
N GLY B 363 -8.60 20.66 -13.60
CA GLY B 363 -7.44 21.51 -13.36
C GLY B 363 -7.47 22.82 -14.14
N ASN B 364 -6.35 23.12 -14.81
CA ASN B 364 -6.16 24.37 -15.54
C ASN B 364 -7.29 24.73 -16.50
N HIS B 365 -7.93 23.73 -17.09
CA HIS B 365 -9.00 23.96 -18.06
C HIS B 365 -10.18 24.73 -17.48
N ILE B 366 -10.29 24.73 -16.17
CA ILE B 366 -11.34 25.47 -15.48
C ILE B 366 -11.11 27.00 -15.52
N LEU B 367 -9.86 27.44 -15.73
CA LEU B 367 -9.46 28.83 -15.49
C LEU B 367 -10.16 29.86 -16.38
N GLU B 368 -10.17 29.63 -17.69
CA GLU B 368 -10.74 30.62 -18.62
C GLU B 368 -12.18 31.01 -18.29
N PRO B 369 -13.10 30.03 -18.25
CA PRO B 369 -14.50 30.40 -17.98
C PRO B 369 -14.73 31.05 -16.61
N VAL B 370 -13.94 30.65 -15.61
CA VAL B 370 -14.11 31.15 -14.25
C VAL B 370 -13.56 32.56 -14.11
N LEU B 371 -12.39 32.81 -14.71
CA LEU B 371 -11.77 34.14 -14.64
C LEU B 371 -12.55 35.17 -15.45
N GLU B 372 -13.11 34.74 -16.58
CA GLU B 372 -14.01 35.58 -17.37
C GLU B 372 -15.19 36.01 -16.49
N PHE B 373 -15.77 35.06 -15.75
CA PHE B 373 -16.90 35.35 -14.86
C PHE B 373 -16.51 36.24 -13.69
N VAL B 374 -15.42 35.89 -13.01
CA VAL B 374 -14.97 36.62 -11.82
C VAL B 374 -14.74 38.07 -12.15
N GLU B 375 -13.87 38.32 -13.13
CA GLU B 375 -13.54 39.68 -13.55
C GLU B 375 -14.78 40.50 -13.89
N GLN B 376 -15.77 39.84 -14.44
CA GLN B 376 -16.98 40.50 -14.94
C GLN B 376 -18.07 40.71 -13.88
N ASN B 377 -17.96 40.05 -12.74
CA ASN B 377 -18.94 40.20 -11.63
C ASN B 377 -18.37 40.74 -10.33
N ILE B 378 -17.05 40.78 -10.23
CA ILE B 378 -16.35 41.14 -8.99
C ILE B 378 -16.70 42.58 -8.53
N THR B 379 -17.06 43.44 -9.48
CA THR B 379 -17.50 44.81 -9.16
C THR B 379 -18.78 45.15 -9.91
N ALA B 380 -19.80 44.30 -9.77
CA ALA B 380 -21.11 44.50 -10.43
C ALA B 380 -22.13 45.11 -9.47
N ASP B 381 -23.22 45.66 -10.00
CA ASP B 381 -24.25 46.34 -9.20
C ASP B 381 -24.73 45.48 -8.04
N ASN B 382 -25.04 44.22 -8.38
CA ASN B 382 -25.70 43.28 -7.49
C ASN B 382 -24.71 42.60 -6.56
N TRP B 383 -25.04 42.49 -5.27
CA TRP B 383 -24.21 41.76 -4.30
C TRP B 383 -24.12 40.27 -4.64
N ARG B 384 -25.22 39.70 -5.13
CA ARG B 384 -25.27 38.29 -5.52
C ARG B 384 -24.16 37.99 -6.51
N ASN B 385 -23.97 38.90 -7.47
CA ASN B 385 -22.92 38.75 -8.47
C ASN B 385 -21.53 38.92 -7.84
N ARG B 386 -21.37 39.92 -6.96
CA ARG B 386 -20.10 40.15 -6.28
C ARG B 386 -19.69 38.94 -5.44
N GLU B 387 -20.65 38.40 -4.69
CA GLU B 387 -20.43 37.24 -3.85
C GLU B 387 -20.15 35.98 -4.66
N ALA B 388 -20.90 35.78 -5.74
CA ALA B 388 -20.69 34.61 -6.59
C ALA B 388 -19.29 34.62 -7.17
N ALA B 389 -18.77 35.82 -7.44
CA ALA B 389 -17.44 35.98 -8.01
C ALA B 389 -16.35 35.52 -7.05
N VAL B 390 -16.41 35.99 -5.80
CA VAL B 390 -15.42 35.59 -4.80
C VAL B 390 -15.60 34.13 -4.41
N MET B 391 -16.84 33.66 -4.41
CA MET B 391 -17.12 32.24 -4.26
C MET B 391 -16.41 31.47 -5.37
N ALA B 392 -16.67 31.85 -6.60
CA ALA B 392 -16.09 31.17 -7.75
C ALA B 392 -14.56 31.08 -7.65
N PHE B 393 -13.92 32.19 -7.29
CA PHE B 393 -12.47 32.25 -7.23
C PHE B 393 -11.89 31.28 -6.22
N GLY B 394 -12.48 31.22 -5.04
CA GLY B 394 -12.01 30.34 -3.98
C GLY B 394 -12.21 28.88 -4.34
N SER B 395 -13.22 28.62 -5.15
CA SER B 395 -13.56 27.25 -5.51
C SER B 395 -12.52 26.66 -6.47
N ILE B 396 -11.77 27.52 -7.13
CA ILE B 396 -10.71 27.04 -8.03
C ILE B 396 -9.30 27.15 -7.44
N MET B 397 -9.18 27.38 -6.15
CA MET B 397 -7.86 27.45 -5.53
C MET B 397 -7.29 26.07 -5.25
N ASP B 398 -8.05 25.02 -5.52
CA ASP B 398 -7.55 23.67 -5.49
C ASP B 398 -7.93 23.01 -6.81
N GLY B 399 -6.92 22.55 -7.55
CA GLY B 399 -7.12 21.86 -8.81
C GLY B 399 -6.15 22.30 -9.89
N PRO B 400 -6.17 23.60 -10.25
CA PRO B 400 -5.17 24.10 -11.18
C PRO B 400 -3.77 24.00 -10.57
N ASP B 401 -2.75 24.06 -11.42
CA ASP B 401 -1.38 23.94 -10.95
C ASP B 401 -0.88 25.23 -10.28
N LYS B 402 0.19 25.09 -9.49
CA LYS B 402 0.70 26.16 -8.62
C LYS B 402 1.00 27.46 -9.38
N VAL B 403 1.55 27.32 -10.58
CA VAL B 403 1.90 28.46 -11.41
C VAL B 403 0.67 29.30 -11.75
N GLN B 404 -0.35 28.63 -12.26
CA GLN B 404 -1.56 29.32 -12.68
C GLN B 404 -2.21 30.02 -11.50
N ARG B 405 -2.37 29.31 -10.39
CA ARG B 405 -3.00 29.87 -9.20
C ARG B 405 -2.23 31.09 -8.71
N THR B 406 -0.91 31.01 -8.67
CA THR B 406 -0.10 32.13 -8.21
C THR B 406 -0.29 33.36 -9.10
N TYR B 407 -0.24 33.13 -10.40
CA TYR B 407 -0.39 34.18 -11.37
C TYR B 407 -1.71 34.93 -11.18
N TYR B 408 -2.82 34.19 -11.12
CA TYR B 408 -4.13 34.82 -11.05
C TYR B 408 -4.51 35.35 -9.67
N VAL B 409 -3.96 34.75 -8.61
CA VAL B 409 -4.09 35.29 -7.26
C VAL B 409 -3.43 36.66 -7.23
N HIS B 410 -2.16 36.69 -7.63
CA HIS B 410 -1.40 37.93 -7.74
C HIS B 410 -2.17 39.02 -8.48
N GLN B 411 -2.92 38.61 -9.50
CA GLN B 411 -3.65 39.53 -10.36
C GLN B 411 -4.96 40.01 -9.74
N ALA B 412 -5.66 39.10 -9.06
CA ALA B 412 -7.03 39.36 -8.58
C ALA B 412 -7.12 39.79 -7.11
N LEU B 413 -6.02 39.67 -6.36
CA LEU B 413 -6.07 39.83 -4.91
C LEU B 413 -6.50 41.22 -4.49
N PRO B 414 -5.93 42.28 -5.09
CA PRO B 414 -6.36 43.64 -4.78
C PRO B 414 -7.88 43.85 -4.84
N SER B 415 -8.53 43.31 -5.87
CA SER B 415 -9.99 43.36 -6.00
C SER B 415 -10.70 42.59 -4.88
N ILE B 416 -10.14 41.42 -4.52
CA ILE B 416 -10.72 40.54 -3.51
C ILE B 416 -10.60 41.19 -2.13
N LEU B 417 -9.38 41.57 -1.77
CA LEU B 417 -9.15 42.28 -0.50
C LEU B 417 -10.06 43.48 -0.37
N ASN B 418 -10.29 44.16 -1.48
CA ASN B 418 -11.13 45.35 -1.49
C ASN B 418 -12.58 45.10 -1.09
N LEU B 419 -13.07 43.87 -1.31
CA LEU B 419 -14.47 43.53 -1.01
C LEU B 419 -14.80 43.43 0.49
N MET B 420 -13.80 43.49 1.36
CA MET B 420 -14.08 43.58 2.80
C MET B 420 -14.84 44.86 3.16
N ASN B 421 -14.81 45.86 2.29
CA ASN B 421 -15.52 47.12 2.53
C ASN B 421 -16.95 47.15 1.96
N ASP B 422 -17.42 46.00 1.48
CA ASP B 422 -18.73 45.89 0.85
C ASP B 422 -19.86 46.12 1.87
N GLN B 423 -21.00 46.62 1.41
CA GLN B 423 -22.16 46.80 2.29
C GLN B 423 -22.85 45.48 2.60
N SER B 424 -22.70 44.50 1.70
CA SER B 424 -23.31 43.19 1.84
C SER B 424 -22.55 42.31 2.81
N LEU B 425 -23.28 41.75 3.78
CA LEU B 425 -22.75 40.81 4.75
C LEU B 425 -22.24 39.52 4.08
N GLN B 426 -23.04 38.99 3.15
CA GLN B 426 -22.69 37.75 2.46
C GLN B 426 -21.38 37.90 1.70
N VAL B 427 -21.23 39.02 1.01
CA VAL B 427 -20.02 39.30 0.22
C VAL B 427 -18.78 39.30 1.10
N LYS B 428 -18.88 39.91 2.27
CA LYS B 428 -17.74 39.99 3.19
C LYS B 428 -17.41 38.61 3.79
N GLU B 429 -18.45 37.92 4.23
CA GLU B 429 -18.35 36.55 4.73
C GLU B 429 -17.61 35.65 3.74
N THR B 430 -18.05 35.64 2.49
CA THR B 430 -17.43 34.81 1.45
C THR B 430 -16.06 35.34 1.04
N THR B 431 -15.87 36.65 1.09
CA THR B 431 -14.57 37.26 0.78
C THR B 431 -13.49 36.81 1.76
N ALA B 432 -13.83 36.79 3.04
CA ALA B 432 -12.91 36.33 4.08
C ALA B 432 -12.55 34.87 3.86
N TRP B 433 -13.55 34.07 3.52
CA TRP B 433 -13.32 32.65 3.19
C TRP B 433 -12.38 32.49 1.99
N CYS B 434 -12.62 33.31 0.96
CA CYS B 434 -11.80 33.28 -0.25
C CYS B 434 -10.32 33.53 0.06
N ILE B 435 -10.05 34.47 0.99
CA ILE B 435 -8.68 34.75 1.43
C ILE B 435 -8.04 33.48 2.00
N GLY B 436 -8.78 32.77 2.84
CA GLY B 436 -8.28 31.56 3.49
C GLY B 436 -8.06 30.42 2.51
N ARG B 437 -8.84 30.39 1.44
CA ARG B 437 -8.67 29.38 0.40
C ARG B 437 -7.39 29.65 -0.38
N ILE B 438 -7.08 30.93 -0.57
CA ILE B 438 -5.80 31.31 -1.16
C ILE B 438 -4.65 30.92 -0.22
N ALA B 439 -4.75 31.32 1.04
CA ALA B 439 -3.70 31.04 2.01
C ALA B 439 -3.45 29.54 2.11
N ASP B 440 -4.51 28.80 2.40
CA ASP B 440 -4.42 27.36 2.63
C ASP B 440 -3.84 26.57 1.45
N SER B 441 -3.99 27.07 0.23
CA SER B 441 -3.59 26.32 -0.96
C SER B 441 -2.36 26.87 -1.68
N VAL B 442 -2.19 28.19 -1.70
CA VAL B 442 -1.05 28.85 -2.36
C VAL B 442 -0.57 30.05 -1.55
N ALA B 443 -0.01 29.77 -0.37
CA ALA B 443 0.53 30.82 0.51
C ALA B 443 1.69 31.59 -0.13
N GLU B 444 2.58 30.86 -0.80
CA GLU B 444 3.73 31.47 -1.48
C GLU B 444 3.36 32.29 -2.74
N SER B 445 2.06 32.42 -3.01
CA SER B 445 1.57 33.37 -4.02
C SER B 445 1.38 34.77 -3.43
N ILE B 446 1.49 34.88 -2.09
CA ILE B 446 1.34 36.13 -1.36
C ILE B 446 2.73 36.68 -1.01
N ASP B 447 3.28 37.55 -1.85
CA ASP B 447 4.62 38.08 -1.57
C ASP B 447 4.55 38.88 -0.27
N PRO B 448 5.51 38.63 0.64
CA PRO B 448 5.50 39.28 1.97
C PRO B 448 5.50 40.81 1.94
N GLN B 449 6.14 41.40 0.93
CA GLN B 449 6.37 42.85 0.89
C GLN B 449 5.19 43.64 0.33
N GLN B 450 4.38 43.02 -0.54
CA GLN B 450 3.40 43.75 -1.32
C GLN B 450 1.98 43.18 -1.30
N HIS B 451 1.77 42.04 -0.64
CA HIS B 451 0.44 41.44 -0.55
C HIS B 451 0.01 41.13 0.88
N LEU B 452 0.91 40.51 1.62
CA LEU B 452 0.64 40.10 3.00
C LEU B 452 0.09 41.20 3.92
N PRO B 453 0.53 42.47 3.75
CA PRO B 453 -0.04 43.56 4.54
C PRO B 453 -1.51 43.84 4.23
N GLY B 454 -1.86 43.82 2.95
CA GLY B 454 -3.24 44.01 2.52
C GLY B 454 -4.15 42.91 3.03
N VAL B 455 -3.61 41.70 3.12
CA VAL B 455 -4.34 40.54 3.66
C VAL B 455 -4.64 40.73 5.14
N VAL B 456 -3.60 40.98 5.92
CA VAL B 456 -3.73 41.19 7.37
C VAL B 456 -4.71 42.32 7.65
N GLN B 457 -4.61 43.39 6.87
CA GLN B 457 -5.52 44.50 7.03
C GLN B 457 -6.96 44.06 6.78
N ALA B 458 -7.18 43.23 5.76
CA ALA B 458 -8.51 42.67 5.49
C ALA B 458 -9.02 41.81 6.65
N CYS B 459 -8.15 40.97 7.20
CA CYS B 459 -8.54 40.16 8.35
C CYS B 459 -8.90 40.99 9.59
N LEU B 460 -8.11 42.03 9.89
CA LEU B 460 -8.37 42.86 11.07
C LEU B 460 -9.66 43.65 10.91
N ILE B 461 -9.95 44.11 9.70
CA ILE B 461 -11.25 44.74 9.44
C ILE B 461 -12.36 43.75 9.80
N GLY B 462 -12.26 42.53 9.25
CA GLY B 462 -13.30 41.50 9.39
C GLY B 462 -13.55 40.96 10.79
N LEU B 463 -12.50 40.94 11.63
CA LEU B 463 -12.62 40.59 13.05
C LEU B 463 -13.47 41.58 13.85
N GLN B 464 -13.51 42.83 13.39
CA GLN B 464 -14.36 43.88 13.97
C GLN B 464 -15.75 43.98 13.33
N ASP B 465 -16.02 43.16 12.33
CA ASP B 465 -17.29 43.23 11.59
C ASP B 465 -18.30 42.25 12.19
N HIS B 466 -19.40 42.03 11.48
CA HIS B 466 -20.41 41.04 11.87
C HIS B 466 -19.73 39.70 12.23
N PRO B 467 -20.19 39.05 13.31
CA PRO B 467 -19.56 37.79 13.77
C PRO B 467 -19.38 36.69 12.72
N LYS B 468 -20.35 36.54 11.83
CA LYS B 468 -20.24 35.59 10.71
C LYS B 468 -18.98 35.85 9.88
N VAL B 469 -18.71 37.12 9.61
CA VAL B 469 -17.48 37.58 8.96
C VAL B 469 -16.25 37.29 9.81
N ALA B 470 -16.31 37.63 11.09
CA ALA B 470 -15.14 37.50 11.96
C ALA B 470 -14.71 36.04 12.12
N THR B 471 -15.68 35.13 12.16
CA THR B 471 -15.41 33.71 12.22
C THR B 471 -14.50 33.25 11.08
N ASN B 472 -14.84 33.64 9.86
CA ASN B 472 -14.06 33.30 8.68
C ASN B 472 -12.64 33.86 8.70
N CYS B 473 -12.48 35.09 9.20
CA CYS B 473 -11.16 35.71 9.30
C CYS B 473 -10.25 34.95 10.24
N SER B 474 -10.81 34.46 11.34
CA SER B 474 -10.06 33.67 12.28
C SER B 474 -9.52 32.41 11.60
N TRP B 475 -10.41 31.71 10.88
CA TRP B 475 -10.02 30.48 10.20
C TRP B 475 -9.00 30.77 9.11
N THR B 476 -9.10 31.95 8.51
CA THR B 476 -8.18 32.39 7.47
C THR B 476 -6.82 32.73 8.04
N ILE B 477 -6.81 33.37 9.20
CA ILE B 477 -5.56 33.66 9.91
C ILE B 477 -4.88 32.36 10.29
N ILE B 478 -5.66 31.38 10.73
CA ILE B 478 -5.10 30.06 11.00
C ILE B 478 -4.43 29.48 9.74
N ASN B 479 -5.13 29.53 8.60
CA ASN B 479 -4.57 29.04 7.35
C ASN B 479 -3.27 29.74 7.00
N LEU B 480 -3.30 31.07 7.03
CA LEU B 480 -2.11 31.88 6.80
C LEU B 480 -0.94 31.42 7.65
N VAL B 481 -1.16 31.32 8.95
CA VAL B 481 -0.08 30.99 9.85
C VAL B 481 0.43 29.58 9.58
N GLU B 482 -0.44 28.69 9.13
CA GLU B 482 -0.04 27.31 8.83
C GLU B 482 0.80 27.22 7.54
N GLN B 483 0.25 27.67 6.42
CA GLN B 483 0.95 27.52 5.14
C GLN B 483 2.11 28.52 4.96
N LEU B 484 2.22 29.55 5.80
CA LEU B 484 3.34 30.51 5.73
C LEU B 484 4.53 30.15 6.63
N ALA B 485 4.26 29.80 7.88
CA ALA B 485 5.33 29.56 8.86
C ALA B 485 6.22 28.35 8.50
N GLU B 486 5.73 27.47 7.62
CA GLU B 486 6.53 26.39 7.07
C GLU B 486 7.63 26.84 6.08
N ALA B 487 7.59 28.11 5.66
CA ALA B 487 8.67 28.71 4.84
C ALA B 487 9.74 29.34 5.73
N THR B 488 11.01 29.00 5.47
CA THR B 488 12.12 29.34 6.38
C THR B 488 12.24 30.82 6.71
N PRO B 489 12.16 31.70 5.69
CA PRO B 489 12.02 33.11 6.03
C PRO B 489 10.52 33.45 6.13
N SER B 490 9.92 33.16 7.28
CA SER B 490 8.48 33.36 7.46
C SER B 490 8.16 34.81 7.84
N PRO B 491 7.40 35.51 6.99
CA PRO B 491 7.11 36.93 7.18
C PRO B 491 5.87 37.22 8.04
N ILE B 492 5.23 36.16 8.53
CA ILE B 492 4.00 36.32 9.34
C ILE B 492 4.30 36.97 10.69
N TYR B 493 5.41 36.57 11.32
CA TYR B 493 5.80 37.08 12.64
C TYR B 493 5.86 38.59 12.69
N ASN B 494 6.29 39.18 11.58
CA ASN B 494 6.27 40.63 11.43
C ASN B 494 4.90 41.23 11.80
N PHE B 495 3.83 40.45 11.63
CA PHE B 495 2.47 40.92 11.88
C PHE B 495 1.80 40.29 13.11
N TYR B 496 2.53 39.48 13.88
CA TYR B 496 1.96 38.79 15.03
C TYR B 496 1.25 39.74 16.01
N PRO B 497 1.91 40.84 16.41
CA PRO B 497 1.29 41.76 17.34
C PRO B 497 -0.04 42.32 16.83
N ALA B 498 -0.11 42.66 15.55
CA ALA B 498 -1.34 43.18 14.95
C ALA B 498 -2.46 42.13 14.92
N LEU B 499 -2.09 40.88 14.65
CA LEU B 499 -3.04 39.77 14.58
C LEU B 499 -3.47 39.31 15.98
N VAL B 500 -2.52 39.03 16.85
CA VAL B 500 -2.83 38.63 18.22
C VAL B 500 -3.69 39.69 18.89
N ASP B 501 -3.45 40.96 18.56
CA ASP B 501 -4.20 42.05 19.16
C ASP B 501 -5.67 42.03 18.72
N GLY B 502 -5.89 41.87 17.42
CA GLY B 502 -7.24 41.85 16.87
C GLY B 502 -8.00 40.60 17.24
N LEU B 503 -7.29 39.48 17.37
CA LEU B 503 -7.88 38.21 17.77
C LEU B 503 -8.40 38.26 19.19
N ILE B 504 -7.66 38.91 20.08
CA ILE B 504 -8.09 39.03 21.46
C ILE B 504 -9.35 39.86 21.52
N GLY B 505 -9.39 40.96 20.77
CA GLY B 505 -10.60 41.76 20.62
C GLY B 505 -11.83 40.90 20.32
N ALA B 506 -11.67 39.97 19.39
CA ALA B 506 -12.74 39.04 19.03
C ALA B 506 -13.02 38.02 20.15
N ALA B 507 -11.97 37.56 20.81
CA ALA B 507 -12.09 36.66 21.95
C ALA B 507 -12.81 37.31 23.14
N ASN B 508 -12.75 38.65 23.21
CA ASN B 508 -13.47 39.43 24.23
C ASN B 508 -14.89 39.80 23.82
N ARG B 509 -15.42 39.13 22.81
CA ARG B 509 -16.80 39.39 22.38
C ARG B 509 -17.79 38.99 23.47
N ILE B 510 -18.89 39.74 23.53
CA ILE B 510 -19.89 39.64 24.60
C ILE B 510 -20.44 38.22 24.70
N ASP B 511 -20.59 37.57 23.55
CA ASP B 511 -21.09 36.21 23.46
C ASP B 511 -20.38 35.46 22.33
N ASN B 512 -20.73 34.19 22.15
CA ASN B 512 -20.17 33.36 21.09
C ASN B 512 -21.21 33.14 20.00
N GLU B 513 -21.80 34.23 19.52
CA GLU B 513 -22.77 34.15 18.43
C GLU B 513 -22.04 33.90 17.14
N PHE B 514 -22.53 32.92 16.39
CA PHE B 514 -21.95 32.51 15.12
C PHE B 514 -20.49 32.08 15.22
N ASN B 515 -20.16 31.47 16.37
CA ASN B 515 -18.84 30.95 16.68
C ASN B 515 -17.67 31.95 16.56
N ALA B 516 -17.97 33.25 16.58
CA ALA B 516 -16.92 34.27 16.44
C ALA B 516 -15.97 34.30 17.62
N ARG B 517 -16.46 33.97 18.81
CA ARG B 517 -15.59 33.88 19.97
C ARG B 517 -14.76 32.59 19.94
N ALA B 518 -15.41 31.44 19.71
CA ALA B 518 -14.71 30.15 19.68
C ALA B 518 -13.66 30.09 18.58
N SER B 519 -13.98 30.66 17.42
CA SER B 519 -13.04 30.82 16.31
C SER B 519 -11.76 31.52 16.75
N ALA B 520 -11.92 32.67 17.41
CA ALA B 520 -10.81 33.50 17.84
C ALA B 520 -9.88 32.77 18.80
N PHE B 521 -10.45 32.00 19.72
CA PHE B 521 -9.64 31.20 20.64
C PHE B 521 -8.88 30.13 19.92
N SER B 522 -9.49 29.52 18.92
CA SER B 522 -8.80 28.53 18.09
C SER B 522 -7.65 29.16 17.32
N ALA B 523 -7.87 30.38 16.84
CA ALA B 523 -6.80 31.13 16.18
C ALA B 523 -5.68 31.42 17.17
N LEU B 524 -6.01 31.94 18.35
CA LEU B 524 -5.00 32.22 19.38
C LEU B 524 -4.19 30.96 19.66
N THR B 525 -4.86 29.81 19.73
CA THR B 525 -4.16 28.56 19.93
C THR B 525 -3.12 28.38 18.83
N THR B 526 -3.53 28.53 17.58
CA THR B 526 -2.60 28.39 16.47
C THR B 526 -1.45 29.40 16.57
N MET B 527 -1.78 30.67 16.83
CA MET B 527 -0.73 31.71 16.96
C MET B 527 0.33 31.24 17.95
N VAL B 528 -0.11 30.62 19.04
CA VAL B 528 0.79 30.05 20.05
C VAL B 528 1.53 28.81 19.54
N GLU B 529 0.81 27.89 18.88
CA GLU B 529 1.42 26.67 18.35
C GLU B 529 2.66 27.00 17.51
N TYR B 530 2.56 28.05 16.69
CA TYR B 530 3.61 28.43 15.75
C TYR B 530 4.42 29.65 16.19
N ALA B 531 4.43 29.95 17.50
CA ALA B 531 5.24 31.06 18.00
C ALA B 531 6.72 30.69 18.06
N THR B 532 7.56 31.71 17.97
CA THR B 532 9.01 31.57 18.15
C THR B 532 9.48 32.57 19.19
N ASP B 533 10.77 32.52 19.52
CA ASP B 533 11.36 33.44 20.49
C ASP B 533 11.14 34.90 20.07
N THR B 534 11.35 35.17 18.78
CA THR B 534 11.16 36.51 18.21
C THR B 534 9.89 37.19 18.73
N VAL B 535 8.83 36.38 18.84
CA VAL B 535 7.52 36.84 19.31
C VAL B 535 7.20 36.21 20.67
N ALA B 536 7.86 36.69 21.71
CA ALA B 536 7.61 36.24 23.07
C ALA B 536 6.72 37.23 23.80
N GLU B 537 6.96 38.52 23.62
CA GLU B 537 6.15 39.56 24.28
C GLU B 537 4.68 39.43 23.92
N THR B 538 4.41 39.11 22.66
CA THR B 538 3.04 38.93 22.19
C THR B 538 2.50 37.55 22.57
N SER B 539 3.32 36.51 22.48
CA SER B 539 2.94 35.20 23.01
C SER B 539 2.65 35.26 24.51
N ALA B 540 3.33 36.17 25.21
CA ALA B 540 3.09 36.41 26.63
C ALA B 540 1.79 37.19 26.86
N SER B 541 1.45 38.11 25.95
CA SER B 541 0.18 38.84 26.03
C SER B 541 -1.00 37.90 25.96
N ILE B 542 -0.85 36.80 25.23
CA ILE B 542 -1.88 35.76 25.10
C ILE B 542 -2.13 35.05 26.43
N SER B 543 -1.07 34.53 27.04
CA SER B 543 -1.20 33.78 28.29
C SER B 543 -1.76 34.67 29.41
N THR B 544 -1.31 35.92 29.45
CA THR B 544 -1.81 36.92 30.40
C THR B 544 -3.30 37.14 30.20
N PHE B 545 -3.73 37.22 28.95
CA PHE B 545 -5.13 37.45 28.63
C PHE B 545 -6.01 36.29 29.05
N VAL B 546 -5.65 35.08 28.62
CA VAL B 546 -6.47 33.89 28.88
C VAL B 546 -6.50 33.48 30.36
N MET B 547 -5.41 33.70 31.08
CA MET B 547 -5.39 33.41 32.53
C MET B 547 -6.34 34.32 33.27
N ASP B 548 -6.31 35.60 32.91
CA ASP B 548 -7.24 36.57 33.45
C ASP B 548 -8.65 36.12 33.14
N LYS B 549 -8.88 35.79 31.86
CA LYS B 549 -10.19 35.35 31.35
C LYS B 549 -10.69 34.08 32.04
N LEU B 550 -9.81 33.10 32.21
CA LEU B 550 -10.19 31.87 32.91
C LEU B 550 -10.63 32.15 34.34
N GLY B 551 -9.84 32.93 35.06
CA GLY B 551 -10.19 33.32 36.43
C GLY B 551 -11.53 34.01 36.50
N GLN B 552 -11.80 34.82 35.48
CA GLN B 552 -13.04 35.55 35.39
C GLN B 552 -14.26 34.63 35.24
N THR B 553 -14.16 33.66 34.35
CA THR B 553 -15.23 32.67 34.17
C THR B 553 -15.51 31.87 35.44
N MET B 554 -14.52 31.75 36.30
CA MET B 554 -14.65 30.95 37.53
C MET B 554 -15.33 31.71 38.66
N SER B 555 -15.45 33.02 38.53
CA SER B 555 -16.09 33.86 39.55
C SER B 555 -17.51 33.41 39.90
N VAL B 556 -18.32 33.07 38.88
CA VAL B 556 -19.68 32.56 39.12
C VAL B 556 -19.76 31.09 38.74
N ASP B 557 -19.94 30.20 39.71
CA ASP B 557 -20.04 28.78 39.37
C ASP B 557 -21.35 28.51 38.64
N GLU B 558 -21.35 27.44 37.84
CA GLU B 558 -22.48 27.05 36.98
C GLU B 558 -23.86 27.03 37.66
N ASN B 559 -23.97 26.47 38.86
CA ASN B 559 -25.29 26.32 39.52
C ASN B 559 -25.82 27.65 40.09
N GLN B 560 -25.91 28.64 39.20
CA GLN B 560 -26.43 29.98 39.50
C GLN B 560 -27.33 30.45 38.35
N LEU B 561 -27.08 29.94 37.14
CA LEU B 561 -27.78 30.35 35.93
C LEU B 561 -28.57 29.19 35.36
N THR B 562 -29.28 29.46 34.26
CA THR B 562 -29.95 28.41 33.50
C THR B 562 -28.92 27.44 32.90
N LEU B 563 -29.37 26.23 32.61
CA LEU B 563 -28.57 25.24 31.88
C LEU B 563 -27.92 25.89 30.66
N GLU B 564 -28.73 26.54 29.83
CA GLU B 564 -28.24 27.22 28.63
C GLU B 564 -27.07 28.15 28.95
N ASP B 565 -27.22 28.98 29.97
CA ASP B 565 -26.17 29.94 30.36
C ASP B 565 -24.91 29.22 30.84
N ALA B 566 -25.05 28.10 31.53
CA ALA B 566 -23.91 27.33 32.02
C ALA B 566 -23.11 26.73 30.86
N GLN B 567 -23.80 26.26 29.84
CA GLN B 567 -23.15 25.51 28.77
C GLN B 567 -22.37 26.42 27.85
N SER B 568 -22.91 27.62 27.64
CA SER B 568 -22.22 28.69 26.94
C SER B 568 -20.93 29.09 27.67
N LEU B 569 -20.99 29.11 29.00
CA LEU B 569 -19.83 29.42 29.85
C LEU B 569 -18.81 28.30 29.80
N GLN B 570 -19.27 27.06 29.94
CA GLN B 570 -18.36 25.91 29.86
C GLN B 570 -17.73 25.80 28.48
N GLU B 571 -18.45 26.18 27.42
CA GLU B 571 -17.81 26.25 26.12
C GLU B 571 -16.65 27.21 26.15
N LEU B 572 -16.84 28.38 26.78
CA LEU B 572 -15.79 29.40 26.86
C LEU B 572 -14.59 28.92 27.66
N GLN B 573 -14.82 28.20 28.75
CA GLN B 573 -13.73 27.67 29.56
C GLN B 573 -12.97 26.55 28.82
N SER B 574 -13.68 25.76 28.03
CA SER B 574 -13.02 24.81 27.12
C SER B 574 -12.18 25.53 26.08
N ASN B 575 -12.74 26.59 25.50
CA ASN B 575 -12.01 27.42 24.53
C ASN B 575 -10.71 27.98 25.14
N ILE B 576 -10.79 28.48 26.36
CA ILE B 576 -9.64 29.04 27.04
C ILE B 576 -8.59 27.97 27.30
N LEU B 577 -9.02 26.78 27.70
CA LEU B 577 -8.06 25.73 28.04
C LEU B 577 -7.26 25.22 26.86
N THR B 578 -7.87 25.22 25.69
CA THR B 578 -7.12 24.90 24.49
C THR B 578 -5.90 25.83 24.37
N VAL B 579 -6.11 27.13 24.50
CA VAL B 579 -5.01 28.10 24.42
C VAL B 579 -4.01 27.91 25.55
N LEU B 580 -4.51 27.75 26.77
CA LEU B 580 -3.66 27.64 27.94
C LEU B 580 -2.79 26.40 27.91
N ALA B 581 -3.33 25.31 27.38
CA ALA B 581 -2.56 24.08 27.17
C ALA B 581 -1.43 24.31 26.15
N ALA B 582 -1.75 24.95 25.03
CA ALA B 582 -0.75 25.23 23.99
C ALA B 582 0.39 26.15 24.46
N VAL B 583 0.06 27.16 25.27
CA VAL B 583 1.07 28.04 25.89
C VAL B 583 2.07 27.25 26.74
N ILE B 584 1.55 26.36 27.57
CA ILE B 584 2.39 25.53 28.43
C ILE B 584 3.24 24.53 27.61
N ARG B 585 2.76 24.11 26.44
CA ARG B 585 3.49 23.17 25.58
C ARG B 585 4.29 23.91 24.50
N LYS B 586 4.95 24.99 24.89
CA LYS B 586 5.72 25.80 23.96
C LYS B 586 6.64 26.71 24.76
N SER B 587 6.05 27.65 25.49
CA SER B 587 6.80 28.58 26.33
C SER B 587 6.19 28.65 27.74
N PRO B 588 6.53 27.68 28.61
CA PRO B 588 6.18 27.82 30.03
C PRO B 588 6.88 29.04 30.67
N SER B 589 7.89 29.58 29.99
CA SER B 589 8.56 30.83 30.39
C SER B 589 7.61 31.93 30.87
N SER B 590 6.46 32.06 30.22
CA SER B 590 5.49 33.11 30.55
C SER B 590 4.42 32.70 31.59
N VAL B 591 4.50 31.46 32.09
CA VAL B 591 3.58 30.99 33.12
C VAL B 591 4.25 30.30 34.30
N GLU B 592 5.55 30.01 34.17
CA GLU B 592 6.38 29.61 35.31
C GLU B 592 6.48 30.72 36.35
N PRO B 593 6.70 31.97 35.90
CA PRO B 593 6.62 33.12 36.80
C PRO B 593 5.28 33.29 37.55
N VAL B 594 4.20 32.76 36.99
CA VAL B 594 2.90 32.74 37.67
C VAL B 594 2.40 31.29 37.82
N ALA B 595 3.33 30.37 38.04
CA ALA B 595 3.03 28.96 38.20
C ALA B 595 1.83 28.77 39.10
N ASP B 596 1.87 29.43 40.25
CA ASP B 596 0.76 29.41 41.22
C ASP B 596 -0.56 29.89 40.65
N MET B 597 -0.53 30.86 39.74
CA MET B 597 -1.75 31.32 39.08
C MET B 597 -2.38 30.11 38.40
N LEU B 598 -1.70 29.55 37.39
CA LEU B 598 -2.21 28.40 36.66
C LEU B 598 -2.68 27.29 37.59
N MET B 599 -1.79 26.86 38.48
CA MET B 599 -2.11 25.79 39.42
C MET B 599 -3.25 26.21 40.34
N GLY B 600 -3.20 27.46 40.77
CA GLY B 600 -4.28 28.02 41.59
C GLY B 600 -5.60 27.89 40.86
N LEU B 601 -5.60 28.33 39.61
CA LEU B 601 -6.76 28.25 38.73
C LEU B 601 -7.16 26.81 38.41
N PHE B 602 -6.17 26.00 38.06
CA PHE B 602 -6.43 24.59 37.78
C PHE B 602 -7.00 23.86 38.99
N PHE B 603 -6.46 24.13 40.17
CA PHE B 603 -6.94 23.45 41.38
C PHE B 603 -8.37 23.87 41.70
N ARG B 604 -8.66 25.16 41.50
CA ARG B 604 -10.03 25.65 41.68
C ARG B 604 -10.99 24.95 40.71
N LEU B 605 -10.61 24.95 39.43
CA LEU B 605 -11.35 24.26 38.38
C LEU B 605 -11.67 22.81 38.75
N LEU B 606 -10.65 22.07 39.17
CA LEU B 606 -10.84 20.67 39.54
C LEU B 606 -11.62 20.51 40.84
N GLU B 607 -11.64 21.55 41.68
CA GLU B 607 -12.39 21.52 42.93
C GLU B 607 -13.89 21.51 42.69
N LYS B 608 -14.38 22.50 41.93
CA LYS B 608 -15.83 22.71 41.78
C LYS B 608 -16.55 21.54 41.11
N LYS B 609 -17.86 21.49 41.34
CA LYS B 609 -18.73 20.44 40.80
C LYS B 609 -18.91 20.64 39.30
N ASP B 610 -19.40 19.60 38.63
CA ASP B 610 -19.61 19.64 37.18
C ASP B 610 -18.32 20.04 36.44
N SER B 611 -17.23 19.36 36.77
CA SER B 611 -15.93 19.64 36.16
C SER B 611 -15.53 18.57 35.14
N ALA B 612 -16.30 17.49 35.04
CA ALA B 612 -15.93 16.36 34.22
C ALA B 612 -15.55 16.78 32.80
N PHE B 613 -16.21 17.80 32.28
CA PHE B 613 -15.92 18.30 30.93
C PHE B 613 -14.48 18.81 30.72
N ILE B 614 -13.89 19.51 31.71
CA ILE B 614 -12.49 20.02 31.60
C ILE B 614 -11.43 19.18 32.31
N GLU B 615 -11.84 18.39 33.30
CA GLU B 615 -10.90 17.54 34.08
C GLU B 615 -9.71 17.02 33.28
N ASP B 616 -9.98 16.27 32.22
CA ASP B 616 -8.91 15.69 31.40
C ASP B 616 -8.02 16.78 30.79
N ASP B 617 -8.64 17.84 30.28
CA ASP B 617 -7.87 18.96 29.72
C ASP B 617 -6.95 19.59 30.75
N VAL B 618 -7.48 19.79 31.96
CA VAL B 618 -6.69 20.36 33.03
C VAL B 618 -5.60 19.39 33.44
N PHE B 619 -5.92 18.09 33.47
CA PHE B 619 -4.92 17.11 33.82
C PHE B 619 -3.78 17.11 32.81
N TYR B 620 -4.13 17.07 31.53
CA TYR B 620 -3.13 17.17 30.46
C TYR B 620 -2.26 18.42 30.60
N ALA B 621 -2.88 19.54 30.96
CA ALA B 621 -2.20 20.84 31.10
C ALA B 621 -1.25 20.85 32.28
N ILE B 622 -1.71 20.36 33.43
CA ILE B 622 -0.84 20.22 34.60
C ILE B 622 0.37 19.35 34.30
N SER B 623 0.15 18.21 33.65
CA SER B 623 1.24 17.29 33.32
C SER B 623 2.33 18.01 32.57
N ALA B 624 1.96 18.69 31.51
CA ALA B 624 2.90 19.46 30.70
C ALA B 624 3.60 20.56 31.50
N LEU B 625 2.86 21.25 32.36
CA LEU B 625 3.48 22.23 33.25
C LEU B 625 4.49 21.56 34.20
N ALA B 626 4.11 20.40 34.73
CA ALA B 626 4.97 19.65 35.64
C ALA B 626 6.25 19.21 34.95
N ALA B 627 6.16 18.84 33.68
CA ALA B 627 7.34 18.46 32.89
C ALA B 627 8.36 19.60 32.89
N SER B 628 7.88 20.84 32.78
CA SER B 628 8.75 22.02 32.76
C SER B 628 9.39 22.30 34.12
N LEU B 629 8.56 22.47 35.14
CA LEU B 629 9.06 22.81 36.48
C LEU B 629 10.03 21.78 37.09
N GLY B 630 9.97 20.52 36.65
CA GLY B 630 10.84 19.48 37.17
C GLY B 630 10.66 19.31 38.67
N LYS B 631 11.76 19.44 39.42
CA LYS B 631 11.70 19.49 40.88
C LYS B 631 10.79 20.63 41.36
N GLY B 632 10.65 21.67 40.56
CA GLY B 632 9.75 22.80 40.87
C GLY B 632 8.28 22.46 41.09
N PHE B 633 7.85 21.27 40.67
CA PHE B 633 6.47 20.87 40.84
C PHE B 633 6.19 20.23 42.20
N GLU B 634 7.23 19.81 42.93
CA GLU B 634 7.00 19.08 44.18
C GLU B 634 6.03 19.78 45.14
N LYS B 635 6.11 21.11 45.23
CA LYS B 635 5.26 21.88 46.15
C LYS B 635 3.75 21.78 45.84
N TYR B 636 3.41 21.27 44.66
CA TYR B 636 2.01 20.99 44.28
C TYR B 636 1.61 19.54 44.41
N LEU B 637 2.59 18.65 44.33
CA LEU B 637 2.34 17.21 44.27
C LEU B 637 1.37 16.74 45.36
N GLU B 638 1.51 17.30 46.56
CA GLU B 638 0.60 17.04 47.67
C GLU B 638 -0.86 17.21 47.26
N THR B 639 -1.24 18.43 46.88
CA THR B 639 -2.63 18.75 46.61
C THR B 639 -3.11 18.17 45.26
N PHE B 640 -2.16 17.87 44.37
CA PHE B 640 -2.46 17.26 43.07
C PHE B 640 -2.71 15.76 43.18
N SER B 641 -2.18 15.15 44.22
CA SER B 641 -2.22 13.70 44.43
C SER B 641 -3.60 13.04 44.27
N PRO B 642 -4.66 13.63 44.88
CA PRO B 642 -6.00 13.05 44.71
C PRO B 642 -6.38 12.91 43.24
N TYR B 643 -6.16 13.98 42.49
CA TYR B 643 -6.54 14.04 41.08
C TYR B 643 -5.70 13.08 40.23
N LEU B 644 -4.45 12.85 40.64
CA LEU B 644 -3.56 11.94 39.94
C LEU B 644 -4.08 10.53 40.06
N LEU B 645 -4.55 10.19 41.26
CA LEU B 645 -5.09 8.86 41.53
C LEU B 645 -6.42 8.69 40.81
N LYS B 646 -7.24 9.73 40.86
CA LYS B 646 -8.45 9.80 40.05
C LYS B 646 -8.17 9.46 38.57
N ALA B 647 -7.10 10.03 38.03
CA ALA B 647 -6.76 9.84 36.62
C ALA B 647 -6.21 8.46 36.32
N LEU B 648 -5.30 8.00 37.18
CA LEU B 648 -4.72 6.65 37.07
C LEU B 648 -5.79 5.57 37.07
N ASN B 649 -6.82 5.74 37.90
CA ASN B 649 -7.86 4.73 38.03
C ASN B 649 -8.78 4.64 36.81
N GLN B 650 -8.83 5.66 35.97
CA GLN B 650 -9.66 5.61 34.75
C GLN B 650 -8.97 4.77 33.65
N VAL B 651 -8.83 3.48 33.92
CA VAL B 651 -8.03 2.59 33.05
C VAL B 651 -8.57 2.43 31.64
N ASP B 652 -9.85 2.75 31.43
CA ASP B 652 -10.48 2.72 30.11
C ASP B 652 -10.25 4.02 29.32
N SER B 653 -9.71 5.04 29.97
CA SER B 653 -9.49 6.34 29.36
C SER B 653 -8.01 6.57 29.02
N PRO B 654 -7.74 7.35 27.97
CA PRO B 654 -6.36 7.74 27.70
C PRO B 654 -5.73 8.60 28.79
N VAL B 655 -6.54 9.27 29.62
CA VAL B 655 -6.02 10.10 30.71
C VAL B 655 -5.15 9.31 31.69
N SER B 656 -5.45 8.02 31.87
CA SER B 656 -4.62 7.14 32.71
C SER B 656 -3.22 6.95 32.15
N ILE B 657 -3.10 6.95 30.82
CA ILE B 657 -1.81 6.75 30.17
C ILE B 657 -0.90 7.97 30.38
N THR B 658 -1.45 9.18 30.27
CA THR B 658 -0.63 10.36 30.54
C THR B 658 -0.38 10.52 32.05
N ALA B 659 -1.26 9.94 32.86
CA ALA B 659 -1.02 9.86 34.30
C ALA B 659 0.19 8.97 34.62
N VAL B 660 0.29 7.84 33.91
CA VAL B 660 1.47 6.98 34.00
C VAL B 660 2.67 7.81 33.58
N GLY B 661 2.53 8.53 32.47
CA GLY B 661 3.56 9.43 31.97
C GLY B 661 3.98 10.48 32.98
N PHE B 662 3.00 11.06 33.68
CA PHE B 662 3.29 12.06 34.68
C PHE B 662 4.17 11.47 35.77
N ILE B 663 3.86 10.24 36.18
CA ILE B 663 4.68 9.57 37.20
C ILE B 663 6.10 9.35 36.69
N ALA B 664 6.24 8.91 35.44
CA ALA B 664 7.56 8.74 34.83
C ALA B 664 8.39 10.01 35.03
N ASP B 665 7.82 11.15 34.69
CA ASP B 665 8.54 12.41 34.75
C ASP B 665 8.89 12.84 36.19
N ILE B 666 7.91 12.89 37.11
CA ILE B 666 8.27 13.34 38.47
C ILE B 666 9.15 12.35 39.19
N SER B 667 9.04 11.06 38.87
CA SER B 667 9.95 10.08 39.46
C SER B 667 11.37 10.38 39.00
N ASN B 668 11.53 10.76 37.74
CA ASN B 668 12.84 11.14 37.18
C ASN B 668 13.34 12.54 37.56
N SER B 669 12.45 13.52 37.72
CA SER B 669 12.89 14.89 38.08
C SER B 669 13.26 14.98 39.58
N LEU B 670 12.36 14.54 40.44
CA LEU B 670 12.74 14.18 41.81
C LEU B 670 13.44 12.86 41.62
N GLU B 671 14.05 12.29 42.65
CA GLU B 671 14.60 10.95 42.51
C GLU B 671 14.37 10.14 43.75
N GLU B 672 15.21 10.35 44.75
CA GLU B 672 15.14 9.66 46.01
C GLU B 672 14.02 10.27 46.85
N ASP B 673 13.63 11.49 46.50
CA ASP B 673 12.56 12.21 47.20
C ASP B 673 11.17 11.78 46.74
N PHE B 674 11.11 11.03 45.63
CA PHE B 674 9.87 10.42 45.17
C PHE B 674 9.43 9.36 46.17
N ARG B 675 10.37 8.84 46.95
CA ARG B 675 10.06 7.86 47.99
C ARG B 675 8.92 8.32 48.90
N ARG B 676 8.76 9.62 49.08
CA ARG B 676 7.66 10.14 49.88
C ARG B 676 6.27 9.89 49.28
N TYR B 677 6.18 9.84 47.96
CA TYR B 677 4.90 9.60 47.27
C TYR B 677 4.83 8.22 46.60
N SER B 678 5.93 7.48 46.66
CA SER B 678 6.12 6.23 45.93
C SER B 678 5.01 5.18 46.19
N ASP B 679 4.65 5.00 47.46
CA ASP B 679 3.80 3.89 47.87
C ASP B 679 2.36 4.05 47.40
N ALA B 680 1.81 5.24 47.56
CA ALA B 680 0.43 5.50 47.18
C ALA B 680 0.25 5.32 45.67
N MET B 681 1.29 5.68 44.91
CA MET B 681 1.28 5.52 43.46
C MET B 681 1.29 4.04 43.08
N MET B 682 2.22 3.30 43.70
CA MET B 682 2.45 1.90 43.39
C MET B 682 1.27 1.02 43.79
N ASN B 683 0.57 1.40 44.86
CA ASN B 683 -0.62 0.66 45.29
C ASN B 683 -1.69 0.71 44.20
N VAL B 684 -1.72 1.80 43.45
CA VAL B 684 -2.62 1.92 42.32
C VAL B 684 -2.02 1.29 41.07
N LEU B 685 -0.75 1.58 40.80
CA LEU B 685 -0.10 1.05 39.62
C LEU B 685 -0.09 -0.49 39.55
N ALA B 686 0.04 -1.13 40.71
CA ALA B 686 0.08 -2.60 40.78
C ALA B 686 -1.26 -3.26 40.48
N GLN B 687 -2.35 -2.52 40.68
CA GLN B 687 -3.71 -2.95 40.37
C GLN B 687 -4.01 -2.73 38.89
N MET B 688 -3.69 -1.55 38.39
CA MET B 688 -4.12 -1.08 37.08
C MET B 688 -4.08 -2.12 35.98
N ILE B 689 -2.93 -2.73 35.81
CA ILE B 689 -2.71 -3.63 34.70
C ILE B 689 -3.66 -4.85 34.71
N SER B 690 -4.06 -5.33 35.89
CA SER B 690 -4.97 -6.49 35.99
C SER B 690 -6.44 -6.11 36.07
N ASN B 691 -6.75 -4.86 35.77
CA ASN B 691 -8.12 -4.39 35.76
C ASN B 691 -8.75 -4.81 34.43
N PRO B 692 -9.86 -5.58 34.49
CA PRO B 692 -10.54 -6.04 33.25
C PRO B 692 -10.91 -4.94 32.22
N ASN B 693 -10.84 -3.68 32.62
CA ASN B 693 -11.22 -2.54 31.76
C ASN B 693 -10.01 -1.78 31.25
N ALA B 694 -8.82 -2.21 31.61
CA ALA B 694 -7.62 -1.54 31.15
C ALA B 694 -7.49 -1.60 29.63
N ARG B 695 -7.18 -0.46 29.04
CA ARG B 695 -6.91 -0.38 27.61
C ARG B 695 -5.66 -1.20 27.27
N ARG B 696 -5.50 -1.47 25.98
CA ARG B 696 -4.31 -2.14 25.49
C ARG B 696 -3.04 -1.35 25.77
N GLU B 697 -3.11 -0.03 25.54
CA GLU B 697 -1.94 0.86 25.60
C GLU B 697 -1.43 1.02 27.03
N LEU B 698 -2.31 0.80 27.99
CA LEU B 698 -1.98 0.97 29.39
C LEU B 698 -0.87 0.04 29.87
N LYS B 699 -0.96 -1.22 29.46
CA LYS B 699 -0.09 -2.27 30.00
C LYS B 699 1.40 -1.96 29.85
N PRO B 700 1.89 -1.73 28.60
CA PRO B 700 3.30 -1.37 28.41
C PRO B 700 3.71 -0.02 29.05
N ALA B 701 2.77 0.92 29.16
CA ALA B 701 3.05 2.16 29.86
C ALA B 701 3.35 1.85 31.32
N VAL B 702 2.50 1.02 31.93
CA VAL B 702 2.66 0.66 33.33
C VAL B 702 3.89 -0.20 33.51
N LEU B 703 4.05 -1.20 32.65
CA LEU B 703 5.22 -2.06 32.72
C LEU B 703 6.50 -1.26 32.75
N SER B 704 6.57 -0.23 31.90
CA SER B 704 7.74 0.64 31.81
C SER B 704 7.91 1.57 32.99
N VAL B 705 6.80 2.03 33.56
CA VAL B 705 6.88 2.98 34.69
C VAL B 705 7.40 2.29 35.95
N PHE B 706 7.17 0.99 36.08
CA PHE B 706 7.80 0.25 37.17
C PHE B 706 9.31 0.45 37.07
N GLY B 707 9.84 0.44 35.84
CA GLY B 707 11.26 0.70 35.58
C GLY B 707 11.70 2.04 36.14
N ASP B 708 11.01 3.09 35.71
CA ASP B 708 11.24 4.45 36.21
C ASP B 708 11.29 4.51 37.75
N ILE B 709 10.23 4.05 38.39
CA ILE B 709 10.08 4.14 39.83
C ILE B 709 11.21 3.41 40.54
N ALA B 710 11.36 2.12 40.24
CA ALA B 710 12.41 1.30 40.83
C ALA B 710 13.80 1.95 40.78
N SER B 711 14.21 2.43 39.61
CA SER B 711 15.50 3.12 39.47
C SER B 711 15.64 4.38 40.34
N ASN B 712 14.54 5.12 40.53
CA ASN B 712 14.60 6.33 41.37
C ASN B 712 14.39 6.04 42.86
N ILE B 713 13.67 4.97 43.15
CA ILE B 713 13.15 4.69 44.50
C ILE B 713 14.05 3.73 45.27
N GLY B 714 14.80 2.91 44.55
CA GLY B 714 15.70 1.93 45.16
C GLY B 714 15.06 0.95 46.13
N ALA B 715 15.62 0.87 47.34
CA ALA B 715 15.17 -0.11 48.34
C ALA B 715 13.67 -0.03 48.66
N ASP B 716 13.09 1.15 48.51
CA ASP B 716 11.66 1.35 48.76
C ASP B 716 10.71 0.61 47.80
N PHE B 717 11.22 0.12 46.68
CA PHE B 717 10.44 -0.67 45.73
C PHE B 717 10.26 -2.12 46.18
N ILE B 718 11.07 -2.58 47.11
CA ILE B 718 11.13 -4.02 47.43
C ILE B 718 9.78 -4.61 47.80
N PRO B 719 8.98 -3.90 48.62
CA PRO B 719 7.65 -4.41 48.98
C PRO B 719 6.78 -4.79 47.78
N TYR B 720 6.98 -4.12 46.66
CA TYR B 720 6.21 -4.35 45.45
C TYR B 720 6.96 -5.21 44.43
N LEU B 721 8.19 -5.60 44.74
CA LEU B 721 9.05 -6.27 43.77
C LEU B 721 8.46 -7.60 43.27
N ASN B 722 8.03 -8.45 44.20
CA ASN B 722 7.48 -9.72 43.80
C ASN B 722 6.21 -9.59 42.97
N ASP B 723 5.38 -8.63 43.33
CA ASP B 723 4.10 -8.42 42.66
C ASP B 723 4.36 -7.95 41.22
N ILE B 724 5.33 -7.06 41.05
CA ILE B 724 5.75 -6.61 39.72
C ILE B 724 6.49 -7.72 38.90
N MET B 725 7.28 -8.56 39.56
CA MET B 725 7.92 -9.67 38.86
C MET B 725 6.88 -10.67 38.34
N ALA B 726 5.79 -10.87 39.07
CA ALA B 726 4.71 -11.71 38.56
C ALA B 726 4.09 -11.10 37.28
N LEU B 727 3.81 -9.81 37.30
CA LEU B 727 3.17 -9.12 36.18
C LEU B 727 4.01 -9.19 34.93
N CYS B 728 5.32 -8.97 35.05
CA CYS B 728 6.21 -9.15 33.90
C CYS B 728 6.98 -10.44 34.05
N VAL B 729 6.21 -11.50 33.90
CA VAL B 729 6.64 -12.88 33.71
C VAL B 729 5.47 -13.46 32.94
N ALA B 730 4.26 -13.22 33.46
CA ALA B 730 3.02 -13.40 32.71
C ALA B 730 3.06 -12.66 31.38
N ALA B 731 3.56 -11.43 31.39
CA ALA B 731 3.64 -10.62 30.19
C ALA B 731 4.63 -11.19 29.17
N GLN B 732 5.78 -11.65 29.62
CA GLN B 732 6.82 -12.12 28.71
C GLN B 732 6.47 -13.48 28.10
N ASN B 733 5.59 -14.24 28.76
CA ASN B 733 5.11 -15.50 28.19
C ASN B 733 3.80 -15.32 27.42
N THR B 734 3.44 -14.09 27.06
CA THR B 734 2.19 -13.85 26.33
C THR B 734 2.44 -13.79 24.82
N LYS B 735 1.78 -14.67 24.09
CA LYS B 735 1.91 -14.73 22.63
C LYS B 735 1.02 -13.69 21.96
N PRO B 736 1.30 -13.37 20.69
CA PRO B 736 0.41 -12.48 19.96
C PRO B 736 -1.05 -12.96 19.94
N GLU B 737 -1.97 -12.01 19.97
CA GLU B 737 -3.41 -12.30 20.05
C GLU B 737 -3.88 -13.04 18.80
N ASN B 738 -3.20 -12.77 17.68
CA ASN B 738 -3.45 -13.42 16.39
C ASN B 738 -2.11 -13.46 15.62
N GLY B 739 -2.13 -13.25 14.31
CA GLY B 739 -0.89 -13.21 13.53
C GLY B 739 -0.77 -11.96 12.71
N THR B 740 -1.52 -10.93 13.06
CA THR B 740 -1.62 -9.73 12.23
C THR B 740 -0.54 -8.69 12.53
N LEU B 741 -0.49 -7.67 11.68
CA LEU B 741 0.30 -6.46 11.88
C LEU B 741 0.52 -6.06 13.35
N GLU B 742 -0.52 -5.55 14.00
CA GLU B 742 -0.43 -5.06 15.38
C GLU B 742 -0.18 -6.16 16.39
N ALA B 743 -0.81 -7.32 16.17
CA ALA B 743 -0.70 -8.45 17.09
C ALA B 743 0.71 -8.58 17.67
N LEU B 744 1.70 -8.61 16.78
CA LEU B 744 3.11 -8.79 17.16
C LEU B 744 3.82 -7.49 17.56
N ASP B 745 3.48 -6.39 16.89
CA ASP B 745 4.10 -5.10 17.20
C ASP B 745 3.69 -4.56 18.57
N TYR B 746 2.52 -4.99 19.04
CA TYR B 746 2.07 -4.73 20.40
C TYR B 746 2.78 -5.67 21.37
N GLN B 747 2.83 -6.95 21.00
CA GLN B 747 3.50 -7.95 21.81
C GLN B 747 4.96 -7.59 22.01
N ILE B 748 5.59 -7.05 20.97
CA ILE B 748 6.95 -6.51 21.09
C ILE B 748 6.96 -5.29 22.00
N LYS B 749 5.97 -4.39 21.85
CA LYS B 749 5.84 -3.22 22.75
C LYS B 749 5.77 -3.64 24.21
N VAL B 750 5.01 -4.70 24.48
CA VAL B 750 4.94 -5.27 25.82
C VAL B 750 6.32 -5.76 26.25
N LEU B 751 6.96 -6.52 25.37
CA LEU B 751 8.26 -7.13 25.70
C LEU B 751 9.33 -6.08 25.95
N GLU B 752 9.27 -4.98 25.20
CA GLU B 752 10.23 -3.89 25.39
C GLU B 752 9.98 -3.17 26.73
N ALA B 753 8.74 -3.20 27.19
CA ALA B 753 8.35 -2.59 28.46
C ALA B 753 8.70 -3.48 29.67
N VAL B 754 8.70 -4.79 29.46
CA VAL B 754 9.22 -5.72 30.47
C VAL B 754 10.71 -5.46 30.66
N LEU B 755 11.42 -5.34 29.55
CA LEU B 755 12.84 -4.99 29.54
C LEU B 755 13.06 -3.65 30.26
N ASP B 756 12.21 -2.66 30.04
CA ASP B 756 12.34 -1.40 30.78
C ASP B 756 12.24 -1.63 32.27
N ALA B 757 11.37 -2.56 32.67
CA ALA B 757 11.14 -2.83 34.09
C ALA B 757 12.37 -3.47 34.74
N TYR B 758 12.93 -4.51 34.11
CA TYR B 758 14.12 -5.17 34.67
C TYR B 758 15.33 -4.25 34.74
N VAL B 759 15.58 -3.52 33.66
CA VAL B 759 16.66 -2.53 33.61
C VAL B 759 16.54 -1.58 34.79
N GLY B 760 15.35 -1.02 34.99
CA GLY B 760 15.09 -0.06 36.08
C GLY B 760 15.25 -0.65 37.47
N ILE B 761 14.74 -1.88 37.63
CA ILE B 761 14.90 -2.67 38.85
C ILE B 761 16.40 -2.95 39.22
N VAL B 762 17.19 -3.38 38.24
CA VAL B 762 18.61 -3.70 38.46
C VAL B 762 19.36 -2.43 38.80
N ALA B 763 18.99 -1.34 38.14
CA ALA B 763 19.56 -0.04 38.43
C ALA B 763 19.19 0.38 39.85
N GLY B 764 17.90 0.29 40.17
CA GLY B 764 17.42 0.66 41.50
C GLY B 764 18.03 -0.15 42.62
N LEU B 765 18.24 -1.44 42.39
CA LEU B 765 18.71 -2.32 43.46
C LEU B 765 20.21 -2.63 43.42
N HIS B 766 21.01 -1.75 42.79
CA HIS B 766 22.49 -1.87 42.79
C HIS B 766 23.03 -2.19 44.20
N ASP B 767 22.57 -1.46 45.20
CA ASP B 767 23.03 -1.64 46.60
C ASP B 767 22.39 -2.82 47.33
N LYS B 768 21.36 -3.43 46.75
CA LYS B 768 20.54 -4.43 47.45
C LYS B 768 20.42 -5.71 46.64
N PRO B 769 21.52 -6.46 46.49
CA PRO B 769 21.52 -7.69 45.70
C PRO B 769 20.64 -8.78 46.29
N GLU B 770 20.66 -8.89 47.61
CA GLU B 770 19.84 -9.87 48.32
C GLU B 770 18.37 -9.84 47.85
N ALA B 771 17.83 -8.64 47.67
CA ALA B 771 16.44 -8.47 47.23
C ALA B 771 16.20 -8.93 45.78
N LEU B 772 17.20 -8.71 44.92
CA LEU B 772 17.12 -9.13 43.52
C LEU B 772 17.44 -10.61 43.34
N PHE B 773 18.21 -11.18 44.25
CA PHE B 773 18.75 -12.52 44.10
C PHE B 773 17.68 -13.51 43.64
N PRO B 774 16.53 -13.56 44.32
CA PRO B 774 15.50 -14.53 43.92
C PRO B 774 14.96 -14.43 42.49
N TYR B 775 15.33 -13.40 41.75
CA TYR B 775 14.72 -13.16 40.43
C TYR B 775 15.72 -13.24 39.28
N VAL B 776 16.97 -13.59 39.59
CA VAL B 776 18.00 -13.61 38.58
C VAL B 776 17.61 -14.55 37.45
N GLY B 777 17.17 -15.77 37.80
CA GLY B 777 16.67 -16.76 36.84
C GLY B 777 15.57 -16.24 35.93
N THR B 778 14.60 -15.54 36.52
CA THR B 778 13.50 -14.93 35.76
C THR B 778 13.97 -13.96 34.70
N ILE B 779 15.01 -13.19 35.03
CA ILE B 779 15.48 -12.14 34.14
C ILE B 779 16.29 -12.80 33.03
N PHE B 780 17.20 -13.69 33.43
CA PHE B 780 17.97 -14.47 32.44
C PHE B 780 17.06 -15.28 31.51
N GLN B 781 15.91 -15.71 32.02
CA GLN B 781 14.92 -16.37 31.18
C GLN B 781 14.40 -15.39 30.13
N PHE B 782 14.17 -14.15 30.53
CA PHE B 782 13.71 -13.13 29.58
C PHE B 782 14.79 -12.79 28.57
N ILE B 783 16.04 -12.80 29.00
CA ILE B 783 17.16 -12.49 28.11
C ILE B 783 17.29 -13.60 27.07
N ALA B 784 16.92 -14.83 27.42
CA ALA B 784 16.84 -15.95 26.48
C ALA B 784 15.87 -15.67 25.32
N GLN B 785 14.70 -15.09 25.63
CA GLN B 785 13.74 -14.69 24.59
C GLN B 785 14.33 -13.63 23.67
N VAL B 786 15.12 -12.73 24.24
CA VAL B 786 15.73 -11.69 23.45
C VAL B 786 16.68 -12.38 22.48
N ALA B 787 17.55 -13.23 23.00
CA ALA B 787 18.49 -13.98 22.17
C ALA B 787 17.79 -14.83 21.10
N GLU B 788 16.56 -15.26 21.38
CA GLU B 788 15.81 -16.13 20.48
C GLU B 788 15.11 -15.36 19.36
N ASP B 789 14.41 -14.28 19.72
CA ASP B 789 13.54 -13.54 18.79
C ASP B 789 14.26 -12.38 18.07
N PRO B 790 14.35 -12.43 16.73
CA PRO B 790 14.93 -11.33 15.96
C PRO B 790 14.27 -9.96 16.13
N GLN B 791 12.96 -9.93 16.39
CA GLN B 791 12.27 -8.64 16.62
C GLN B 791 12.81 -7.96 17.88
N LEU B 792 13.36 -8.76 18.79
CA LEU B 792 14.02 -8.25 19.98
C LEU B 792 15.50 -8.00 19.73
N TYR B 793 16.28 -9.06 19.56
CA TYR B 793 17.74 -8.91 19.51
C TYR B 793 18.23 -8.06 18.34
N SER B 794 17.52 -8.06 17.22
CA SER B 794 17.97 -7.29 16.04
C SER B 794 17.80 -5.78 16.24
N GLU B 795 16.94 -5.38 17.18
CA GLU B 795 16.88 -3.97 17.59
C GLU B 795 18.08 -3.63 18.47
N ASP B 796 18.86 -2.68 17.98
CA ASP B 796 20.13 -2.31 18.60
C ASP B 796 19.98 -1.90 20.06
N ALA B 797 18.99 -1.06 20.34
CA ALA B 797 18.74 -0.61 21.71
C ALA B 797 18.38 -1.76 22.64
N THR B 798 17.51 -2.66 22.18
CA THR B 798 17.08 -3.81 22.98
C THR B 798 18.25 -4.73 23.32
N SER B 799 19.16 -4.95 22.37
CA SER B 799 20.31 -5.84 22.61
C SER B 799 21.29 -5.25 23.59
N ARG B 800 21.62 -3.96 23.43
CA ARG B 800 22.50 -3.25 24.34
C ARG B 800 21.96 -3.26 25.77
N ALA B 801 20.64 -3.23 25.91
CA ALA B 801 20.02 -3.29 27.22
C ALA B 801 20.16 -4.68 27.79
N ALA B 802 19.77 -5.67 27.00
CA ALA B 802 19.83 -7.09 27.36
C ALA B 802 21.23 -7.49 27.77
N VAL B 803 22.19 -7.22 26.91
CA VAL B 803 23.57 -7.58 27.19
C VAL B 803 24.14 -6.74 28.35
N GLY B 804 23.60 -5.54 28.56
CA GLY B 804 23.98 -4.73 29.72
C GLY B 804 23.47 -5.28 31.03
N LEU B 805 22.27 -5.87 31.02
CA LEU B 805 21.75 -6.57 32.19
C LEU B 805 22.69 -7.72 32.56
N ILE B 806 23.10 -8.50 31.55
CA ILE B 806 24.00 -9.63 31.77
C ILE B 806 25.21 -9.17 32.58
N GLY B 807 25.80 -8.07 32.13
CA GLY B 807 26.95 -7.49 32.83
C GLY B 807 26.64 -6.93 34.20
N ASP B 808 25.66 -6.01 34.28
CA ASP B 808 25.32 -5.33 35.56
C ASP B 808 24.90 -6.31 36.65
N ILE B 809 24.10 -7.32 36.29
CA ILE B 809 23.69 -8.34 37.22
C ILE B 809 24.92 -9.05 37.75
N ALA B 810 25.82 -9.44 36.86
CA ALA B 810 27.08 -10.08 37.26
C ALA B 810 27.85 -9.22 38.27
N ALA B 811 27.92 -7.91 38.02
CA ALA B 811 28.62 -6.99 38.92
C ALA B 811 28.04 -6.92 40.34
N MET B 812 26.79 -7.35 40.51
CA MET B 812 26.12 -7.31 41.80
C MET B 812 26.40 -8.53 42.66
N PHE B 813 26.74 -9.65 42.00
CA PHE B 813 26.95 -10.93 42.67
C PHE B 813 28.36 -11.49 42.46
N PRO B 814 29.37 -10.78 43.01
CA PRO B 814 30.77 -11.14 42.84
C PRO B 814 31.26 -12.29 43.74
N ASP B 815 30.35 -13.10 44.27
CA ASP B 815 30.70 -14.21 45.13
C ASP B 815 30.39 -15.56 44.47
N GLY B 816 30.04 -15.54 43.18
CA GLY B 816 29.65 -16.74 42.47
C GLY B 816 28.30 -17.31 42.89
N SER B 817 27.43 -16.49 43.48
CA SER B 817 26.07 -16.90 43.84
C SER B 817 25.25 -17.28 42.61
N ILE B 818 25.57 -16.65 41.48
CA ILE B 818 24.79 -16.83 40.26
C ILE B 818 25.65 -17.27 39.07
N LYS B 819 26.89 -17.70 39.32
CA LYS B 819 27.81 -18.02 38.23
C LYS B 819 27.33 -19.15 37.30
N GLN B 820 26.37 -19.95 37.74
CA GLN B 820 25.83 -21.04 36.92
C GLN B 820 25.14 -20.55 35.64
N PHE B 821 24.65 -19.31 35.65
CA PHE B 821 23.99 -18.73 34.46
C PHE B 821 25.00 -18.32 33.39
N TYR B 822 26.19 -17.92 33.81
CA TYR B 822 27.21 -17.39 32.91
C TYR B 822 28.02 -18.46 32.17
N GLY B 823 27.80 -19.73 32.50
CA GLY B 823 28.43 -20.85 31.82
C GLY B 823 27.58 -21.49 30.73
N GLN B 824 26.39 -20.96 30.50
CA GLN B 824 25.49 -21.48 29.47
C GLN B 824 25.94 -21.06 28.07
N ASP B 825 25.66 -21.91 27.09
CA ASP B 825 26.16 -21.71 25.72
C ASP B 825 25.48 -20.54 25.04
N TRP B 826 24.16 -20.47 25.16
CA TRP B 826 23.40 -19.40 24.53
C TRP B 826 23.87 -18.03 25.03
N VAL B 827 24.29 -17.94 26.29
CA VAL B 827 24.77 -16.68 26.86
C VAL B 827 26.12 -16.29 26.28
N ILE B 828 27.03 -17.26 26.16
CA ILE B 828 28.34 -17.00 25.53
C ILE B 828 28.12 -16.68 24.07
N ASP B 829 27.21 -17.41 23.44
CA ASP B 829 26.91 -17.21 22.04
C ASP B 829 26.18 -15.89 21.79
N TYR B 830 25.34 -15.45 22.74
CA TYR B 830 24.58 -14.19 22.59
C TYR B 830 25.48 -12.97 22.74
N ILE B 831 26.43 -13.03 23.66
CA ILE B 831 27.40 -11.97 23.83
C ILE B 831 28.24 -11.81 22.55
N LYS B 832 28.63 -12.95 21.98
CA LYS B 832 29.41 -12.99 20.74
C LYS B 832 28.66 -12.37 19.56
N ARG B 833 27.39 -12.75 19.37
CA ARG B 833 26.58 -12.22 18.25
C ARG B 833 26.50 -10.69 18.31
N THR B 834 26.52 -10.15 19.52
CA THR B 834 26.34 -8.73 19.74
C THR B 834 27.61 -7.90 19.43
N ARG B 835 28.78 -8.55 19.41
CA ARG B 835 30.04 -7.87 19.06
C ARG B 835 30.40 -8.01 17.58
N SER B 836 29.45 -8.41 16.74
CA SER B 836 29.74 -8.78 15.36
C SER B 836 29.04 -7.89 14.31
N GLY B 837 29.72 -7.69 13.19
CA GLY B 837 29.14 -7.03 12.01
C GLY B 837 28.89 -5.55 12.20
N GLN B 838 27.92 -5.01 11.46
CA GLN B 838 27.53 -3.62 11.62
C GLN B 838 26.25 -3.53 12.42
N LEU B 839 25.17 -4.12 11.92
CA LEU B 839 23.87 -4.09 12.62
C LEU B 839 23.94 -3.35 13.96
N PHE B 840 24.70 -3.90 14.90
CA PHE B 840 24.86 -3.32 16.22
C PHE B 840 25.87 -2.19 16.24
N SER B 841 25.47 -1.04 16.75
CA SER B 841 26.34 0.12 16.85
C SER B 841 27.55 -0.12 17.75
N GLN B 842 28.46 0.84 17.79
CA GLN B 842 29.65 0.78 18.64
C GLN B 842 29.27 0.72 20.13
N ALA B 843 28.34 1.57 20.54
CA ALA B 843 27.89 1.58 21.93
C ALA B 843 27.44 0.19 22.39
N THR B 844 26.71 -0.52 21.52
CA THR B 844 26.26 -1.89 21.82
C THR B 844 27.40 -2.88 21.95
N LYS B 845 28.34 -2.82 21.00
CA LYS B 845 29.54 -3.63 21.01
C LYS B 845 30.38 -3.40 22.27
N ASP B 846 30.47 -2.15 22.75
CA ASP B 846 31.26 -1.84 23.94
C ASP B 846 30.56 -2.33 25.21
N THR B 847 29.23 -2.32 25.22
CA THR B 847 28.48 -2.93 26.32
C THR B 847 28.66 -4.46 26.31
N ALA B 848 28.64 -5.06 25.13
CA ALA B 848 28.87 -6.50 24.97
C ALA B 848 30.28 -6.90 25.39
N ARG B 849 31.25 -6.01 25.22
CA ARG B 849 32.59 -6.25 25.76
C ARG B 849 32.55 -6.30 27.28
N TRP B 850 31.88 -5.33 27.88
CA TRP B 850 31.73 -5.27 29.34
C TRP B 850 31.10 -6.55 29.88
N ALA B 851 30.04 -7.01 29.22
CA ALA B 851 29.34 -8.23 29.58
C ALA B 851 30.20 -9.47 29.39
N ARG B 852 31.02 -9.48 28.34
CA ARG B 852 31.93 -10.59 28.08
C ARG B 852 32.95 -10.74 29.18
N GLU B 853 33.51 -9.62 29.63
CA GLU B 853 34.52 -9.64 30.68
C GLU B 853 33.93 -10.00 32.04
N GLN B 854 32.78 -9.42 32.38
CA GLN B 854 32.06 -9.77 33.60
C GLN B 854 31.71 -11.26 33.64
N GLN B 855 31.38 -11.81 32.48
CA GLN B 855 30.99 -13.21 32.37
C GLN B 855 32.20 -14.15 32.52
N LYS B 856 33.38 -13.68 32.13
CA LYS B 856 34.61 -14.46 32.29
C LYS B 856 35.01 -14.56 33.75
N ARG B 857 34.79 -13.50 34.52
CA ARG B 857 35.07 -13.51 35.96
C ARG B 857 34.17 -14.49 36.69
N GLN B 858 32.91 -14.60 36.28
CA GLN B 858 31.97 -15.50 36.95
C GLN B 858 32.48 -16.93 36.89
N LEU B 859 32.92 -17.35 35.70
CA LEU B 859 33.44 -18.70 35.52
C LEU B 859 34.73 -18.93 36.31
N SER B 860 35.54 -17.90 36.47
CA SER B 860 36.81 -18.01 37.22
C SER B 860 36.68 -17.70 38.72
N LEU B 861 35.46 -17.81 39.26
CA LEU B 861 35.22 -17.69 40.69
C LEU B 861 35.04 -19.11 41.21
N VAL C 9 29.58 -26.42 -40.44
CA VAL C 9 28.23 -26.04 -39.91
C VAL C 9 28.38 -24.97 -38.81
N GLN C 10 27.97 -23.74 -39.13
CA GLN C 10 28.04 -22.61 -38.20
C GLN C 10 26.80 -21.70 -38.29
N PHE C 11 26.43 -21.10 -37.17
CA PHE C 11 25.25 -20.23 -37.10
C PHE C 11 25.59 -18.91 -36.40
N LYS C 12 24.98 -17.83 -36.87
CA LYS C 12 25.11 -16.53 -36.21
C LYS C 12 24.08 -16.40 -35.09
N LEU C 13 24.59 -16.12 -33.89
CA LEU C 13 23.77 -15.99 -32.70
C LEU C 13 23.96 -14.58 -32.13
N VAL C 14 22.89 -13.80 -32.06
CA VAL C 14 22.96 -12.51 -31.36
C VAL C 14 22.51 -12.69 -29.93
N LEU C 15 23.27 -12.11 -29.01
CA LEU C 15 22.97 -12.12 -27.59
C LEU C 15 22.60 -10.70 -27.14
N VAL C 16 21.42 -10.55 -26.56
CA VAL C 16 20.89 -9.22 -26.21
C VAL C 16 20.27 -9.20 -24.80
N GLY C 17 20.13 -8.00 -24.24
CA GLY C 17 19.61 -7.81 -22.88
C GLY C 17 20.13 -6.54 -22.23
N ASP C 18 19.46 -6.09 -21.18
CA ASP C 18 19.88 -4.89 -20.44
C ASP C 18 21.29 -5.06 -19.91
N GLY C 19 22.00 -3.94 -19.82
CA GLY C 19 23.38 -3.94 -19.36
C GLY C 19 23.52 -4.48 -17.96
N GLY C 20 24.61 -5.19 -17.70
CA GLY C 20 24.91 -5.77 -16.39
C GLY C 20 24.18 -7.05 -16.04
N THR C 21 23.44 -7.62 -17.00
CA THR C 21 22.68 -8.86 -16.79
C THR C 21 23.53 -10.13 -16.89
N GLY C 22 24.74 -10.01 -17.46
CA GLY C 22 25.70 -11.13 -17.49
C GLY C 22 25.93 -11.79 -18.84
N LYS C 23 25.69 -11.05 -19.92
CA LYS C 23 25.82 -11.56 -21.28
C LYS C 23 27.27 -11.91 -21.63
N THR C 24 28.17 -10.97 -21.39
CA THR C 24 29.60 -11.17 -21.64
C THR C 24 30.17 -12.26 -20.73
N THR C 25 29.84 -12.17 -19.44
CA THR C 25 30.24 -13.18 -18.48
C THR C 25 29.85 -14.57 -18.97
N PHE C 26 28.58 -14.71 -19.38
CA PHE C 26 28.06 -15.99 -19.84
C PHE C 26 28.92 -16.55 -20.97
N VAL C 27 29.16 -15.71 -21.98
CA VAL C 27 29.92 -16.11 -23.16
C VAL C 27 31.38 -16.38 -22.81
N LYS C 28 32.04 -15.45 -22.14
CA LYS C 28 33.45 -15.61 -21.79
C LYS C 28 33.70 -16.95 -21.10
N ARG C 29 32.79 -17.35 -20.19
CA ARG C 29 32.87 -18.64 -19.51
C ARG C 29 32.85 -19.81 -20.48
N HIS C 30 31.87 -19.80 -21.38
CA HIS C 30 31.80 -20.81 -22.42
C HIS C 30 33.06 -20.80 -23.27
N LEU C 31 33.59 -19.61 -23.52
CA LEU C 31 34.73 -19.42 -24.41
C LEU C 31 36.05 -19.88 -23.82
N THR C 32 36.30 -19.55 -22.55
CA THR C 32 37.59 -19.84 -21.90
C THR C 32 37.54 -20.52 -20.51
N GLY C 33 36.35 -20.65 -19.93
CA GLY C 33 36.22 -21.19 -18.58
C GLY C 33 36.53 -20.17 -17.49
N GLU C 34 36.78 -18.92 -17.87
CA GLU C 34 37.07 -17.88 -16.91
C GLU C 34 35.80 -17.15 -16.53
N PHE C 35 35.56 -16.99 -15.22
CA PHE C 35 34.42 -16.22 -14.70
C PHE C 35 34.83 -14.78 -14.40
N GLU C 36 34.36 -13.85 -15.23
CA GLU C 36 34.65 -12.44 -15.04
C GLU C 36 33.87 -11.92 -13.83
N LYS C 37 34.57 -11.20 -12.94
CA LYS C 37 33.96 -10.64 -11.74
C LYS C 37 33.61 -9.18 -11.96
N LYS C 38 34.54 -8.41 -12.53
CA LYS C 38 34.34 -7.00 -12.84
C LYS C 38 33.33 -6.81 -13.97
N TYR C 39 32.43 -5.86 -13.80
CA TYR C 39 31.50 -5.47 -14.87
C TYR C 39 32.14 -4.41 -15.75
N VAL C 40 32.54 -4.81 -16.96
CA VAL C 40 33.02 -3.87 -17.96
C VAL C 40 32.01 -3.80 -19.11
N PRO C 41 31.34 -2.64 -19.22
CA PRO C 41 30.33 -2.43 -20.24
C PRO C 41 30.89 -2.75 -21.61
N THR C 42 30.19 -3.62 -22.34
CA THR C 42 30.60 -3.96 -23.69
C THR C 42 30.36 -2.78 -24.61
N LEU C 43 31.31 -2.56 -25.50
CA LEU C 43 31.33 -1.41 -26.37
C LEU C 43 30.93 -1.86 -27.78
N GLY C 44 29.64 -1.78 -28.07
CA GLY C 44 29.11 -2.21 -29.37
C GLY C 44 28.85 -3.71 -29.44
N VAL C 45 29.89 -4.48 -29.73
CA VAL C 45 29.78 -5.92 -29.80
C VAL C 45 31.14 -6.59 -29.75
N GLU C 46 31.21 -7.74 -29.07
CA GLU C 46 32.35 -8.63 -29.10
C GLU C 46 31.90 -9.91 -29.80
N VAL C 47 32.51 -10.23 -30.94
CA VAL C 47 32.17 -11.45 -31.68
C VAL C 47 33.17 -12.57 -31.36
N HIS C 48 32.65 -13.68 -30.86
CA HIS C 48 33.47 -14.84 -30.49
C HIS C 48 32.83 -16.12 -30.97
N PRO C 49 33.60 -17.02 -31.60
CA PRO C 49 33.06 -18.33 -31.97
C PRO C 49 33.05 -19.30 -30.79
N LEU C 50 31.95 -20.05 -30.65
CA LEU C 50 31.85 -21.16 -29.71
C LEU C 50 31.56 -22.44 -30.48
N VAL C 51 32.32 -23.48 -30.20
CA VAL C 51 32.11 -24.78 -30.84
C VAL C 51 31.72 -25.80 -29.80
N PHE C 52 30.65 -26.55 -30.09
CA PHE C 52 30.19 -27.63 -29.21
C PHE C 52 30.33 -28.93 -29.98
N HIS C 53 30.96 -29.92 -29.36
CA HIS C 53 31.34 -31.17 -30.02
C HIS C 53 30.23 -32.18 -29.77
N THR C 54 29.27 -32.19 -30.68
CA THR C 54 28.05 -32.94 -30.46
C THR C 54 28.22 -34.40 -30.87
N ASN C 55 27.18 -35.20 -30.63
CA ASN C 55 27.17 -36.57 -31.11
C ASN C 55 27.03 -36.63 -32.64
N ARG C 56 26.54 -35.53 -33.24
CA ARG C 56 26.46 -35.37 -34.70
C ARG C 56 27.50 -34.36 -35.23
N GLY C 57 28.74 -34.50 -34.77
CA GLY C 57 29.81 -33.60 -35.21
C GLY C 57 29.73 -32.24 -34.55
N PRO C 58 30.68 -31.36 -34.87
CA PRO C 58 30.72 -30.09 -34.14
C PRO C 58 29.71 -29.09 -34.69
N ILE C 59 29.17 -28.26 -33.80
CA ILE C 59 28.33 -27.14 -34.20
C ILE C 59 28.95 -25.86 -33.70
N LYS C 60 29.02 -24.87 -34.58
CA LYS C 60 29.68 -23.60 -34.28
C LYS C 60 28.69 -22.45 -34.22
N PHE C 61 28.71 -21.72 -33.10
CA PHE C 61 27.91 -20.52 -32.94
C PHE C 61 28.81 -19.30 -32.96
N ASN C 62 28.68 -18.49 -34.00
CA ASN C 62 29.37 -17.20 -34.00
C ASN C 62 28.56 -16.23 -33.16
N VAL C 63 28.99 -16.06 -31.91
CA VAL C 63 28.24 -15.27 -30.93
C VAL C 63 28.49 -13.77 -31.06
N TRP C 64 27.43 -13.00 -31.33
CA TRP C 64 27.51 -11.54 -31.32
C TRP C 64 27.00 -11.00 -29.99
N ASP C 65 27.93 -10.71 -29.09
CA ASP C 65 27.64 -10.29 -27.73
C ASP C 65 27.41 -8.77 -27.72
N THR C 66 26.14 -8.36 -27.74
CA THR C 66 25.82 -6.94 -27.93
C THR C 66 25.77 -6.14 -26.62
N ALA C 67 26.01 -4.83 -26.75
CA ALA C 67 25.98 -3.92 -25.60
C ALA C 67 24.57 -3.73 -25.09
N GLY C 68 24.41 -3.71 -23.78
CA GLY C 68 23.13 -3.43 -23.16
C GLY C 68 22.91 -1.96 -22.86
N GLN C 69 23.98 -1.19 -22.66
CA GLN C 69 23.83 0.22 -22.30
C GLN C 69 23.60 1.09 -23.52
N GLU C 70 22.58 1.94 -23.45
CA GLU C 70 22.23 2.86 -24.53
C GLU C 70 23.48 3.61 -24.99
N LYS C 71 24.24 4.19 -24.06
CA LYS C 71 25.48 4.88 -24.40
C LYS C 71 26.32 4.07 -25.40
N PHE C 72 26.48 2.77 -25.15
CA PHE C 72 27.42 1.94 -25.90
C PHE C 72 26.75 1.00 -26.91
N GLY C 73 25.56 1.41 -27.38
CA GLY C 73 24.79 0.62 -28.32
C GLY C 73 25.45 0.19 -29.62
N GLY C 74 26.42 0.97 -30.10
CA GLY C 74 27.09 0.66 -31.36
C GLY C 74 26.09 0.69 -32.49
N LEU C 75 26.11 -0.33 -33.34
CA LEU C 75 25.13 -0.47 -34.42
C LEU C 75 23.75 -0.93 -33.94
N ARG C 76 23.64 -1.31 -32.67
CA ARG C 76 22.37 -1.72 -32.07
C ARG C 76 21.73 -2.87 -32.84
N ASP C 77 20.51 -2.67 -33.34
CA ASP C 77 19.83 -3.70 -34.11
C ASP C 77 20.47 -3.97 -35.48
N GLY C 78 21.42 -3.13 -35.89
CA GLY C 78 22.31 -3.44 -37.01
C GLY C 78 22.97 -4.80 -36.83
N TYR C 79 23.37 -5.12 -35.59
CA TYR C 79 24.02 -6.40 -35.31
C TYR C 79 23.12 -7.58 -35.54
N TYR C 80 21.80 -7.37 -35.58
CA TYR C 80 20.87 -8.48 -35.76
C TYR C 80 20.83 -8.96 -37.20
N ILE C 81 21.32 -8.16 -38.14
CA ILE C 81 21.26 -8.49 -39.55
C ILE C 81 21.88 -9.86 -39.80
N GLN C 82 21.09 -10.75 -40.42
CA GLN C 82 21.51 -12.13 -40.75
C GLN C 82 21.65 -13.10 -39.58
N ALA C 83 21.29 -12.67 -38.36
CA ALA C 83 21.29 -13.57 -37.20
C ALA C 83 20.30 -14.72 -37.42
N GLN C 84 20.77 -15.95 -37.23
CA GLN C 84 19.91 -17.12 -37.42
C GLN C 84 19.20 -17.58 -36.14
N CYS C 85 19.62 -17.04 -35.00
CA CYS C 85 19.02 -17.35 -33.70
C CYS C 85 19.48 -16.32 -32.65
N ALA C 86 18.85 -16.32 -31.49
CA ALA C 86 19.17 -15.32 -30.48
C ALA C 86 18.97 -15.81 -29.04
N ILE C 87 19.68 -15.14 -28.13
CA ILE C 87 19.45 -15.29 -26.71
C ILE C 87 19.08 -13.93 -26.17
N ILE C 88 17.92 -13.85 -25.51
CA ILE C 88 17.55 -12.68 -24.73
C ILE C 88 17.85 -12.99 -23.27
N MET C 89 18.69 -12.15 -22.64
CA MET C 89 19.00 -12.35 -21.26
C MET C 89 18.45 -11.24 -20.38
N PHE C 90 17.91 -11.63 -19.23
CA PHE C 90 17.57 -10.71 -18.16
C PHE C 90 18.17 -11.17 -16.83
N ASP C 91 18.25 -10.23 -15.88
CA ASP C 91 18.78 -10.49 -14.56
C ASP C 91 17.61 -10.70 -13.62
N VAL C 92 17.51 -11.92 -13.09
CA VAL C 92 16.45 -12.32 -12.13
C VAL C 92 16.47 -11.48 -10.85
N THR C 93 17.62 -10.88 -10.57
CA THR C 93 17.84 -10.00 -9.43
C THR C 93 17.30 -8.56 -9.64
N SER C 94 16.88 -8.23 -10.86
CA SER C 94 16.51 -6.86 -11.24
C SER C 94 15.25 -6.84 -12.13
N ARG C 95 14.10 -6.51 -11.53
CA ARG C 95 12.78 -6.52 -12.21
C ARG C 95 12.77 -5.75 -13.53
N VAL C 96 13.43 -4.59 -13.54
CA VAL C 96 13.43 -3.73 -14.73
C VAL C 96 13.98 -4.48 -15.96
N THR C 97 15.00 -5.32 -15.75
CA THR C 97 15.62 -6.09 -16.84
C THR C 97 14.67 -7.15 -17.40
N TYR C 98 13.69 -7.56 -16.63
CA TYR C 98 12.64 -8.42 -17.14
C TYR C 98 11.56 -7.54 -17.77
N LYS C 99 11.35 -6.36 -17.20
CA LYS C 99 10.35 -5.42 -17.72
C LYS C 99 10.66 -5.00 -19.15
N ASN C 100 11.96 -4.93 -19.50
CA ASN C 100 12.41 -4.62 -20.86
C ASN C 100 12.49 -5.78 -21.86
N VAL C 101 12.28 -7.02 -21.42
CA VAL C 101 12.40 -8.17 -22.32
C VAL C 101 11.50 -8.00 -23.55
N PRO C 102 10.23 -7.62 -23.35
CA PRO C 102 9.35 -7.37 -24.51
C PRO C 102 9.91 -6.39 -25.55
N ASN C 103 10.65 -5.37 -25.10
CA ASN C 103 11.34 -4.45 -26.02
C ASN C 103 12.48 -5.12 -26.77
N TRP C 104 13.28 -5.94 -26.08
CA TRP C 104 14.35 -6.67 -26.73
C TRP C 104 13.80 -7.65 -27.79
N HIS C 105 12.73 -8.35 -27.44
CA HIS C 105 12.14 -9.31 -28.39
C HIS C 105 11.61 -8.57 -29.62
N ARG C 106 10.93 -7.44 -29.39
CA ARG C 106 10.40 -6.63 -30.49
C ARG C 106 11.50 -6.25 -31.51
N ASP C 107 12.54 -5.56 -31.02
CA ASP C 107 13.61 -5.06 -31.88
C ASP C 107 14.33 -6.18 -32.64
N LEU C 108 14.38 -7.38 -32.06
CA LEU C 108 14.93 -8.56 -32.74
C LEU C 108 14.12 -8.96 -33.96
N VAL C 109 12.85 -9.24 -33.73
CA VAL C 109 12.01 -9.86 -34.75
C VAL C 109 11.69 -8.92 -35.90
N ARG C 110 11.82 -7.62 -35.66
CA ARG C 110 11.70 -6.62 -36.71
C ARG C 110 12.83 -6.73 -37.74
N VAL C 111 13.95 -7.32 -37.33
CA VAL C 111 15.11 -7.49 -38.18
C VAL C 111 15.30 -8.95 -38.59
N CYS C 112 15.13 -9.88 -37.64
CA CYS C 112 15.18 -11.31 -37.93
C CYS C 112 13.76 -11.86 -37.88
N GLU C 113 13.13 -11.93 -39.05
CA GLU C 113 11.74 -12.36 -39.18
C GLU C 113 11.39 -13.55 -38.29
N ASN C 114 11.97 -14.70 -38.60
CA ASN C 114 11.52 -15.96 -37.97
C ASN C 114 12.69 -16.82 -37.51
N ILE C 115 13.17 -16.54 -36.29
CA ILE C 115 14.28 -17.29 -35.73
C ILE C 115 13.88 -17.90 -34.40
N PRO C 116 14.57 -18.98 -34.00
CA PRO C 116 14.43 -19.49 -32.65
C PRO C 116 15.20 -18.60 -31.68
N ILE C 117 14.58 -18.33 -30.53
CA ILE C 117 15.09 -17.42 -29.51
C ILE C 117 14.91 -18.05 -28.14
N VAL C 118 15.95 -18.00 -27.33
CA VAL C 118 15.88 -18.48 -25.95
C VAL C 118 15.86 -17.29 -24.98
N LEU C 119 14.99 -17.37 -23.97
CA LEU C 119 14.93 -16.37 -22.90
C LEU C 119 15.61 -16.94 -21.65
N CYS C 120 16.65 -16.25 -21.16
CA CYS C 120 17.40 -16.70 -19.99
C CYS C 120 17.27 -15.73 -18.82
N GLY C 121 16.83 -16.23 -17.68
CA GLY C 121 16.90 -15.49 -16.45
C GLY C 121 18.22 -15.87 -15.79
N ASN C 122 19.17 -14.94 -15.80
CA ASN C 122 20.51 -15.14 -15.23
C ASN C 122 20.57 -14.70 -13.76
N LYS C 123 21.62 -15.16 -13.07
CA LYS C 123 21.89 -14.83 -11.66
C LYS C 123 20.90 -15.51 -10.71
N VAL C 124 20.45 -16.71 -11.06
CA VAL C 124 19.59 -17.49 -10.16
C VAL C 124 20.32 -17.98 -8.89
N ASP C 125 21.65 -17.91 -8.89
CA ASP C 125 22.46 -18.23 -7.72
C ASP C 125 22.29 -17.25 -6.57
N ILE C 126 21.94 -16.00 -6.88
CA ILE C 126 21.77 -14.99 -5.85
C ILE C 126 20.55 -15.32 -5.01
N LYS C 127 20.68 -15.05 -3.71
CA LYS C 127 19.72 -15.49 -2.69
C LYS C 127 18.29 -14.99 -2.95
N ASP C 128 18.02 -13.70 -2.76
CA ASP C 128 16.66 -13.22 -2.96
C ASP C 128 16.46 -12.77 -4.41
N ARG C 129 15.73 -13.59 -5.16
CA ARG C 129 15.24 -13.20 -6.47
C ARG C 129 14.27 -12.05 -6.31
N LYS C 130 14.28 -11.15 -7.28
CA LYS C 130 13.23 -10.14 -7.37
C LYS C 130 12.22 -10.46 -8.50
N VAL C 131 12.50 -11.48 -9.29
CA VAL C 131 11.62 -11.89 -10.39
C VAL C 131 11.42 -13.41 -10.37
N LYS C 132 10.47 -13.87 -9.57
CA LYS C 132 10.29 -15.32 -9.37
C LYS C 132 9.70 -16.02 -10.58
N ALA C 133 9.65 -17.35 -10.52
CA ALA C 133 9.11 -18.17 -11.62
C ALA C 133 7.67 -17.80 -11.98
N LYS C 134 6.94 -17.31 -10.98
CA LYS C 134 5.56 -16.88 -11.13
C LYS C 134 5.38 -15.75 -12.13
N SER C 135 6.31 -14.78 -12.12
CA SER C 135 6.21 -13.57 -12.98
C SER C 135 6.73 -13.76 -14.38
N ILE C 136 7.59 -14.75 -14.58
CA ILE C 136 8.21 -14.99 -15.88
C ILE C 136 7.20 -15.67 -16.77
N VAL C 137 6.54 -14.88 -17.60
CA VAL C 137 5.43 -15.35 -18.41
C VAL C 137 5.59 -15.06 -19.90
N PHE C 138 6.72 -14.47 -20.29
CA PHE C 138 6.91 -13.98 -21.67
C PHE C 138 7.23 -15.09 -22.66
N HIS C 139 8.05 -16.06 -22.25
CA HIS C 139 8.26 -17.28 -23.03
C HIS C 139 6.91 -17.90 -23.47
N ARG C 140 5.95 -17.86 -22.55
CA ARG C 140 4.62 -18.44 -22.73
C ARG C 140 3.83 -17.69 -23.81
N LYS C 141 3.84 -16.36 -23.74
CA LYS C 141 3.04 -15.53 -24.64
C LYS C 141 3.56 -15.50 -26.07
N LYS C 142 4.84 -15.80 -26.28
CA LYS C 142 5.43 -15.75 -27.63
C LYS C 142 6.11 -17.06 -28.02
N ASN C 143 5.67 -18.15 -27.39
CA ASN C 143 6.22 -19.49 -27.64
C ASN C 143 7.73 -19.50 -27.79
N LEU C 144 8.43 -19.00 -26.76
CA LEU C 144 9.89 -19.12 -26.65
C LEU C 144 10.25 -20.18 -25.61
N GLN C 145 11.53 -20.50 -25.56
CA GLN C 145 12.07 -21.40 -24.57
C GLN C 145 12.69 -20.57 -23.47
N TYR C 146 12.35 -20.87 -22.22
CA TYR C 146 12.94 -20.18 -21.09
C TYR C 146 13.85 -21.10 -20.29
N TYR C 147 14.93 -20.52 -19.74
CA TYR C 147 15.74 -21.18 -18.73
C TYR C 147 16.15 -20.21 -17.64
N ASP C 148 16.07 -20.68 -16.40
CA ASP C 148 16.89 -20.16 -15.31
C ASP C 148 18.33 -20.49 -15.66
N ILE C 149 19.20 -19.52 -15.47
CA ILE C 149 20.62 -19.71 -15.72
C ILE C 149 21.40 -19.02 -14.62
N SER C 150 22.61 -19.50 -14.40
CA SER C 150 23.59 -18.78 -13.60
C SER C 150 24.97 -18.92 -14.24
N ALA C 151 25.50 -17.81 -14.77
CA ALA C 151 26.85 -17.80 -15.33
C ALA C 151 27.94 -17.96 -14.24
N LYS C 152 27.52 -17.89 -12.97
CA LYS C 152 28.42 -18.07 -11.82
C LYS C 152 28.41 -19.50 -11.26
N SER C 153 27.23 -20.02 -10.90
CA SER C 153 27.10 -21.38 -10.38
C SER C 153 27.05 -22.43 -11.50
N ASN C 154 27.09 -21.97 -12.76
CA ASN C 154 26.99 -22.83 -13.93
C ASN C 154 25.68 -23.63 -13.97
N TYR C 155 24.63 -23.09 -13.36
CA TYR C 155 23.32 -23.71 -13.45
C TYR C 155 22.86 -23.65 -14.89
N ASN C 156 22.38 -24.78 -15.41
CA ASN C 156 21.94 -24.93 -16.80
C ASN C 156 22.87 -24.30 -17.84
N PHE C 157 24.16 -24.28 -17.54
CA PHE C 157 25.21 -23.64 -18.35
C PHE C 157 25.02 -23.83 -19.87
N GLU C 158 24.87 -25.08 -20.32
CA GLU C 158 24.83 -25.42 -21.76
C GLU C 158 23.41 -25.49 -22.37
N LYS C 159 22.38 -25.36 -21.55
CA LYS C 159 21.00 -25.55 -22.03
C LYS C 159 20.61 -24.67 -23.23
N PRO C 160 20.79 -23.33 -23.13
CA PRO C 160 20.35 -22.47 -24.24
C PRO C 160 20.97 -22.88 -25.58
N PHE C 161 22.25 -23.27 -25.54
CA PHE C 161 22.94 -23.68 -26.76
C PHE C 161 22.50 -25.06 -27.23
N LEU C 162 22.15 -25.92 -26.28
CA LEU C 162 21.64 -27.24 -26.63
C LEU C 162 20.32 -27.13 -27.37
N TRP C 163 19.40 -26.34 -26.78
CA TRP C 163 18.08 -26.15 -27.34
C TRP C 163 18.16 -25.47 -28.70
N LEU C 164 19.04 -24.48 -28.82
CA LEU C 164 19.20 -23.78 -30.11
C LEU C 164 19.77 -24.72 -31.16
N ALA C 165 20.83 -25.44 -30.83
CA ALA C 165 21.42 -26.42 -31.73
C ALA C 165 20.37 -27.41 -32.26
N ARG C 166 19.57 -27.97 -31.36
CA ARG C 166 18.52 -28.91 -31.76
C ARG C 166 17.60 -28.26 -32.78
N LYS C 167 16.92 -27.19 -32.37
CA LYS C 167 16.00 -26.47 -33.24
C LYS C 167 16.69 -26.07 -34.56
N LEU C 168 17.92 -25.56 -34.48
CA LEU C 168 18.66 -25.13 -35.68
C LEU C 168 18.95 -26.30 -36.64
N ILE C 169 19.51 -27.37 -36.10
CA ILE C 169 19.85 -28.56 -36.89
C ILE C 169 18.60 -29.38 -37.26
N GLY C 170 17.50 -29.16 -36.53
CA GLY C 170 16.27 -29.90 -36.77
C GLY C 170 16.32 -31.35 -36.30
N ASP C 171 17.17 -31.66 -35.31
CA ASP C 171 17.26 -32.99 -34.71
C ASP C 171 17.05 -32.98 -33.19
N PRO C 172 15.87 -33.46 -32.71
CA PRO C 172 15.57 -33.57 -31.28
C PRO C 172 16.53 -34.38 -30.40
N ASN C 173 17.34 -35.25 -31.00
CA ASN C 173 18.24 -36.13 -30.23
C ASN C 173 19.70 -35.67 -30.10
N LEU C 174 19.98 -34.44 -30.48
CA LEU C 174 21.34 -33.92 -30.48
C LEU C 174 21.88 -33.83 -29.05
N GLU C 175 23.12 -34.26 -28.83
CA GLU C 175 23.73 -34.29 -27.49
C GLU C 175 25.12 -33.65 -27.48
N PHE C 176 25.48 -33.03 -26.36
CA PHE C 176 26.72 -32.26 -26.23
C PHE C 176 27.85 -33.02 -25.53
N VAL C 177 27.56 -33.58 -24.36
CA VAL C 177 28.52 -34.33 -23.50
C VAL C 177 29.96 -34.41 -24.06
N MET D 1 32.93 12.27 -49.54
CA MET D 1 33.07 10.78 -49.50
C MET D 1 32.22 10.09 -50.57
N SER D 2 32.79 9.06 -51.21
CA SER D 2 32.08 8.28 -52.23
C SER D 2 31.01 7.40 -51.61
N THR D 3 29.89 7.26 -52.33
CA THR D 3 28.81 6.38 -51.92
C THR D 3 29.29 4.94 -51.78
N ALA D 4 30.22 4.53 -52.63
CA ALA D 4 30.77 3.17 -52.58
C ALA D 4 31.67 2.94 -51.37
N GLU D 5 32.55 3.90 -51.08
CA GLU D 5 33.44 3.82 -49.92
C GLU D 5 32.61 3.71 -48.64
N PHE D 6 31.56 4.54 -48.55
CA PHE D 6 30.59 4.51 -47.45
C PHE D 6 29.92 3.13 -47.34
N ALA D 7 29.51 2.57 -48.48
CA ALA D 7 28.90 1.25 -48.52
C ALA D 7 29.86 0.17 -48.05
N GLN D 8 31.14 0.35 -48.35
CA GLN D 8 32.16 -0.62 -47.95
C GLN D 8 32.30 -0.64 -46.43
N LEU D 9 32.21 0.54 -45.81
CA LEU D 9 32.20 0.65 -44.35
C LEU D 9 30.99 -0.04 -43.72
N LEU D 10 29.82 0.15 -44.31
CA LEU D 10 28.63 -0.53 -43.84
C LEU D 10 28.81 -2.03 -43.93
N GLU D 11 29.15 -2.54 -45.11
CA GLU D 11 29.36 -3.97 -45.30
C GLU D 11 30.43 -4.53 -44.35
N ASN D 12 31.54 -3.81 -44.22
CA ASN D 12 32.62 -4.24 -43.32
C ASN D 12 32.24 -4.22 -41.85
N SER D 13 31.32 -3.35 -41.46
CA SER D 13 30.89 -3.26 -40.06
C SER D 13 30.32 -4.58 -39.53
N ILE D 14 29.62 -5.31 -40.39
CA ILE D 14 28.98 -6.57 -39.97
C ILE D 14 29.45 -7.82 -40.72
N LEU D 15 30.07 -7.68 -41.89
CA LEU D 15 30.46 -8.83 -42.73
C LEU D 15 31.94 -9.17 -42.70
N SER D 16 32.80 -8.22 -42.32
CA SER D 16 34.22 -8.52 -42.25
C SER D 16 34.47 -9.62 -41.22
N PRO D 17 35.25 -10.66 -41.58
CA PRO D 17 35.64 -11.64 -40.57
C PRO D 17 36.76 -11.13 -39.66
N ASP D 18 37.45 -10.07 -40.08
CA ASP D 18 38.46 -9.42 -39.25
C ASP D 18 37.80 -8.47 -38.26
N GLN D 19 38.01 -8.74 -36.97
CA GLN D 19 37.42 -7.94 -35.90
C GLN D 19 37.89 -6.48 -35.86
N ASN D 20 39.12 -6.22 -36.26
CA ASN D 20 39.67 -4.85 -36.23
C ASN D 20 39.09 -4.00 -37.36
N ILE D 21 38.82 -4.65 -38.49
CA ILE D 21 38.12 -3.98 -39.60
C ILE D 21 36.75 -3.53 -39.10
N ARG D 22 35.97 -4.48 -38.59
CA ARG D 22 34.61 -4.20 -38.09
C ARG D 22 34.59 -3.01 -37.14
N LEU D 23 35.46 -3.05 -36.14
CA LEU D 23 35.57 -1.97 -35.16
C LEU D 23 35.89 -0.64 -35.84
N THR D 24 36.94 -0.62 -36.65
CA THR D 24 37.36 0.57 -37.41
C THR D 24 36.23 1.14 -38.27
N SER D 25 35.56 0.25 -39.00
CA SER D 25 34.48 0.64 -39.91
C SER D 25 33.28 1.22 -39.17
N GLU D 26 32.94 0.63 -38.04
CA GLU D 26 31.87 1.16 -37.17
C GLU D 26 32.27 2.52 -36.61
N THR D 27 33.55 2.66 -36.25
CA THR D 27 34.07 3.89 -35.70
C THR D 27 33.98 5.02 -36.74
N GLN D 28 34.42 4.74 -37.96
CA GLN D 28 34.42 5.74 -39.02
C GLN D 28 32.99 6.18 -39.40
N LEU D 29 32.04 5.23 -39.33
CA LEU D 29 30.63 5.53 -39.58
C LEU D 29 30.05 6.46 -38.53
N LYS D 30 30.47 6.26 -37.28
CA LYS D 30 29.97 7.07 -36.18
C LYS D 30 30.46 8.51 -36.29
N LYS D 31 31.75 8.70 -36.58
CA LYS D 31 32.31 10.05 -36.63
C LYS D 31 31.74 10.82 -37.80
N LEU D 32 31.59 10.17 -38.95
CA LEU D 32 30.97 10.78 -40.11
C LEU D 32 29.56 11.27 -39.77
N SER D 33 28.89 10.50 -38.92
CA SER D 33 27.60 10.89 -38.37
C SER D 33 27.71 12.16 -37.52
N ASN D 34 28.79 12.27 -36.73
CA ASN D 34 29.06 13.43 -35.88
C ASN D 34 29.58 14.65 -36.67
N ASP D 35 30.56 14.42 -37.53
CA ASP D 35 31.26 15.50 -38.22
C ASP D 35 30.41 16.13 -39.32
N ASN D 36 29.64 15.29 -40.02
CA ASN D 36 28.88 15.73 -41.19
C ASN D 36 27.57 14.97 -41.32
N PHE D 37 26.60 15.28 -40.47
CA PHE D 37 25.34 14.54 -40.48
C PHE D 37 24.63 14.66 -41.81
N LEU D 38 24.64 15.86 -42.39
CA LEU D 38 24.00 16.06 -43.69
C LEU D 38 24.44 14.96 -44.64
N GLN D 39 25.74 14.81 -44.81
CA GLN D 39 26.29 13.82 -45.74
C GLN D 39 25.98 12.37 -45.32
N PHE D 40 26.14 12.05 -44.04
CA PHE D 40 25.89 10.70 -43.56
C PHE D 40 24.47 10.22 -43.92
N ALA D 41 23.49 11.06 -43.60
CA ALA D 41 22.10 10.76 -43.91
C ALA D 41 21.91 10.49 -45.39
N GLY D 42 22.36 11.44 -46.22
CA GLY D 42 22.27 11.33 -47.68
C GLY D 42 22.85 10.04 -48.23
N LEU D 43 24.07 9.71 -47.80
CA LEU D 43 24.77 8.51 -48.29
C LEU D 43 24.07 7.25 -47.79
N SER D 44 23.60 7.28 -46.54
CA SER D 44 22.86 6.15 -45.97
C SER D 44 21.68 5.82 -46.86
N SER D 45 20.94 6.85 -47.26
CA SER D 45 19.75 6.68 -48.07
C SER D 45 20.08 6.22 -49.50
N GLN D 46 21.32 6.40 -49.94
CA GLN D 46 21.75 5.96 -51.27
C GLN D 46 22.18 4.51 -51.30
N VAL D 47 22.95 4.09 -50.31
CA VAL D 47 23.33 2.69 -50.21
C VAL D 47 22.09 1.83 -50.01
N LEU D 48 21.10 2.37 -49.32
CA LEU D 48 19.82 1.67 -49.14
C LEU D 48 19.29 1.14 -50.47
N ILE D 49 19.20 2.00 -51.46
CA ILE D 49 18.62 1.67 -52.77
C ILE D 49 19.64 1.21 -53.81
N ASP D 50 20.89 1.01 -53.39
CA ASP D 50 21.97 0.65 -54.31
C ASP D 50 21.96 -0.85 -54.55
N GLU D 51 21.66 -1.25 -55.78
CA GLU D 51 21.58 -2.67 -56.14
C GLU D 51 22.93 -3.40 -56.04
N ASN D 52 24.03 -2.64 -56.11
CA ASN D 52 25.38 -3.24 -56.10
C ASN D 52 25.95 -3.53 -54.71
N THR D 53 25.23 -3.11 -53.67
CA THR D 53 25.66 -3.34 -52.29
C THR D 53 24.99 -4.62 -51.82
N LYS D 54 25.68 -5.39 -51.00
CA LYS D 54 25.09 -6.61 -50.45
C LYS D 54 23.83 -6.28 -49.63
N LEU D 55 22.95 -7.27 -49.45
CA LEU D 55 21.73 -7.09 -48.64
C LEU D 55 22.03 -6.49 -47.26
N GLU D 56 22.97 -7.12 -46.55
CA GLU D 56 23.33 -6.74 -45.18
C GLU D 56 23.75 -5.26 -45.07
N GLY D 57 24.52 -4.79 -46.04
CA GLY D 57 24.94 -3.39 -46.04
C GLY D 57 23.78 -2.43 -46.30
N ARG D 58 22.87 -2.83 -47.18
CA ARG D 58 21.70 -2.01 -47.48
C ARG D 58 20.74 -1.96 -46.28
N ILE D 59 20.50 -3.10 -45.66
CA ILE D 59 19.69 -3.17 -44.43
C ILE D 59 20.31 -2.33 -43.31
N LEU D 60 21.64 -2.39 -43.17
CA LEU D 60 22.35 -1.63 -42.14
C LEU D 60 22.30 -0.11 -42.40
N ALA D 61 22.33 0.28 -43.67
CA ALA D 61 22.23 1.70 -44.03
C ALA D 61 20.96 2.32 -43.45
N ALA D 62 19.83 1.67 -43.69
CA ALA D 62 18.54 2.14 -43.19
C ALA D 62 18.48 2.11 -41.67
N LEU D 63 18.98 1.03 -41.07
CA LEU D 63 18.85 0.86 -39.63
C LEU D 63 19.67 1.90 -38.86
N THR D 64 20.90 2.15 -39.29
CA THR D 64 21.78 2.99 -38.50
C THR D 64 21.47 4.47 -38.74
N LEU D 65 20.93 4.82 -39.90
CA LEU D 65 20.41 6.15 -40.09
C LEU D 65 19.21 6.35 -39.17
N LYS D 66 18.40 5.30 -39.04
CA LYS D 66 17.27 5.30 -38.10
C LYS D 66 17.72 5.48 -36.65
N ASN D 67 18.82 4.84 -36.28
CA ASN D 67 19.35 4.93 -34.92
C ASN D 67 20.00 6.30 -34.64
N GLU D 68 20.14 7.13 -35.66
CA GLU D 68 20.63 8.51 -35.51
C GLU D 68 19.50 9.51 -35.73
N LEU D 69 18.27 8.99 -35.84
CA LEU D 69 17.06 9.81 -35.93
C LEU D 69 16.12 9.66 -34.72
N VAL D 70 16.08 8.46 -34.14
CA VAL D 70 15.20 8.15 -33.03
C VAL D 70 16.01 7.35 -31.99
N SER D 71 15.60 7.35 -30.73
CA SER D 71 16.41 6.79 -29.64
C SER D 71 15.58 6.34 -28.45
N LYS D 72 16.16 5.47 -27.60
CA LYS D 72 15.51 5.05 -26.34
C LYS D 72 15.63 6.12 -25.25
N ASP D 73 16.72 6.88 -25.30
CA ASP D 73 16.94 8.01 -24.40
C ASP D 73 16.12 9.19 -24.88
N SER D 74 15.38 9.81 -23.98
CA SER D 74 14.46 10.90 -24.33
C SER D 74 15.15 12.23 -24.67
N VAL D 75 16.35 12.46 -24.12
CA VAL D 75 17.12 13.66 -24.44
C VAL D 75 17.67 13.55 -25.85
N LYS D 76 18.34 12.43 -26.12
CA LYS D 76 18.84 12.12 -27.47
C LYS D 76 17.74 12.17 -28.54
N THR D 77 16.55 11.70 -28.19
CA THR D 77 15.40 11.77 -29.09
C THR D 77 15.10 13.21 -29.54
N GLN D 78 15.16 14.15 -28.61
CA GLN D 78 14.99 15.56 -28.93
C GLN D 78 16.19 16.12 -29.70
N GLN D 79 17.38 15.74 -29.25
CA GLN D 79 18.62 16.13 -29.93
C GLN D 79 18.58 15.71 -31.39
N PHE D 80 18.27 14.43 -31.64
CA PHE D 80 18.19 13.84 -32.97
C PHE D 80 17.13 14.51 -33.85
N ALA D 81 15.97 14.76 -33.24
CA ALA D 81 14.87 15.44 -33.93
C ALA D 81 15.31 16.84 -34.40
N GLN D 82 15.98 17.56 -33.52
CA GLN D 82 16.41 18.92 -33.80
C GLN D 82 17.54 18.93 -34.84
N ARG D 83 18.45 17.96 -34.75
CA ARG D 83 19.53 17.83 -35.73
C ARG D 83 18.99 17.69 -37.14
N TRP D 84 18.00 16.81 -37.32
CA TRP D 84 17.42 16.53 -38.63
C TRP D 84 16.76 17.78 -39.21
N ILE D 85 16.00 18.48 -38.37
CA ILE D 85 15.31 19.69 -38.82
C ILE D 85 16.27 20.78 -39.27
N THR D 86 17.34 20.97 -38.52
CA THR D 86 18.27 22.07 -38.75
C THR D 86 19.44 21.76 -39.70
N GLN D 87 20.04 20.57 -39.58
CA GLN D 87 21.25 20.25 -40.36
C GLN D 87 20.98 19.80 -41.78
N VAL D 88 19.91 19.03 -41.97
CA VAL D 88 19.61 18.43 -43.26
C VAL D 88 18.92 19.44 -44.17
N SER D 89 19.50 19.64 -45.35
CA SER D 89 18.98 20.61 -46.31
C SER D 89 17.64 20.17 -46.88
N PRO D 90 16.82 21.12 -47.31
CA PRO D 90 15.54 20.76 -47.94
C PRO D 90 15.73 19.86 -49.15
N GLU D 91 16.89 19.97 -49.79
CA GLU D 91 17.24 19.16 -50.95
C GLU D 91 17.57 17.73 -50.55
N ALA D 92 18.30 17.58 -49.46
CA ALA D 92 18.68 16.25 -48.96
C ALA D 92 17.50 15.55 -48.33
N LYS D 93 16.68 16.30 -47.59
CA LYS D 93 15.46 15.75 -46.99
C LYS D 93 14.63 15.01 -48.04
N ASN D 94 14.35 15.70 -49.14
CA ASN D 94 13.59 15.10 -50.22
C ASN D 94 14.32 13.90 -50.82
N GLN D 95 15.63 14.00 -50.97
CA GLN D 95 16.39 12.90 -51.54
C GLN D 95 16.30 11.66 -50.67
N ILE D 96 16.44 11.86 -49.37
CA ILE D 96 16.43 10.78 -48.40
C ILE D 96 15.05 10.15 -48.30
N LYS D 97 14.01 10.99 -48.23
CA LYS D 97 12.62 10.53 -48.17
C LYS D 97 12.20 9.76 -49.42
N THR D 98 12.63 10.24 -50.59
CA THR D 98 12.32 9.60 -51.88
C THR D 98 13.02 8.27 -52.04
N ASN D 99 14.23 8.15 -51.50
CA ASN D 99 14.95 6.87 -51.47
C ASN D 99 14.27 5.87 -50.53
N ALA D 100 13.79 6.39 -49.39
CA ALA D 100 13.17 5.55 -48.37
C ALA D 100 11.88 4.90 -48.86
N LEU D 101 11.05 5.69 -49.53
CA LEU D 101 9.80 5.24 -50.14
C LEU D 101 10.06 4.28 -51.31
N THR D 102 11.16 4.51 -52.03
CA THR D 102 11.58 3.58 -53.07
C THR D 102 11.99 2.24 -52.45
N ALA D 103 12.78 2.27 -51.37
CA ALA D 103 13.19 1.05 -50.68
C ALA D 103 11.98 0.38 -50.05
N LEU D 104 11.04 1.18 -49.57
CA LEU D 104 9.80 0.65 -48.99
C LEU D 104 9.06 -0.27 -49.97
N VAL D 105 9.16 0.03 -51.26
CA VAL D 105 8.50 -0.76 -52.29
C VAL D 105 9.46 -1.73 -52.97
N SER D 106 10.64 -1.92 -52.38
CA SER D 106 11.60 -2.90 -52.88
C SER D 106 10.96 -4.28 -52.89
N ILE D 107 11.18 -5.03 -53.96
CA ILE D 107 10.66 -6.39 -54.05
C ILE D 107 11.34 -7.33 -53.04
N GLU D 108 12.47 -6.89 -52.49
CA GLU D 108 13.14 -7.59 -51.41
C GLU D 108 12.55 -7.10 -50.08
N PRO D 109 11.82 -7.96 -49.34
CA PRO D 109 11.10 -7.54 -48.11
C PRO D 109 11.95 -7.04 -46.93
N ARG D 110 13.14 -7.61 -46.71
CA ARG D 110 13.98 -7.18 -45.58
C ARG D 110 14.51 -5.76 -45.76
N ILE D 111 14.62 -5.32 -47.00
CA ILE D 111 14.97 -3.92 -47.30
C ILE D 111 13.77 -3.01 -47.07
N ALA D 112 12.59 -3.47 -47.49
CA ALA D 112 11.36 -2.73 -47.28
C ALA D 112 11.06 -2.56 -45.78
N ASN D 113 11.31 -3.62 -45.01
CA ASN D 113 11.11 -3.61 -43.58
C ASN D 113 11.99 -2.56 -42.90
N ALA D 114 13.26 -2.51 -43.30
CA ALA D 114 14.18 -1.54 -42.76
C ALA D 114 13.76 -0.12 -43.16
N ALA D 115 13.34 0.03 -44.40
CA ALA D 115 12.80 1.29 -44.91
C ALA D 115 11.55 1.71 -44.15
N ALA D 116 10.72 0.74 -43.77
CA ALA D 116 9.55 1.00 -42.93
C ALA D 116 9.98 1.64 -41.63
N GLN D 117 11.07 1.15 -41.05
CA GLN D 117 11.56 1.66 -39.78
C GLN D 117 12.14 3.08 -39.94
N LEU D 118 12.91 3.30 -41.00
CA LEU D 118 13.45 4.62 -41.28
C LEU D 118 12.34 5.65 -41.55
N ILE D 119 11.34 5.27 -42.34
CA ILE D 119 10.23 6.17 -42.64
C ILE D 119 9.47 6.55 -41.36
N ALA D 120 9.23 5.56 -40.50
CA ALA D 120 8.55 5.79 -39.23
C ALA D 120 9.34 6.79 -38.36
N ALA D 121 10.64 6.58 -38.29
CA ALA D 121 11.55 7.47 -37.56
C ALA D 121 11.46 8.92 -38.03
N ILE D 122 11.50 9.12 -39.34
CA ILE D 122 11.45 10.47 -39.91
C ILE D 122 10.09 11.12 -39.61
N ALA D 123 9.03 10.31 -39.65
CA ALA D 123 7.67 10.79 -39.39
C ALA D 123 7.50 11.22 -37.94
N ASP D 124 8.19 10.53 -37.03
CA ASP D 124 8.21 10.91 -35.60
C ASP D 124 8.66 12.36 -35.44
N ILE D 125 9.69 12.72 -36.20
CA ILE D 125 10.29 14.04 -36.13
C ILE D 125 9.45 15.10 -36.85
N GLU D 126 8.97 14.76 -38.05
CA GLU D 126 8.39 15.75 -38.95
C GLU D 126 6.88 16.00 -38.78
N LEU D 127 6.12 14.95 -38.50
CA LEU D 127 4.65 15.05 -38.44
C LEU D 127 4.14 15.95 -37.31
N PRO D 128 4.83 15.97 -36.14
CA PRO D 128 4.39 16.91 -35.10
C PRO D 128 4.44 18.38 -35.53
N HIS D 129 5.37 18.72 -36.43
CA HIS D 129 5.52 20.09 -36.93
C HIS D 129 4.91 20.28 -38.30
N GLY D 130 3.88 19.48 -38.63
CA GLY D 130 3.19 19.60 -39.91
C GLY D 130 4.03 19.47 -41.16
N ALA D 131 5.23 18.89 -41.03
CA ALA D 131 6.08 18.59 -42.18
C ALA D 131 5.77 17.19 -42.75
N TRP D 132 6.43 16.82 -43.83
CA TRP D 132 6.09 15.61 -44.59
C TRP D 132 4.58 15.43 -44.72
N PRO D 133 3.88 16.46 -45.26
CA PRO D 133 2.42 16.37 -45.38
C PRO D 133 1.99 15.45 -46.53
N GLU D 134 2.92 15.14 -47.43
CA GLU D 134 2.65 14.21 -48.53
C GLU D 134 2.40 12.80 -47.99
N LEU D 135 3.12 12.44 -46.92
CA LEU D 135 3.22 11.05 -46.46
C LEU D 135 1.90 10.28 -46.36
N MET D 136 0.95 10.77 -45.58
CA MET D 136 -0.32 10.04 -45.36
C MET D 136 -0.96 9.59 -46.68
N LYS D 137 -1.09 10.52 -47.62
CA LYS D 137 -1.66 10.22 -48.92
C LYS D 137 -0.91 9.05 -49.55
N ILE D 138 0.42 9.10 -49.52
CA ILE D 138 1.27 8.04 -50.08
C ILE D 138 0.90 6.72 -49.43
N MET D 139 0.95 6.71 -48.09
CA MET D 139 0.77 5.48 -47.31
C MET D 139 -0.62 4.88 -47.53
N VAL D 140 -1.65 5.71 -47.45
CA VAL D 140 -3.01 5.28 -47.71
C VAL D 140 -3.17 4.76 -49.14
N ASP D 141 -2.64 5.50 -50.13
CA ASP D 141 -2.74 5.14 -51.55
C ASP D 141 -2.03 3.82 -51.86
N ASN D 142 -0.89 3.58 -51.23
CA ASN D 142 -0.16 2.32 -51.39
C ASN D 142 -0.93 1.11 -50.86
N THR D 143 -1.93 1.38 -50.02
CA THR D 143 -2.82 0.35 -49.49
C THR D 143 -3.96 0.02 -50.46
N GLY D 144 -4.12 0.82 -51.52
CA GLY D 144 -5.16 0.57 -52.53
C GLY D 144 -5.14 -0.85 -53.05
N ALA D 145 -6.31 -1.37 -53.41
CA ALA D 145 -6.46 -2.78 -53.80
C ALA D 145 -5.60 -3.15 -55.00
N GLU D 146 -5.63 -2.29 -56.01
CA GLU D 146 -4.91 -2.49 -57.25
C GLU D 146 -3.38 -2.38 -57.14
N GLN D 147 -2.85 -1.98 -55.97
CA GLN D 147 -1.41 -1.96 -55.73
C GLN D 147 -0.85 -3.36 -55.56
N PRO D 148 0.44 -3.56 -55.86
CA PRO D 148 1.02 -4.91 -55.74
C PRO D 148 1.20 -5.37 -54.31
N GLU D 149 1.21 -6.69 -54.12
CA GLU D 149 1.26 -7.31 -52.79
C GLU D 149 2.28 -6.70 -51.84
N ASN D 150 3.49 -6.46 -52.34
CA ASN D 150 4.59 -5.92 -51.52
C ASN D 150 4.38 -4.46 -51.13
N VAL D 151 3.87 -3.65 -52.05
CA VAL D 151 3.63 -2.24 -51.78
C VAL D 151 2.55 -2.06 -50.71
N LYS D 152 1.55 -2.94 -50.73
CA LYS D 152 0.47 -2.92 -49.74
C LYS D 152 1.00 -3.37 -48.38
N ARG D 153 1.82 -4.42 -48.37
CA ARG D 153 2.31 -5.01 -47.14
C ARG D 153 3.18 -4.04 -46.35
N ALA D 154 4.24 -3.56 -47.00
CA ALA D 154 5.23 -2.72 -46.35
C ALA D 154 4.66 -1.37 -45.95
N SER D 155 3.66 -0.89 -46.68
CA SER D 155 3.00 0.36 -46.34
C SER D 155 2.14 0.21 -45.09
N LEU D 156 1.38 -0.89 -45.00
CA LEU D 156 0.60 -1.21 -43.80
C LEU D 156 1.55 -1.39 -42.61
N LEU D 157 2.64 -2.09 -42.84
CA LEU D 157 3.67 -2.27 -41.82
C LEU D 157 4.16 -0.90 -41.34
N ALA D 158 4.58 -0.07 -42.29
CA ALA D 158 5.00 1.31 -42.01
C ALA D 158 3.94 2.06 -41.20
N LEU D 159 2.67 1.98 -41.63
CA LEU D 159 1.56 2.65 -40.93
C LEU D 159 1.43 2.22 -39.46
N GLY D 160 1.60 0.93 -39.20
CA GLY D 160 1.59 0.43 -37.84
C GLY D 160 2.73 1.02 -37.04
N TYR D 161 3.95 0.85 -37.54
CA TYR D 161 5.14 1.42 -36.88
C TYR D 161 4.92 2.92 -36.59
N MET D 162 4.40 3.63 -37.58
CA MET D 162 4.14 5.07 -37.49
C MET D 162 3.18 5.44 -36.34
N CYS D 163 2.03 4.77 -36.29
CA CYS D 163 1.04 5.02 -35.24
C CYS D 163 1.53 4.63 -33.85
N GLU D 164 2.30 3.56 -33.76
CA GLU D 164 2.79 3.05 -32.49
C GLU D 164 3.76 4.03 -31.80
N SER D 165 4.65 4.66 -32.58
CA SER D 165 5.63 5.59 -32.01
C SER D 165 5.14 7.04 -32.03
N ALA D 166 3.99 7.27 -32.64
CA ALA D 166 3.43 8.61 -32.82
C ALA D 166 3.28 9.41 -31.53
N ASP D 167 3.32 10.74 -31.66
CA ASP D 167 3.36 11.67 -30.51
C ASP D 167 2.00 12.35 -30.21
N PRO D 168 1.97 13.69 -29.96
CA PRO D 168 0.90 14.19 -29.07
C PRO D 168 -0.47 13.83 -29.63
N GLN D 169 -0.77 14.40 -30.78
CA GLN D 169 -1.29 13.62 -31.89
C GLN D 169 -1.29 14.48 -33.15
N SER D 170 -0.10 14.96 -33.45
CA SER D 170 0.32 15.33 -34.79
C SER D 170 -0.81 15.53 -35.83
N GLN D 171 -1.47 16.69 -35.73
CA GLN D 171 -2.54 17.14 -36.65
C GLN D 171 -2.87 16.29 -37.90
N ALA D 172 -1.89 15.95 -38.71
CA ALA D 172 -2.15 15.12 -39.89
C ALA D 172 -2.48 13.70 -39.46
N LEU D 173 -1.54 13.06 -38.78
CA LEU D 173 -1.71 11.72 -38.21
C LEU D 173 -3.07 11.52 -37.55
N VAL D 174 -3.47 12.50 -36.73
CA VAL D 174 -4.75 12.45 -36.02
C VAL D 174 -5.94 12.63 -36.97
N SER D 175 -5.87 13.61 -37.85
CA SER D 175 -6.97 13.90 -38.78
C SER D 175 -7.01 12.92 -39.95
N SER D 176 -5.96 12.09 -40.07
CA SER D 176 -5.90 11.04 -41.07
C SER D 176 -6.19 9.65 -40.47
N SER D 177 -6.50 9.62 -39.16
CA SER D 177 -6.64 8.37 -38.41
C SER D 177 -7.73 7.43 -38.91
N ASN D 178 -8.91 7.98 -39.22
CA ASN D 178 -10.02 7.18 -39.76
C ASN D 178 -9.59 6.40 -41.00
N ASN D 179 -9.02 7.13 -41.96
CA ASN D 179 -8.42 6.55 -43.14
C ASN D 179 -7.40 5.43 -42.83
N ILE D 180 -6.56 5.65 -41.81
CA ILE D 180 -5.57 4.64 -41.39
C ILE D 180 -6.30 3.40 -40.93
N LEU D 181 -7.20 3.59 -39.98
CA LEU D 181 -7.90 2.48 -39.35
C LEU D 181 -8.65 1.64 -40.39
N ILE D 182 -9.33 2.32 -41.33
CA ILE D 182 -10.08 1.61 -42.38
C ILE D 182 -9.10 0.78 -43.20
N ALA D 183 -8.09 1.45 -43.77
CA ALA D 183 -7.02 0.79 -44.53
C ALA D 183 -6.44 -0.45 -43.83
N ILE D 184 -6.21 -0.32 -42.53
CA ILE D 184 -5.68 -1.42 -41.73
C ILE D 184 -6.73 -2.52 -41.66
N VAL D 185 -7.92 -2.17 -41.19
CA VAL D 185 -8.97 -3.15 -40.97
C VAL D 185 -9.37 -3.78 -42.28
N GLN D 186 -9.44 -2.97 -43.33
CA GLN D 186 -9.76 -3.47 -44.67
C GLN D 186 -8.80 -4.58 -45.09
N GLY D 187 -7.51 -4.34 -44.92
CA GLY D 187 -6.48 -5.31 -45.28
C GLY D 187 -6.47 -6.60 -44.47
N ALA D 188 -7.20 -6.63 -43.36
CA ALA D 188 -7.31 -7.83 -42.53
C ALA D 188 -8.55 -8.67 -42.85
N GLN D 189 -9.49 -8.11 -43.62
CA GLN D 189 -10.70 -8.83 -44.06
C GLN D 189 -10.40 -10.26 -44.57
N SER D 190 -11.33 -11.19 -44.35
CA SER D 190 -11.18 -12.56 -44.86
C SER D 190 -11.13 -12.63 -46.39
N THR D 191 -11.67 -11.61 -47.06
CA THR D 191 -11.58 -11.52 -48.52
C THR D 191 -10.16 -11.23 -49.07
N GLU D 192 -9.18 -10.98 -48.18
CA GLU D 192 -7.84 -10.56 -48.62
C GLU D 192 -7.08 -11.69 -49.31
N THR D 193 -6.63 -11.41 -50.53
CA THR D 193 -5.97 -12.40 -51.38
C THR D 193 -4.65 -12.85 -50.80
N SER D 194 -3.87 -11.90 -50.28
CA SER D 194 -2.52 -12.19 -49.82
C SER D 194 -2.41 -12.52 -48.34
N LYS D 195 -1.82 -13.69 -48.05
CA LYS D 195 -1.47 -14.08 -46.69
C LYS D 195 -0.61 -13.01 -46.01
N ALA D 196 0.33 -12.46 -46.78
CA ALA D 196 1.32 -11.52 -46.25
C ALA D 196 0.72 -10.16 -45.91
N VAL D 197 -0.22 -9.70 -46.75
CA VAL D 197 -0.92 -8.43 -46.56
C VAL D 197 -1.82 -8.53 -45.34
N ARG D 198 -2.53 -9.65 -45.25
CA ARG D 198 -3.45 -9.89 -44.15
C ARG D 198 -2.66 -9.93 -42.85
N LEU D 199 -1.53 -10.63 -42.87
CA LEU D 199 -0.64 -10.68 -41.73
C LEU D 199 -0.18 -9.26 -41.33
N ALA D 200 0.33 -8.52 -42.30
CA ALA D 200 0.78 -7.16 -42.08
C ALA D 200 -0.33 -6.27 -41.48
N ALA D 201 -1.57 -6.49 -41.91
CA ALA D 201 -2.69 -5.66 -41.47
C ALA D 201 -3.09 -5.96 -40.03
N LEU D 202 -3.06 -7.24 -39.65
CA LEU D 202 -3.37 -7.64 -38.30
C LEU D 202 -2.32 -7.12 -37.34
N ASN D 203 -1.06 -7.25 -37.72
CA ASN D 203 0.05 -6.78 -36.90
C ASN D 203 0.03 -5.26 -36.78
N ALA D 204 -0.40 -4.56 -37.84
CA ALA D 204 -0.48 -3.09 -37.81
C ALA D 204 -1.59 -2.63 -36.87
N LEU D 205 -2.70 -3.37 -36.88
CA LEU D 205 -3.77 -3.11 -35.95
C LEU D 205 -3.24 -3.31 -34.52
N ALA D 206 -2.46 -4.36 -34.30
CA ALA D 206 -1.88 -4.59 -32.97
C ALA D 206 -1.00 -3.41 -32.55
N ASP D 207 -0.05 -3.02 -33.38
CA ASP D 207 0.79 -1.86 -33.10
C ASP D 207 -0.01 -0.54 -32.86
N SER D 208 -1.20 -0.43 -33.45
CA SER D 208 -1.99 0.81 -33.42
C SER D 208 -3.09 0.84 -32.34
N LEU D 209 -3.17 -0.18 -31.51
CA LEU D 209 -4.33 -0.32 -30.63
C LEU D 209 -4.51 0.85 -29.65
N ILE D 210 -3.40 1.40 -29.16
CA ILE D 210 -3.46 2.48 -28.19
C ILE D 210 -3.84 3.80 -28.85
N PHE D 211 -3.57 3.92 -30.14
CA PHE D 211 -3.62 5.21 -30.82
C PHE D 211 -4.95 5.41 -31.53
N ILE D 212 -5.71 4.33 -31.63
CA ILE D 212 -7.09 4.36 -32.08
C ILE D 212 -8.07 4.34 -30.90
N LYS D 213 -7.64 4.67 -29.68
CA LYS D 213 -8.56 4.61 -28.51
C LYS D 213 -9.90 5.24 -28.78
N ASN D 214 -9.92 6.40 -29.45
CA ASN D 214 -11.16 7.10 -29.71
C ASN D 214 -12.07 6.36 -30.70
N ASN D 215 -11.46 5.59 -31.59
CA ASN D 215 -12.20 4.73 -32.50
C ASN D 215 -12.71 3.50 -31.75
N MET D 216 -11.84 2.91 -30.91
CA MET D 216 -12.25 1.78 -30.08
C MET D 216 -13.41 2.12 -29.14
N GLU D 217 -13.63 3.41 -28.83
CA GLU D 217 -14.72 3.84 -27.97
C GLU D 217 -15.93 4.29 -28.80
N ARG D 218 -16.34 3.47 -29.76
CA ARG D 218 -17.55 3.68 -30.55
C ARG D 218 -18.15 2.34 -30.99
N GLU D 219 -19.33 1.91 -30.49
CA GLU D 219 -19.89 0.54 -30.79
C GLU D 219 -19.63 0.27 -32.29
N GLY D 220 -19.90 1.26 -33.14
CA GLY D 220 -19.81 1.10 -34.60
C GLY D 220 -18.46 0.72 -35.16
N GLU D 221 -17.46 1.55 -34.92
CA GLU D 221 -16.11 1.22 -35.36
C GLU D 221 -15.55 0.00 -34.60
N ARG D 222 -15.72 -0.04 -33.28
CA ARG D 222 -15.22 -1.14 -32.49
C ARG D 222 -15.80 -2.48 -32.92
N ASN D 223 -17.10 -2.50 -33.28
CA ASN D 223 -17.78 -3.73 -33.75
C ASN D 223 -17.27 -4.26 -35.09
N TYR D 224 -17.16 -3.35 -36.05
CA TYR D 224 -16.60 -3.68 -37.37
C TYR D 224 -15.22 -4.33 -37.20
N LEU D 225 -14.33 -3.60 -36.54
CA LEU D 225 -12.96 -4.04 -36.20
C LEU D 225 -12.92 -5.42 -35.51
N MET D 226 -13.75 -5.60 -34.49
CA MET D 226 -13.79 -6.88 -33.78
C MET D 226 -14.33 -8.03 -34.62
N GLN D 227 -15.20 -7.76 -35.58
CA GLN D 227 -15.70 -8.82 -36.47
C GLN D 227 -14.55 -9.34 -37.33
N VAL D 228 -13.67 -8.44 -37.75
CA VAL D 228 -12.57 -8.83 -38.61
C VAL D 228 -11.56 -9.68 -37.85
N VAL D 229 -11.20 -9.17 -36.67
CA VAL D 229 -10.27 -9.87 -35.80
C VAL D 229 -10.80 -11.27 -35.49
N CYS D 230 -12.10 -11.37 -35.25
CA CYS D 230 -12.71 -12.65 -34.92
C CYS D 230 -12.65 -13.66 -36.06
N GLU D 231 -13.01 -13.21 -37.27
CA GLU D 231 -12.90 -14.03 -38.48
C GLU D 231 -11.48 -14.53 -38.69
N ALA D 232 -10.49 -13.67 -38.46
CA ALA D 232 -9.08 -14.00 -38.65
C ALA D 232 -8.59 -15.12 -37.73
N THR D 233 -9.13 -15.22 -36.51
CA THR D 233 -8.84 -16.36 -35.63
C THR D 233 -9.20 -17.71 -36.29
N GLN D 234 -10.13 -17.68 -37.23
CA GLN D 234 -10.61 -18.86 -37.94
C GLN D 234 -10.04 -18.96 -39.35
N ALA D 235 -8.91 -18.31 -39.60
CA ALA D 235 -8.23 -18.44 -40.89
C ALA D 235 -7.70 -19.86 -40.99
N GLU D 236 -7.53 -20.33 -42.22
CA GLU D 236 -6.90 -21.62 -42.49
C GLU D 236 -5.39 -21.54 -42.26
N ASP D 237 -4.81 -20.40 -42.57
CA ASP D 237 -3.38 -20.21 -42.43
C ASP D 237 -2.99 -19.95 -40.98
N ILE D 238 -2.00 -20.69 -40.50
CA ILE D 238 -1.66 -20.74 -39.08
C ILE D 238 -1.07 -19.42 -38.58
N GLU D 239 -0.29 -18.76 -39.42
CA GLU D 239 0.33 -17.49 -39.05
C GLU D 239 -0.69 -16.37 -38.94
N VAL D 240 -1.67 -16.34 -39.86
CA VAL D 240 -2.73 -15.34 -39.82
C VAL D 240 -3.56 -15.51 -38.56
N GLN D 241 -3.86 -16.76 -38.20
CA GLN D 241 -4.54 -17.06 -36.95
C GLN D 241 -3.79 -16.48 -35.75
N ALA D 242 -2.48 -16.74 -35.69
CA ALA D 242 -1.65 -16.30 -34.58
C ALA D 242 -1.60 -14.77 -34.49
N ALA D 243 -1.65 -14.11 -35.64
CA ALA D 243 -1.74 -12.67 -35.69
C ALA D 243 -3.05 -12.21 -35.08
N ALA D 244 -4.14 -12.88 -35.45
CA ALA D 244 -5.46 -12.52 -34.92
C ALA D 244 -5.49 -12.65 -33.40
N PHE D 245 -5.09 -13.80 -32.88
CA PHE D 245 -5.06 -14.01 -31.43
C PHE D 245 -4.14 -13.01 -30.74
N GLY D 246 -3.04 -12.68 -31.39
CA GLY D 246 -2.16 -11.64 -30.88
C GLY D 246 -2.92 -10.36 -30.64
N CYS D 247 -3.70 -9.93 -31.63
CA CYS D 247 -4.57 -8.78 -31.51
C CYS D 247 -5.56 -8.92 -30.36
N LEU D 248 -6.28 -10.04 -30.32
CA LEU D 248 -7.27 -10.30 -29.28
C LEU D 248 -6.70 -10.16 -27.89
N CYS D 249 -5.49 -10.68 -27.69
CA CYS D 249 -4.85 -10.53 -26.41
C CYS D 249 -4.62 -9.06 -26.09
N LYS D 250 -3.99 -8.33 -27.00
CA LYS D 250 -3.76 -6.91 -26.76
C LYS D 250 -5.06 -6.16 -26.48
N ILE D 251 -6.10 -6.41 -27.29
CA ILE D 251 -7.41 -5.78 -27.11
C ILE D 251 -8.00 -6.12 -25.73
N MET D 252 -7.90 -7.39 -25.34
CA MET D 252 -8.40 -7.85 -24.05
C MET D 252 -7.67 -7.15 -22.88
N SER D 253 -6.40 -6.85 -23.08
CA SER D 253 -5.59 -6.16 -22.09
C SER D 253 -5.89 -4.67 -22.05
N LYS D 254 -5.97 -4.04 -23.22
CA LYS D 254 -6.24 -2.60 -23.32
C LYS D 254 -7.72 -2.24 -23.13
N TYR D 255 -8.61 -3.12 -23.59
CA TYR D 255 -10.03 -2.78 -23.70
C TYR D 255 -10.98 -3.80 -23.06
N TYR D 256 -10.53 -4.44 -22.00
CA TYR D 256 -11.36 -5.37 -21.25
C TYR D 256 -12.78 -4.83 -21.09
N THR D 257 -12.88 -3.57 -20.69
CA THR D 257 -14.17 -2.94 -20.41
C THR D 257 -15.23 -3.18 -21.49
N PHE D 258 -14.83 -3.15 -22.75
CA PHE D 258 -15.78 -3.32 -23.87
C PHE D 258 -16.01 -4.75 -24.36
N MET D 259 -15.50 -5.76 -23.68
CA MET D 259 -15.42 -7.12 -24.24
C MET D 259 -16.59 -8.04 -24.00
N LYS D 260 -17.50 -7.73 -23.07
CA LYS D 260 -18.54 -8.70 -22.72
C LYS D 260 -19.41 -9.16 -23.89
N PRO D 261 -19.92 -8.22 -24.70
CA PRO D 261 -20.77 -8.63 -25.82
C PRO D 261 -20.06 -9.55 -26.82
N TYR D 262 -18.81 -9.25 -27.17
CA TYR D 262 -18.06 -10.01 -28.18
C TYR D 262 -17.77 -11.41 -27.67
N MET D 263 -17.42 -11.50 -26.40
CA MET D 263 -17.27 -12.80 -25.76
C MET D 263 -18.58 -13.56 -25.88
N GLU D 264 -19.68 -12.97 -25.41
CA GLU D 264 -20.98 -13.63 -25.41
C GLU D 264 -21.49 -14.00 -26.81
N GLN D 265 -21.34 -13.11 -27.77
CA GLN D 265 -21.95 -13.30 -29.08
C GLN D 265 -21.04 -13.98 -30.11
N ALA D 266 -19.76 -14.17 -29.81
CA ALA D 266 -18.82 -14.74 -30.78
C ALA D 266 -17.63 -15.47 -30.18
N LEU D 267 -16.76 -14.74 -29.48
CA LEU D 267 -15.43 -15.26 -29.09
C LEU D 267 -15.52 -16.46 -28.18
N TYR D 268 -16.46 -16.41 -27.26
CA TYR D 268 -16.79 -17.53 -26.41
C TYR D 268 -16.90 -18.83 -27.25
N ALA D 269 -17.74 -18.80 -28.29
CA ALA D 269 -17.98 -19.97 -29.14
C ALA D 269 -16.83 -20.32 -30.11
N LEU D 270 -16.14 -19.30 -30.63
CA LEU D 270 -15.04 -19.49 -31.59
C LEU D 270 -13.79 -20.06 -30.92
N THR D 271 -13.56 -19.70 -29.66
CA THR D 271 -12.38 -20.13 -28.92
C THR D 271 -12.53 -21.53 -28.32
N ILE D 272 -13.75 -21.92 -27.96
CA ILE D 272 -14.03 -23.31 -27.55
C ILE D 272 -13.69 -24.24 -28.73
N ALA D 273 -14.14 -23.86 -29.91
CA ALA D 273 -13.87 -24.62 -31.14
C ALA D 273 -12.38 -24.81 -31.39
N THR D 274 -11.63 -23.71 -31.35
CA THR D 274 -10.20 -23.75 -31.67
C THR D 274 -9.37 -24.38 -30.56
N MET D 275 -9.86 -24.35 -29.33
CA MET D 275 -9.17 -25.05 -28.25
C MET D 275 -9.22 -26.56 -28.53
N LYS D 276 -10.25 -27.00 -29.24
CA LYS D 276 -10.40 -28.42 -29.57
C LYS D 276 -9.53 -28.88 -30.73
N SER D 277 -9.05 -27.93 -31.54
CA SER D 277 -8.31 -28.22 -32.78
C SER D 277 -7.20 -29.26 -32.58
N PRO D 278 -7.06 -30.22 -33.51
CA PRO D 278 -5.98 -31.21 -33.40
C PRO D 278 -4.58 -30.59 -33.53
N ASN D 279 -4.47 -29.48 -34.24
CA ASN D 279 -3.20 -28.75 -34.34
C ASN D 279 -2.83 -28.10 -33.00
N ASP D 280 -1.62 -28.37 -32.53
CA ASP D 280 -1.15 -27.86 -31.24
C ASP D 280 -0.94 -26.35 -31.24
N LYS D 281 -0.45 -25.81 -32.36
CA LYS D 281 -0.21 -24.36 -32.50
C LYS D 281 -1.50 -23.56 -32.36
N VAL D 282 -2.56 -24.06 -33.00
CA VAL D 282 -3.88 -23.44 -32.94
C VAL D 282 -4.41 -23.45 -31.52
N ALA D 283 -4.46 -24.64 -30.92
CA ALA D 283 -4.90 -24.79 -29.54
C ALA D 283 -4.09 -23.91 -28.58
N SER D 284 -2.78 -23.81 -28.78
CA SER D 284 -1.94 -22.92 -27.95
C SER D 284 -2.35 -21.47 -28.04
N MET D 285 -2.41 -20.96 -29.27
CA MET D 285 -2.91 -19.62 -29.53
C MET D 285 -4.07 -19.29 -28.64
N THR D 286 -5.10 -20.13 -28.69
CA THR D 286 -6.36 -19.86 -28.00
C THR D 286 -6.25 -20.05 -26.48
N VAL D 287 -5.38 -20.95 -26.03
CA VAL D 287 -5.11 -21.10 -24.60
C VAL D 287 -4.51 -19.82 -24.06
N GLU D 288 -3.57 -19.28 -24.82
CA GLU D 288 -2.89 -18.04 -24.45
C GLU D 288 -3.88 -16.88 -24.29
N PHE D 289 -4.88 -16.82 -25.17
CA PHE D 289 -5.98 -15.87 -25.05
C PHE D 289 -6.69 -16.03 -23.71
N TRP D 290 -7.02 -17.26 -23.35
CA TRP D 290 -7.74 -17.52 -22.08
C TRP D 290 -6.90 -17.24 -20.84
N SER D 291 -5.59 -17.34 -20.96
CA SER D 291 -4.68 -16.95 -19.89
C SER D 291 -4.62 -15.44 -19.77
N THR D 292 -4.55 -14.72 -20.88
CA THR D 292 -4.65 -13.27 -20.83
C THR D 292 -5.90 -12.87 -20.09
N ILE D 293 -7.02 -13.51 -20.43
CA ILE D 293 -8.32 -13.21 -19.79
C ILE D 293 -8.26 -13.37 -18.27
N CYS D 294 -7.70 -14.48 -17.81
CA CYS D 294 -7.53 -14.71 -16.37
C CYS D 294 -6.59 -13.69 -15.75
N GLU D 295 -5.47 -13.43 -16.40
CA GLU D 295 -4.49 -12.48 -15.91
C GLU D 295 -5.17 -11.15 -15.62
N GLU D 296 -5.88 -10.63 -16.61
CA GLU D 296 -6.45 -9.29 -16.48
C GLU D 296 -7.65 -9.30 -15.53
N GLU D 297 -8.29 -10.46 -15.35
CA GLU D 297 -9.31 -10.60 -14.30
C GLU D 297 -8.71 -10.69 -12.89
N ILE D 298 -7.57 -11.36 -12.76
CA ILE D 298 -6.84 -11.43 -11.49
C ILE D 298 -6.36 -10.04 -11.05
N ASP D 299 -5.82 -9.28 -11.99
CA ASP D 299 -5.35 -7.93 -11.75
C ASP D 299 -6.51 -7.00 -11.36
N ILE D 300 -7.68 -7.26 -11.91
CA ILE D 300 -8.86 -6.49 -11.52
C ILE D 300 -9.17 -6.74 -10.05
N ALA D 301 -9.07 -8.00 -9.61
CA ALA D 301 -9.30 -8.34 -8.20
C ALA D 301 -8.35 -7.57 -7.26
N TYR D 302 -7.08 -7.48 -7.64
CA TYR D 302 -6.11 -6.70 -6.86
C TYR D 302 -6.50 -5.23 -6.82
N GLU D 303 -6.98 -4.74 -7.95
CA GLU D 303 -7.30 -3.33 -8.09
C GLU D 303 -8.50 -2.96 -7.23
N LEU D 304 -9.53 -3.80 -7.21
CA LEU D 304 -10.73 -3.59 -6.38
C LEU D 304 -10.41 -3.71 -4.89
N ALA D 305 -9.46 -4.57 -4.55
CA ALA D 305 -9.06 -4.78 -3.17
C ALA D 305 -8.35 -3.55 -2.62
N GLN D 306 -7.76 -2.75 -3.50
CA GLN D 306 -7.09 -1.50 -3.10
C GLN D 306 -7.88 -0.24 -3.48
N PHE D 307 -8.96 -0.39 -4.23
CA PHE D 307 -9.87 0.71 -4.56
C PHE D 307 -11.28 0.15 -4.64
N PRO D 308 -11.87 -0.22 -3.49
CA PRO D 308 -13.17 -0.92 -3.51
C PRO D 308 -14.35 -0.07 -4.04
N GLN D 309 -14.19 1.25 -4.00
CA GLN D 309 -15.15 2.18 -4.62
C GLN D 309 -14.99 2.29 -6.14
N SER D 310 -14.03 1.56 -6.71
CA SER D 310 -13.73 1.63 -8.14
C SER D 310 -14.96 1.31 -8.99
N PRO D 311 -15.12 2.03 -10.12
CA PRO D 311 -16.20 1.72 -11.07
C PRO D 311 -15.89 0.52 -11.96
N LEU D 312 -14.66 0.00 -11.88
CA LEU D 312 -14.26 -1.16 -12.67
C LEU D 312 -14.87 -2.42 -12.08
N GLN D 313 -15.11 -3.40 -12.94
CA GLN D 313 -15.67 -4.65 -12.50
C GLN D 313 -15.29 -5.78 -13.45
N SER D 314 -15.11 -6.97 -12.91
CA SER D 314 -14.86 -8.13 -13.74
C SER D 314 -16.16 -8.64 -14.36
N TYR D 315 -16.07 -9.10 -15.59
CA TYR D 315 -17.18 -9.75 -16.28
C TYR D 315 -17.22 -11.26 -16.03
N ASN D 316 -16.28 -11.77 -15.23
CA ASN D 316 -16.25 -13.18 -14.88
C ASN D 316 -16.28 -14.09 -16.12
N PHE D 317 -15.51 -13.71 -17.14
CA PHE D 317 -15.43 -14.49 -18.37
C PHE D 317 -14.96 -15.90 -18.09
N ALA D 318 -13.93 -16.02 -17.27
CA ALA D 318 -13.40 -17.33 -16.90
C ALA D 318 -14.43 -18.12 -16.11
N LEU D 319 -14.97 -17.50 -15.06
CA LEU D 319 -15.99 -18.11 -14.18
C LEU D 319 -17.18 -18.64 -14.98
N SER D 320 -17.73 -17.78 -15.83
CA SER D 320 -18.84 -18.16 -16.71
C SER D 320 -18.50 -19.26 -17.71
N SER D 321 -17.20 -19.49 -17.96
CA SER D 321 -16.78 -20.42 -18.99
C SER D 321 -16.22 -21.71 -18.45
N ILE D 322 -16.30 -21.92 -17.14
CA ILE D 322 -15.70 -23.11 -16.53
C ILE D 322 -16.24 -24.42 -17.14
N LYS D 323 -17.53 -24.47 -17.42
CA LYS D 323 -18.15 -25.70 -17.89
C LYS D 323 -17.62 -26.09 -19.26
N ASP D 324 -17.39 -25.11 -20.14
CA ASP D 324 -16.88 -25.37 -21.47
C ASP D 324 -15.36 -25.48 -21.47
N VAL D 325 -14.71 -24.42 -20.99
CA VAL D 325 -13.27 -24.22 -21.15
C VAL D 325 -12.40 -25.20 -20.36
N VAL D 326 -12.68 -25.37 -19.08
CA VAL D 326 -11.80 -26.16 -18.21
C VAL D 326 -11.64 -27.59 -18.70
N PRO D 327 -12.74 -28.29 -19.01
CA PRO D 327 -12.61 -29.66 -19.53
C PRO D 327 -11.74 -29.76 -20.78
N ASN D 328 -11.87 -28.79 -21.67
CA ASN D 328 -11.03 -28.75 -22.85
C ASN D 328 -9.56 -28.47 -22.53
N LEU D 329 -9.31 -27.70 -21.47
CA LEU D 329 -7.94 -27.46 -20.99
C LEU D 329 -7.34 -28.71 -20.41
N LEU D 330 -8.15 -29.41 -19.64
CA LEU D 330 -7.72 -30.65 -19.01
C LEU D 330 -7.43 -31.71 -20.08
N ASN D 331 -8.18 -31.68 -21.19
CA ASN D 331 -7.91 -32.54 -22.33
C ASN D 331 -6.59 -32.21 -23.04
N LEU D 332 -6.20 -30.94 -23.02
CA LEU D 332 -4.93 -30.54 -23.58
C LEU D 332 -3.75 -31.01 -22.75
N LEU D 333 -3.97 -31.26 -21.45
CA LEU D 333 -2.91 -31.73 -20.54
C LEU D 333 -2.35 -33.08 -20.94
N THR D 334 -3.11 -33.82 -21.73
CA THR D 334 -2.70 -35.13 -22.24
C THR D 334 -1.96 -35.05 -23.59
N ARG D 335 -1.52 -33.85 -23.99
CA ARG D 335 -0.73 -33.67 -25.22
C ARG D 335 0.75 -33.37 -24.93
N GLN D 336 1.29 -34.04 -23.91
CA GLN D 336 2.70 -33.92 -23.53
C GLN D 336 3.62 -34.39 -24.65
N ASN D 337 4.93 -34.22 -24.47
CA ASN D 337 5.91 -34.74 -25.42
C ASN D 337 6.15 -36.21 -25.11
N GLU D 338 6.13 -37.08 -26.12
CA GLU D 338 6.45 -38.49 -25.90
C GLU D 338 7.81 -38.66 -25.24
N ASP D 339 8.82 -38.05 -25.85
CA ASP D 339 10.20 -38.13 -25.35
C ASP D 339 10.25 -37.52 -23.96
N PRO D 340 10.48 -38.36 -22.92
CA PRO D 340 10.44 -37.87 -21.54
C PRO D 340 11.45 -36.76 -21.24
N GLU D 341 12.46 -36.62 -22.09
CA GLU D 341 13.45 -35.57 -21.94
C GLU D 341 13.44 -34.63 -23.14
N ASP D 342 12.25 -34.24 -23.56
CA ASP D 342 12.08 -33.25 -24.63
C ASP D 342 12.27 -31.84 -24.05
N ASP D 343 11.44 -31.49 -23.08
CA ASP D 343 11.46 -30.15 -22.43
C ASP D 343 11.05 -28.96 -23.33
N ASP D 344 10.78 -29.22 -24.61
CA ASP D 344 10.22 -28.19 -25.50
C ASP D 344 8.85 -27.77 -25.00
N TRP D 345 8.63 -26.45 -24.92
CA TRP D 345 7.37 -25.89 -24.48
C TRP D 345 6.27 -26.21 -25.49
N ASN D 346 5.17 -26.76 -24.98
CA ASN D 346 4.10 -27.28 -25.84
C ASN D 346 2.74 -26.93 -25.27
N VAL D 347 1.70 -27.21 -26.07
CA VAL D 347 0.32 -26.89 -25.68
C VAL D 347 -0.10 -27.47 -24.32
N SER D 348 0.42 -28.63 -23.93
CA SER D 348 0.10 -29.19 -22.62
C SER D 348 0.62 -28.32 -21.47
N MET D 349 1.81 -27.74 -21.62
CA MET D 349 2.36 -26.86 -20.56
C MET D 349 1.61 -25.53 -20.50
N SER D 350 1.25 -25.00 -21.67
CA SER D 350 0.37 -23.82 -21.77
C SER D 350 -0.96 -24.04 -21.06
N ALA D 351 -1.56 -25.21 -21.26
CA ALA D 351 -2.82 -25.57 -20.59
C ALA D 351 -2.66 -25.65 -19.07
N GLY D 352 -1.51 -26.14 -18.61
CA GLY D 352 -1.19 -26.19 -17.19
C GLY D 352 -1.13 -24.78 -16.61
N ALA D 353 -0.37 -23.90 -17.25
CA ALA D 353 -0.27 -22.49 -16.82
C ALA D 353 -1.63 -21.81 -16.76
N CYS D 354 -2.43 -22.07 -17.80
CA CYS D 354 -3.75 -21.52 -17.95
C CYS D 354 -4.64 -22.00 -16.82
N LEU D 355 -4.50 -23.27 -16.45
CA LEU D 355 -5.33 -23.84 -15.40
C LEU D 355 -5.01 -23.19 -14.06
N GLN D 356 -3.73 -23.05 -13.75
CA GLN D 356 -3.29 -22.38 -12.51
C GLN D 356 -3.92 -21.00 -12.38
N LEU D 357 -3.93 -20.28 -13.50
CA LEU D 357 -4.57 -18.99 -13.57
C LEU D 357 -6.08 -19.11 -13.36
N PHE D 358 -6.70 -20.13 -13.94
CA PHE D 358 -8.12 -20.39 -13.67
C PHE D 358 -8.35 -20.61 -12.18
N ALA D 359 -7.50 -21.40 -11.55
CA ALA D 359 -7.63 -21.66 -10.12
C ALA D 359 -7.47 -20.34 -9.36
N GLN D 360 -6.42 -19.60 -9.64
CA GLN D 360 -6.18 -18.32 -8.94
C GLN D 360 -7.28 -17.26 -9.15
N ASN D 361 -7.92 -17.29 -10.31
CA ASN D 361 -8.95 -16.31 -10.69
C ASN D 361 -10.35 -16.71 -10.18
N CYS D 362 -10.63 -18.02 -10.20
CA CYS D 362 -11.94 -18.57 -9.85
C CYS D 362 -12.01 -19.26 -8.48
N GLY D 363 -10.88 -19.42 -7.82
CA GLY D 363 -10.84 -20.02 -6.49
C GLY D 363 -11.57 -21.36 -6.42
N ASN D 364 -12.41 -21.51 -5.40
CA ASN D 364 -13.05 -22.80 -5.14
C ASN D 364 -13.85 -23.40 -6.31
N HIS D 365 -14.38 -22.53 -7.18
CA HIS D 365 -15.21 -22.97 -8.32
C HIS D 365 -14.44 -23.91 -9.24
N ILE D 366 -13.11 -23.81 -9.22
CA ILE D 366 -12.27 -24.69 -10.04
C ILE D 366 -12.24 -26.16 -9.57
N LEU D 367 -12.63 -26.41 -8.31
CA LEU D 367 -12.43 -27.71 -7.66
C LEU D 367 -13.23 -28.87 -8.27
N GLU D 368 -14.54 -28.69 -8.44
CA GLU D 368 -15.39 -29.77 -8.94
C GLU D 368 -14.87 -30.34 -10.29
N PRO D 369 -14.77 -29.49 -11.33
CA PRO D 369 -14.39 -30.05 -12.63
C PRO D 369 -12.99 -30.65 -12.70
N VAL D 370 -12.07 -30.14 -11.88
CA VAL D 370 -10.69 -30.65 -11.87
C VAL D 370 -10.61 -31.98 -11.12
N LEU D 371 -11.30 -32.07 -9.99
CA LEU D 371 -11.28 -33.28 -9.16
C LEU D 371 -12.02 -34.44 -9.84
N GLU D 372 -13.03 -34.11 -10.64
CA GLU D 372 -13.75 -35.09 -11.46
C GLU D 372 -12.83 -35.65 -12.54
N PHE D 373 -12.11 -34.76 -13.23
CA PHE D 373 -11.09 -35.17 -14.20
C PHE D 373 -9.99 -36.00 -13.55
N VAL D 374 -9.46 -35.52 -12.43
CA VAL D 374 -8.35 -36.18 -11.72
C VAL D 374 -8.73 -37.60 -11.30
N GLU D 375 -9.86 -37.72 -10.61
CA GLU D 375 -10.35 -39.00 -10.11
C GLU D 375 -10.58 -40.01 -11.24
N GLN D 376 -10.96 -39.50 -12.41
CA GLN D 376 -11.27 -40.33 -13.57
C GLN D 376 -10.06 -40.69 -14.44
N ASN D 377 -8.95 -39.98 -14.26
CA ASN D 377 -7.74 -40.24 -15.04
C ASN D 377 -6.55 -40.71 -14.20
N ILE D 378 -6.67 -40.59 -12.87
CA ILE D 378 -5.57 -40.88 -11.94
C ILE D 378 -5.11 -42.34 -12.04
N THR D 379 -6.04 -43.24 -12.37
CA THR D 379 -5.74 -44.66 -12.53
C THR D 379 -6.24 -45.19 -13.87
N ALA D 380 -5.85 -44.54 -14.96
CA ALA D 380 -6.29 -44.93 -16.29
C ALA D 380 -5.21 -45.74 -17.00
N ASP D 381 -5.59 -46.37 -18.13
CA ASP D 381 -4.67 -47.22 -18.90
C ASP D 381 -3.42 -46.45 -19.34
N ASN D 382 -3.64 -45.27 -19.92
CA ASN D 382 -2.58 -44.45 -20.52
C ASN D 382 -1.84 -43.59 -19.48
N TRP D 383 -0.52 -43.53 -19.58
CA TRP D 383 0.29 -42.66 -18.71
C TRP D 383 -0.05 -41.17 -18.89
N ARG D 384 -0.29 -40.77 -20.15
CA ARG D 384 -0.67 -39.40 -20.49
C ARG D 384 -1.85 -38.91 -19.65
N ASN D 385 -2.78 -39.81 -19.38
CA ASN D 385 -3.93 -39.54 -18.55
C ASN D 385 -3.54 -39.46 -17.07
N ARG D 386 -2.72 -40.41 -16.62
CA ARG D 386 -2.27 -40.43 -15.23
C ARG D 386 -1.42 -39.21 -14.91
N GLU D 387 -0.53 -38.85 -15.82
CA GLU D 387 0.31 -37.67 -15.64
C GLU D 387 -0.54 -36.38 -15.62
N ALA D 388 -1.47 -36.27 -16.57
CA ALA D 388 -2.34 -35.10 -16.68
C ALA D 388 -3.19 -34.91 -15.43
N ALA D 389 -3.52 -36.02 -14.78
CA ALA D 389 -4.31 -36.00 -13.56
C ALA D 389 -3.57 -35.34 -12.40
N VAL D 390 -2.34 -35.77 -12.15
CA VAL D 390 -1.52 -35.17 -11.06
C VAL D 390 -1.07 -33.77 -11.43
N MET D 391 -0.78 -33.57 -12.72
CA MET D 391 -0.56 -32.23 -13.23
C MET D 391 -1.76 -31.36 -12.84
N ALA D 392 -2.95 -31.76 -13.28
CA ALA D 392 -4.17 -31.01 -13.02
C ALA D 392 -4.28 -30.64 -11.56
N PHE D 393 -4.08 -31.63 -10.69
CA PHE D 393 -4.26 -31.45 -9.26
C PHE D 393 -3.27 -30.44 -8.66
N GLY D 394 -2.00 -30.52 -9.06
CA GLY D 394 -0.98 -29.61 -8.55
C GLY D 394 -1.27 -28.17 -8.92
N SER D 395 -1.92 -27.99 -10.05
CA SER D 395 -2.18 -26.66 -10.60
C SER D 395 -3.30 -25.90 -9.88
N ILE D 396 -4.08 -26.60 -9.04
CA ILE D 396 -5.13 -25.97 -8.24
C ILE D 396 -4.79 -25.88 -6.75
N MET D 397 -3.50 -25.98 -6.40
CA MET D 397 -3.10 -25.85 -5.00
C MET D 397 -2.87 -24.39 -4.61
N ASP D 398 -2.90 -23.50 -5.59
CA ASP D 398 -2.89 -22.08 -5.34
C ASP D 398 -4.11 -21.48 -6.00
N GLY D 399 -5.03 -20.95 -5.19
CA GLY D 399 -6.23 -20.31 -5.71
C GLY D 399 -7.45 -20.54 -4.84
N PRO D 400 -7.86 -21.81 -4.67
CA PRO D 400 -8.97 -22.09 -3.73
C PRO D 400 -8.57 -21.72 -2.30
N ASP D 401 -9.55 -21.63 -1.40
CA ASP D 401 -9.28 -21.25 -0.02
C ASP D 401 -8.71 -22.42 0.81
N LYS D 402 -8.03 -22.06 1.91
CA LYS D 402 -7.26 -23.00 2.73
C LYS D 402 -8.08 -24.22 3.12
N VAL D 403 -9.32 -23.98 3.54
CA VAL D 403 -10.22 -25.04 3.96
C VAL D 403 -10.45 -26.08 2.86
N GLN D 404 -10.78 -25.60 1.66
CA GLN D 404 -11.05 -26.49 0.52
C GLN D 404 -9.82 -27.27 0.06
N ARG D 405 -8.68 -26.58 -0.01
CA ARG D 405 -7.43 -27.21 -0.36
C ARG D 405 -7.04 -28.31 0.63
N THR D 406 -7.24 -28.05 1.92
CA THR D 406 -6.95 -29.03 2.97
C THR D 406 -7.82 -30.27 2.78
N TYR D 407 -9.12 -30.02 2.69
CA TYR D 407 -10.11 -31.08 2.55
C TYR D 407 -9.80 -32.06 1.41
N TYR D 408 -9.52 -31.53 0.22
CA TYR D 408 -9.29 -32.40 -0.96
C TYR D 408 -7.90 -33.03 -1.01
N VAL D 409 -6.89 -32.35 -0.47
CA VAL D 409 -5.55 -32.92 -0.33
C VAL D 409 -5.64 -34.13 0.58
N HIS D 410 -6.18 -33.91 1.76
CA HIS D 410 -6.43 -34.96 2.75
C HIS D 410 -7.05 -36.21 2.10
N GLN D 411 -7.98 -35.99 1.18
CA GLN D 411 -8.74 -37.07 0.56
C GLN D 411 -8.00 -37.76 -0.61
N ALA D 412 -7.25 -36.97 -1.38
CA ALA D 412 -6.61 -37.46 -2.61
C ALA D 412 -5.13 -37.86 -2.45
N LEU D 413 -4.55 -37.55 -1.29
CA LEU D 413 -3.11 -37.76 -1.08
C LEU D 413 -2.66 -39.23 -1.17
N PRO D 414 -3.44 -40.17 -0.58
CA PRO D 414 -3.11 -41.60 -0.77
C PRO D 414 -2.92 -42.01 -2.23
N SER D 415 -3.84 -41.58 -3.09
CA SER D 415 -3.79 -41.86 -4.53
C SER D 415 -2.56 -41.21 -5.18
N ILE D 416 -2.22 -40.01 -4.73
CA ILE D 416 -1.10 -39.25 -5.30
C ILE D 416 0.23 -39.84 -4.87
N LEU D 417 0.40 -40.05 -3.57
CA LEU D 417 1.59 -40.72 -3.02
C LEU D 417 1.82 -42.05 -3.71
N ASN D 418 0.73 -42.77 -3.96
CA ASN D 418 0.78 -44.06 -4.63
C ASN D 418 1.43 -44.02 -6.01
N LEU D 419 1.33 -42.89 -6.70
CA LEU D 419 1.83 -42.78 -8.07
C LEU D 419 3.35 -42.75 -8.20
N MET D 420 4.07 -42.74 -7.07
CA MET D 420 5.53 -42.86 -7.11
C MET D 420 6.01 -44.23 -7.58
N ASN D 421 5.11 -45.22 -7.54
CA ASN D 421 5.41 -46.59 -7.98
C ASN D 421 5.08 -46.84 -9.45
N ASP D 422 4.62 -45.80 -10.14
CA ASP D 422 4.15 -45.90 -11.52
C ASP D 422 5.28 -46.26 -12.49
N GLN D 423 4.96 -47.02 -13.54
CA GLN D 423 5.94 -47.40 -14.58
C GLN D 423 6.42 -46.19 -15.37
N SER D 424 5.56 -45.18 -15.52
CA SER D 424 5.88 -44.00 -16.34
C SER D 424 6.77 -43.00 -15.61
N LEU D 425 7.88 -42.65 -16.25
CA LEU D 425 8.79 -41.62 -15.75
C LEU D 425 8.06 -40.28 -15.58
N GLN D 426 7.32 -39.87 -16.63
CA GLN D 426 6.61 -38.58 -16.64
C GLN D 426 5.63 -38.48 -15.46
N VAL D 427 4.91 -39.57 -15.22
CA VAL D 427 3.97 -39.65 -14.10
C VAL D 427 4.67 -39.44 -12.76
N LYS D 428 5.82 -40.09 -12.58
CA LYS D 428 6.54 -39.98 -11.31
C LYS D 428 7.13 -38.58 -11.11
N GLU D 429 7.73 -38.04 -12.16
CA GLU D 429 8.25 -36.67 -12.18
C GLU D 429 7.20 -35.63 -11.75
N THR D 430 6.03 -35.69 -12.36
CA THR D 430 4.92 -34.76 -12.06
C THR D 430 4.29 -35.00 -10.68
N THR D 431 4.21 -36.27 -10.29
CA THR D 431 3.71 -36.64 -8.97
C THR D 431 4.57 -35.99 -7.90
N ALA D 432 5.89 -36.10 -8.05
CA ALA D 432 6.83 -35.51 -7.12
C ALA D 432 6.60 -34.02 -7.04
N TRP D 433 6.49 -33.39 -8.20
CA TRP D 433 6.19 -31.96 -8.32
C TRP D 433 4.89 -31.60 -7.62
N CYS D 434 3.87 -32.44 -7.79
CA CYS D 434 2.56 -32.26 -7.13
C CYS D 434 2.63 -32.28 -5.59
N ILE D 435 3.52 -33.09 -5.04
CA ILE D 435 3.70 -33.18 -3.58
C ILE D 435 4.21 -31.84 -3.04
N GLY D 436 5.18 -31.26 -3.75
CA GLY D 436 5.76 -29.97 -3.37
C GLY D 436 4.75 -28.85 -3.46
N ARG D 437 3.89 -28.92 -4.48
CA ARG D 437 2.84 -27.92 -4.64
C ARG D 437 1.91 -27.95 -3.45
N ILE D 438 1.64 -29.15 -2.95
CA ILE D 438 0.85 -29.31 -1.73
C ILE D 438 1.63 -28.75 -0.52
N ALA D 439 2.89 -29.15 -0.42
CA ALA D 439 3.74 -28.75 0.69
C ALA D 439 3.88 -27.24 0.76
N ASP D 440 4.30 -26.66 -0.35
CA ASP D 440 4.58 -25.24 -0.42
C ASP D 440 3.36 -24.36 -0.14
N SER D 441 2.16 -24.87 -0.41
CA SER D 441 0.94 -24.06 -0.34
C SER D 441 0.06 -24.39 0.87
N VAL D 442 -0.09 -25.68 1.16
CA VAL D 442 -0.91 -26.13 2.30
C VAL D 442 -0.20 -27.23 3.07
N ALA D 443 0.88 -26.84 3.75
CA ALA D 443 1.64 -27.77 4.59
C ALA D 443 0.78 -28.34 5.73
N GLU D 444 0.04 -27.46 6.40
CA GLU D 444 -0.82 -27.87 7.54
C GLU D 444 -2.01 -28.78 7.15
N SER D 445 -2.13 -29.11 5.85
CA SER D 445 -3.06 -30.16 5.40
C SER D 445 -2.45 -31.57 5.52
N ILE D 446 -1.16 -31.63 5.88
CA ILE D 446 -0.43 -32.88 6.07
C ILE D 446 -0.28 -33.14 7.57
N ASP D 447 -1.18 -33.93 8.16
CA ASP D 447 -1.10 -34.17 9.60
C ASP D 447 0.19 -34.97 9.88
N PRO D 448 0.94 -34.59 10.93
CA PRO D 448 2.27 -35.18 11.16
C PRO D 448 2.28 -36.68 11.43
N GLN D 449 1.20 -37.20 12.02
CA GLN D 449 1.15 -38.60 12.49
C GLN D 449 0.66 -39.60 11.45
N GLN D 450 -0.04 -39.16 10.40
CA GLN D 450 -0.71 -40.06 9.45
C GLN D 450 -0.51 -39.76 7.94
N HIS D 451 0.14 -38.65 7.62
CA HIS D 451 0.39 -38.26 6.21
C HIS D 451 1.87 -38.01 5.92
N LEU D 452 2.51 -37.22 6.79
CA LEU D 452 3.91 -36.84 6.63
C LEU D 452 4.86 -38.02 6.42
N PRO D 453 4.67 -39.15 7.14
CA PRO D 453 5.50 -40.33 6.87
C PRO D 453 5.38 -40.85 5.42
N GLY D 454 4.16 -40.93 4.91
CA GLY D 454 3.94 -41.36 3.52
C GLY D 454 4.58 -40.43 2.51
N VAL D 455 4.61 -39.14 2.85
CA VAL D 455 5.19 -38.12 1.98
C VAL D 455 6.71 -38.31 1.91
N VAL D 456 7.33 -38.31 3.09
CA VAL D 456 8.77 -38.50 3.20
C VAL D 456 9.18 -39.77 2.46
N GLN D 457 8.45 -40.87 2.68
CA GLN D 457 8.75 -42.12 2.00
C GLN D 457 8.71 -41.97 0.48
N ALA D 458 7.70 -41.24 -0.02
CA ALA D 458 7.60 -40.95 -1.46
C ALA D 458 8.84 -40.20 -2.00
N CYS D 459 9.31 -39.19 -1.27
CA CYS D 459 10.54 -38.47 -1.65
C CYS D 459 11.77 -39.39 -1.69
N LEU D 460 11.91 -40.24 -0.68
CA LEU D 460 13.07 -41.13 -0.56
C LEU D 460 13.11 -42.17 -1.67
N ILE D 461 11.94 -42.64 -2.09
CA ILE D 461 11.82 -43.47 -3.29
C ILE D 461 12.34 -42.71 -4.51
N GLY D 462 11.87 -41.47 -4.66
CA GLY D 462 12.17 -40.68 -5.84
C GLY D 462 13.63 -40.28 -5.95
N LEU D 463 14.27 -39.99 -4.82
CA LEU D 463 15.68 -39.61 -4.79
C LEU D 463 16.59 -40.69 -5.39
N GLN D 464 16.15 -41.94 -5.28
CA GLN D 464 16.82 -43.08 -5.90
C GLN D 464 16.35 -43.39 -7.34
N ASP D 465 15.35 -42.66 -7.81
CA ASP D 465 14.73 -42.90 -9.13
C ASP D 465 15.49 -42.15 -10.25
N HIS D 466 14.93 -42.13 -11.47
CA HIS D 466 15.48 -41.35 -12.56
C HIS D 466 15.78 -39.92 -12.09
N PRO D 467 16.92 -39.33 -12.51
CA PRO D 467 17.32 -38.00 -12.02
C PRO D 467 16.31 -36.85 -12.19
N LYS D 468 15.48 -36.92 -13.22
CA LYS D 468 14.38 -35.96 -13.40
C LYS D 468 13.42 -35.98 -12.23
N VAL D 469 13.07 -37.18 -11.77
CA VAL D 469 12.24 -37.36 -10.58
C VAL D 469 12.95 -36.87 -9.32
N ALA D 470 14.22 -37.24 -9.19
CA ALA D 470 14.99 -36.91 -7.97
C ALA D 470 15.08 -35.42 -7.74
N THR D 471 15.22 -34.67 -8.84
CA THR D 471 15.26 -33.22 -8.81
C THR D 471 14.00 -32.66 -8.16
N ASN D 472 12.83 -33.17 -8.59
CA ASN D 472 11.55 -32.70 -8.05
C ASN D 472 11.30 -33.05 -6.58
N CYS D 473 11.81 -34.20 -6.14
CA CYS D 473 11.76 -34.56 -4.72
C CYS D 473 12.63 -33.65 -3.84
N SER D 474 13.81 -33.28 -4.34
CA SER D 474 14.69 -32.41 -3.59
C SER D 474 13.99 -31.09 -3.31
N TRP D 475 13.45 -30.50 -4.38
CA TRP D 475 12.68 -29.27 -4.31
C TRP D 475 11.53 -29.40 -3.32
N THR D 476 10.80 -30.51 -3.40
CA THR D 476 9.66 -30.75 -2.51
C THR D 476 10.09 -30.76 -1.04
N ILE D 477 11.18 -31.48 -0.76
CA ILE D 477 11.70 -31.57 0.60
C ILE D 477 12.01 -30.17 1.09
N ILE D 478 12.55 -29.34 0.20
CA ILE D 478 12.78 -27.93 0.52
C ILE D 478 11.47 -27.28 0.97
N ASN D 479 10.42 -27.45 0.17
CA ASN D 479 9.14 -26.81 0.47
C ASN D 479 8.64 -27.29 1.81
N LEU D 480 8.66 -28.61 2.02
CA LEU D 480 8.24 -29.19 3.29
C LEU D 480 8.92 -28.47 4.44
N VAL D 481 10.25 -28.42 4.43
CA VAL D 481 11.03 -27.89 5.54
C VAL D 481 10.78 -26.39 5.74
N GLU D 482 10.45 -25.68 4.67
CA GLU D 482 10.19 -24.24 4.74
C GLU D 482 8.85 -23.93 5.36
N GLN D 483 7.80 -24.53 4.83
CA GLN D 483 6.45 -24.29 5.33
C GLN D 483 6.16 -24.99 6.67
N LEU D 484 6.90 -26.06 7.00
CA LEU D 484 6.67 -26.82 8.25
C LEU D 484 7.42 -26.27 9.46
N ALA D 485 8.71 -25.99 9.29
CA ALA D 485 9.58 -25.54 10.40
C ALA D 485 9.17 -24.19 11.01
N GLU D 486 8.42 -23.39 10.27
CA GLU D 486 7.84 -22.14 10.81
C GLU D 486 6.73 -22.38 11.87
N ALA D 487 6.21 -23.61 11.95
CA ALA D 487 5.27 -24.01 13.00
C ALA D 487 6.05 -24.43 14.25
N THR D 488 5.62 -23.93 15.42
CA THR D 488 6.39 -24.08 16.67
C THR D 488 6.65 -25.54 17.12
N PRO D 489 5.61 -26.40 17.10
CA PRO D 489 5.89 -27.82 17.27
C PRO D 489 6.15 -28.49 15.91
N SER D 490 7.36 -28.32 15.38
CA SER D 490 7.72 -28.80 14.04
C SER D 490 8.07 -30.30 14.03
N PRO D 491 7.28 -31.10 13.28
CA PRO D 491 7.49 -32.56 13.18
C PRO D 491 8.41 -33.03 12.04
N ILE D 492 9.03 -32.10 11.31
CA ILE D 492 9.96 -32.46 10.23
C ILE D 492 11.30 -32.99 10.77
N TYR D 493 11.76 -32.44 11.90
CA TYR D 493 13.04 -32.83 12.53
C TYR D 493 13.06 -34.31 12.84
N ASN D 494 11.90 -34.82 13.23
CA ASN D 494 11.62 -36.24 13.31
C ASN D 494 12.26 -37.04 12.16
N PHE D 495 12.15 -36.50 10.93
CA PHE D 495 12.58 -37.18 9.71
C PHE D 495 13.88 -36.64 9.08
N TYR D 496 14.61 -35.77 9.79
CA TYR D 496 15.83 -35.16 9.25
C TYR D 496 16.90 -36.19 8.86
N PRO D 497 17.16 -37.19 9.73
CA PRO D 497 18.13 -38.22 9.39
C PRO D 497 17.75 -38.98 8.12
N ALA D 498 16.50 -39.41 8.02
CA ALA D 498 16.04 -40.13 6.83
C ALA D 498 16.16 -39.25 5.58
N LEU D 499 15.85 -37.95 5.72
CA LEU D 499 15.92 -37.03 4.59
C LEU D 499 17.37 -36.69 4.22
N VAL D 500 18.14 -36.21 5.19
CA VAL D 500 19.55 -35.87 4.96
C VAL D 500 20.33 -37.06 4.41
N ASP D 501 19.93 -38.27 4.80
CA ASP D 501 20.57 -39.51 4.34
C ASP D 501 20.30 -39.72 2.85
N GLY D 502 19.04 -39.57 2.46
CA GLY D 502 18.63 -39.76 1.06
C GLY D 502 19.10 -38.66 0.13
N LEU D 503 19.27 -37.46 0.66
CA LEU D 503 19.74 -36.31 -0.11
C LEU D 503 21.22 -36.43 -0.45
N ILE D 504 22.00 -36.97 0.49
CA ILE D 504 23.42 -37.17 0.29
C ILE D 504 23.64 -38.21 -0.81
N GLY D 505 22.84 -39.27 -0.79
CA GLY D 505 22.86 -40.28 -1.86
C GLY D 505 22.67 -39.67 -3.24
N ALA D 506 21.76 -38.70 -3.34
CA ALA D 506 21.52 -37.96 -4.58
C ALA D 506 22.68 -37.01 -4.90
N ALA D 507 23.24 -36.38 -3.87
CA ALA D 507 24.42 -35.53 -4.00
C ALA D 507 25.64 -36.31 -4.50
N ASN D 508 25.71 -37.60 -4.13
CA ASN D 508 26.79 -38.48 -4.58
C ASN D 508 26.61 -39.02 -6.00
N ARG D 509 25.56 -38.58 -6.69
CA ARG D 509 25.30 -39.04 -8.05
C ARG D 509 26.53 -38.84 -8.93
N ILE D 510 26.67 -39.72 -9.92
CA ILE D 510 27.81 -39.77 -10.84
C ILE D 510 28.04 -38.42 -11.55
N ASP D 511 26.94 -37.82 -11.98
CA ASP D 511 26.92 -36.55 -12.69
C ASP D 511 25.78 -35.68 -12.18
N ASN D 512 25.63 -34.49 -12.78
CA ASN D 512 24.49 -33.61 -12.51
C ASN D 512 23.48 -33.63 -13.65
N GLU D 513 23.16 -34.81 -14.18
CA GLU D 513 22.19 -34.90 -15.26
C GLU D 513 20.81 -34.53 -14.71
N PHE D 514 20.12 -33.66 -15.45
CA PHE D 514 18.79 -33.14 -15.09
C PHE D 514 18.71 -32.46 -13.73
N ASN D 515 19.76 -31.70 -13.42
CA ASN D 515 19.92 -31.00 -12.14
C ASN D 515 19.64 -31.82 -10.86
N ALA D 516 19.77 -33.15 -10.96
CA ALA D 516 19.55 -34.04 -9.80
C ALA D 516 20.60 -33.83 -8.69
N ARG D 517 21.84 -33.55 -9.07
CA ARG D 517 22.90 -33.31 -8.10
C ARG D 517 22.71 -31.94 -7.45
N ALA D 518 22.66 -30.91 -8.29
CA ALA D 518 22.50 -29.52 -7.84
C ALA D 518 21.26 -29.33 -6.98
N SER D 519 20.15 -29.95 -7.37
CA SER D 519 18.92 -29.96 -6.55
C SER D 519 19.24 -30.40 -5.13
N ALA D 520 19.91 -31.55 -5.02
CA ALA D 520 20.18 -32.16 -3.72
C ALA D 520 21.01 -31.24 -2.84
N PHE D 521 22.07 -30.67 -3.42
CA PHE D 521 22.93 -29.75 -2.68
C PHE D 521 22.14 -28.54 -2.16
N SER D 522 21.21 -28.07 -2.98
CA SER D 522 20.32 -27.00 -2.57
C SER D 522 19.43 -27.46 -1.42
N ALA D 523 18.92 -28.68 -1.52
CA ALA D 523 18.09 -29.25 -0.46
C ALA D 523 18.89 -29.36 0.85
N LEU D 524 20.10 -29.91 0.76
CA LEU D 524 20.98 -29.98 1.94
C LEU D 524 21.16 -28.60 2.56
N THR D 525 21.41 -27.59 1.72
CA THR D 525 21.55 -26.22 2.19
C THR D 525 20.34 -25.84 3.03
N THR D 526 19.15 -26.07 2.47
CA THR D 526 17.92 -25.80 3.20
C THR D 526 17.89 -26.59 4.51
N MET D 527 18.15 -27.90 4.45
CA MET D 527 18.17 -28.73 5.67
C MET D 527 18.99 -28.03 6.73
N VAL D 528 20.18 -27.59 6.33
CA VAL D 528 21.11 -26.89 7.22
C VAL D 528 20.56 -25.53 7.67
N GLU D 529 19.98 -24.76 6.74
CA GLU D 529 19.43 -23.43 7.07
C GLU D 529 18.44 -23.52 8.25
N TYR D 530 17.59 -24.55 8.22
CA TYR D 530 16.53 -24.72 9.22
C TYR D 530 16.85 -25.77 10.29
N ALA D 531 18.13 -26.05 10.52
CA ALA D 531 18.54 -27.02 11.53
C ALA D 531 18.36 -26.47 12.94
N THR D 532 18.11 -27.35 13.90
CA THR D 532 18.09 -27.01 15.33
C THR D 532 19.15 -27.83 16.07
N ASP D 533 19.28 -27.58 17.36
CA ASP D 533 20.20 -28.34 18.20
C ASP D 533 19.85 -29.83 18.15
N THR D 534 18.55 -30.12 18.22
CA THR D 534 18.03 -31.50 18.20
C THR D 534 18.66 -32.40 17.16
N VAL D 535 18.98 -31.83 15.99
CA VAL D 535 19.54 -32.58 14.85
C VAL D 535 20.95 -32.07 14.50
N ALA D 536 21.89 -32.29 15.42
CA ALA D 536 23.27 -31.86 15.20
C ALA D 536 24.05 -32.99 14.53
N GLU D 537 23.82 -34.22 14.98
CA GLU D 537 24.48 -35.42 14.45
C GLU D 537 24.32 -35.53 12.93
N THR D 538 23.09 -35.27 12.46
CA THR D 538 22.80 -35.26 11.02
C THR D 538 23.37 -34.01 10.33
N SER D 539 23.22 -32.85 10.98
CA SER D 539 23.83 -31.61 10.49
C SER D 539 25.35 -31.75 10.37
N ALA D 540 25.93 -32.53 11.28
CA ALA D 540 27.35 -32.88 11.24
C ALA D 540 27.70 -33.87 10.13
N SER D 541 26.78 -34.80 9.83
CA SER D 541 26.96 -35.73 8.69
C SER D 541 27.04 -34.98 7.38
N ILE D 542 26.30 -33.86 7.29
CA ILE D 542 26.32 -33.01 6.08
C ILE D 542 27.71 -32.39 5.87
N SER D 543 28.24 -31.72 6.90
CA SER D 543 29.54 -31.05 6.79
C SER D 543 30.66 -32.02 6.45
N THR D 544 30.65 -33.17 7.11
CA THR D 544 31.67 -34.18 6.88
C THR D 544 31.57 -34.72 5.46
N PHE D 545 30.33 -34.89 4.98
CA PHE D 545 30.13 -35.32 3.60
C PHE D 545 30.69 -34.30 2.62
N VAL D 546 30.25 -33.05 2.76
CA VAL D 546 30.61 -32.00 1.80
C VAL D 546 32.12 -31.66 1.80
N MET D 547 32.75 -31.70 2.97
CA MET D 547 34.19 -31.43 3.06
C MET D 547 34.99 -32.52 2.37
N ASP D 548 34.65 -33.78 2.61
CA ASP D 548 35.29 -34.88 1.92
C ASP D 548 35.03 -34.77 0.41
N LYS D 549 33.82 -34.36 0.05
CA LYS D 549 33.44 -34.18 -1.35
C LYS D 549 34.26 -33.04 -1.98
N LEU D 550 34.34 -31.90 -1.29
CA LEU D 550 35.11 -30.76 -1.78
C LEU D 550 36.57 -31.17 -2.03
N GLY D 551 37.19 -31.80 -1.03
CA GLY D 551 38.55 -32.30 -1.16
C GLY D 551 38.71 -33.17 -2.40
N GLN D 552 37.69 -33.99 -2.65
CA GLN D 552 37.70 -34.96 -3.75
C GLN D 552 37.73 -34.30 -5.13
N THR D 553 36.98 -33.20 -5.29
CA THR D 553 36.98 -32.45 -6.54
C THR D 553 38.33 -31.76 -6.81
N MET D 554 38.99 -31.31 -5.75
CA MET D 554 40.25 -30.58 -5.88
C MET D 554 41.42 -31.46 -6.27
N SER D 555 41.27 -32.76 -6.02
CA SER D 555 42.27 -33.73 -6.44
C SER D 555 42.86 -33.37 -7.81
N VAL D 556 42.01 -33.30 -8.84
CA VAL D 556 42.46 -33.02 -10.22
C VAL D 556 42.15 -31.58 -10.66
N GLU D 564 33.72 -28.96 -20.74
CA GLU D 564 32.45 -29.43 -20.20
C GLU D 564 32.58 -30.05 -18.80
N ASP D 565 33.56 -30.95 -18.63
CA ASP D 565 33.76 -31.60 -17.33
C ASP D 565 34.22 -30.62 -16.27
N ALA D 566 35.01 -29.62 -16.67
CA ALA D 566 35.48 -28.59 -15.73
C ALA D 566 34.35 -27.68 -15.27
N GLN D 567 33.53 -27.25 -16.21
CA GLN D 567 32.39 -26.39 -15.91
C GLN D 567 31.33 -27.14 -15.10
N SER D 568 31.14 -28.42 -15.44
CA SER D 568 30.34 -29.35 -14.62
C SER D 568 30.98 -29.57 -13.23
N LEU D 569 32.32 -29.62 -13.19
CA LEU D 569 33.06 -29.77 -11.94
C LEU D 569 32.96 -28.50 -11.10
N GLN D 570 33.26 -27.36 -11.74
CA GLN D 570 33.15 -26.08 -11.06
C GLN D 570 31.72 -25.89 -10.54
N GLU D 571 30.71 -26.24 -11.33
CA GLU D 571 29.32 -26.20 -10.83
C GLU D 571 29.20 -26.96 -9.52
N LEU D 572 29.71 -28.19 -9.50
CA LEU D 572 29.65 -29.03 -8.30
C LEU D 572 30.27 -28.33 -7.06
N GLN D 573 31.41 -27.66 -7.27
CA GLN D 573 32.12 -26.93 -6.19
C GLN D 573 31.31 -25.74 -5.67
N SER D 574 30.71 -24.99 -6.59
CA SER D 574 29.75 -23.94 -6.25
C SER D 574 28.62 -24.50 -5.40
N ASN D 575 28.05 -25.61 -5.85
CA ASN D 575 26.98 -26.30 -5.12
C ASN D 575 27.43 -26.62 -3.70
N ILE D 576 28.62 -27.22 -3.60
CA ILE D 576 29.17 -27.67 -2.32
C ILE D 576 29.37 -26.51 -1.36
N LEU D 577 29.85 -25.38 -1.88
CA LEU D 577 30.15 -24.22 -1.05
C LEU D 577 28.92 -23.51 -0.52
N THR D 578 27.82 -23.59 -1.26
CA THR D 578 26.52 -23.19 -0.76
C THR D 578 26.18 -23.91 0.55
N VAL D 579 26.36 -25.23 0.55
CA VAL D 579 26.12 -26.03 1.75
C VAL D 579 27.13 -25.66 2.84
N LEU D 580 28.41 -25.63 2.46
CA LEU D 580 29.50 -25.40 3.42
C LEU D 580 29.35 -24.07 4.13
N ALA D 581 28.96 -23.04 3.37
CA ALA D 581 28.66 -21.72 3.92
C ALA D 581 27.53 -21.79 4.94
N ALA D 582 26.47 -22.52 4.61
CA ALA D 582 25.29 -22.62 5.49
C ALA D 582 25.63 -23.28 6.82
N VAL D 583 26.44 -24.33 6.76
CA VAL D 583 26.90 -25.05 7.96
C VAL D 583 27.64 -24.10 8.90
N ILE D 584 28.55 -23.32 8.34
CA ILE D 584 29.34 -22.35 9.09
C ILE D 584 28.47 -21.24 9.69
N ARG D 585 27.35 -20.92 9.03
CA ARG D 585 26.44 -19.89 9.49
C ARG D 585 25.27 -20.50 10.25
N LYS D 586 25.56 -21.47 11.12
CA LYS D 586 24.52 -22.19 11.86
C LYS D 586 25.14 -23.00 12.99
N SER D 587 25.97 -23.97 12.61
CA SER D 587 26.70 -24.80 13.57
C SER D 587 28.16 -24.95 13.14
N PRO D 588 29.02 -23.97 13.48
CA PRO D 588 30.45 -24.10 13.24
C PRO D 588 31.07 -25.16 14.15
N SER D 589 30.32 -25.56 15.17
CA SER D 589 30.69 -26.68 16.04
C SER D 589 31.15 -27.95 15.31
N SER D 590 30.66 -28.20 14.09
CA SER D 590 31.03 -29.40 13.31
C SER D 590 32.18 -29.19 12.29
N VAL D 591 32.73 -27.97 12.22
CA VAL D 591 33.87 -27.68 11.34
C VAL D 591 35.00 -26.86 12.00
N GLU D 592 34.74 -26.29 13.18
CA GLU D 592 35.81 -25.72 14.02
C GLU D 592 36.78 -26.83 14.42
N PRO D 593 36.24 -28.02 14.80
CA PRO D 593 37.09 -29.18 15.04
C PRO D 593 37.94 -29.67 13.84
N VAL D 594 37.54 -29.30 12.63
CA VAL D 594 38.37 -29.52 11.45
C VAL D 594 38.65 -28.17 10.76
N ALA D 595 38.83 -27.12 11.56
CA ALA D 595 39.07 -25.77 11.06
C ALA D 595 40.18 -25.77 10.01
N ASP D 596 41.27 -26.47 10.32
CA ASP D 596 42.41 -26.65 9.39
C ASP D 596 42.00 -27.33 8.06
N MET D 597 41.00 -28.21 8.11
CA MET D 597 40.47 -28.85 6.91
C MET D 597 39.83 -27.77 6.01
N LEU D 598 38.75 -27.14 6.48
CA LEU D 598 38.09 -26.07 5.74
C LEU D 598 39.10 -25.08 5.18
N MET D 599 39.87 -24.47 6.07
CA MET D 599 40.87 -23.47 5.68
C MET D 599 41.83 -24.06 4.68
N GLY D 600 42.29 -25.29 4.95
CA GLY D 600 43.19 -26.00 4.03
C GLY D 600 42.59 -26.12 2.63
N LEU D 601 41.32 -26.51 2.59
CA LEU D 601 40.58 -26.65 1.33
C LEU D 601 40.32 -25.29 0.68
N PHE D 602 39.85 -24.34 1.47
CA PHE D 602 39.62 -22.98 1.00
C PHE D 602 40.91 -22.37 0.44
N PHE D 603 42.00 -22.50 1.19
CA PHE D 603 43.26 -21.94 0.74
C PHE D 603 43.73 -22.64 -0.52
N ARG D 604 43.51 -23.95 -0.60
CA ARG D 604 43.80 -24.70 -1.83
C ARG D 604 42.93 -24.20 -3.00
N LEU D 605 41.63 -24.08 -2.77
CA LEU D 605 40.70 -23.52 -3.77
C LEU D 605 41.15 -22.15 -4.31
N LEU D 606 41.48 -21.24 -3.39
CA LEU D 606 41.90 -19.89 -3.76
C LEU D 606 43.28 -19.86 -4.43
N GLU D 607 44.10 -20.87 -4.14
CA GLU D 607 45.43 -20.98 -4.77
C GLU D 607 45.34 -21.23 -6.28
N LYS D 608 44.62 -22.27 -6.67
CA LYS D 608 44.63 -22.72 -8.07
C LYS D 608 44.10 -21.66 -9.04
N LYS D 609 44.44 -21.86 -10.31
CA LYS D 609 44.03 -20.95 -11.38
C LYS D 609 42.53 -21.14 -11.69
N ASP D 610 41.95 -20.20 -12.43
CA ASP D 610 40.53 -20.23 -12.76
C ASP D 610 39.68 -20.41 -11.50
N SER D 611 39.90 -19.54 -10.51
CA SER D 611 39.17 -19.57 -9.24
C SER D 611 38.12 -18.44 -9.11
N ALA D 612 38.10 -17.51 -10.06
CA ALA D 612 37.26 -16.33 -9.94
C ALA D 612 35.79 -16.67 -9.65
N PHE D 613 35.32 -17.81 -10.17
CA PHE D 613 33.93 -18.24 -9.92
C PHE D 613 33.59 -18.52 -8.45
N ILE D 614 34.53 -19.09 -7.68
CA ILE D 614 34.27 -19.40 -6.26
C ILE D 614 34.89 -18.39 -5.28
N GLU D 615 35.90 -17.65 -5.73
CA GLU D 615 36.61 -16.67 -4.86
C GLU D 615 35.74 -15.94 -3.84
N ASP D 616 34.72 -15.24 -4.32
CA ASP D 616 33.84 -14.48 -3.44
C ASP D 616 33.14 -15.39 -2.45
N ASP D 617 32.66 -16.55 -2.92
CA ASP D 617 31.98 -17.54 -2.09
C ASP D 617 32.90 -18.02 -0.97
N VAL D 618 34.14 -18.34 -1.33
CA VAL D 618 35.10 -18.82 -0.35
C VAL D 618 35.46 -17.70 0.62
N PHE D 619 35.48 -16.45 0.15
CA PHE D 619 35.71 -15.31 1.04
C PHE D 619 34.57 -15.14 2.02
N TYR D 620 33.33 -15.16 1.49
CA TYR D 620 32.16 -15.11 2.35
C TYR D 620 32.18 -16.21 3.42
N ALA D 621 32.58 -17.42 3.02
CA ALA D 621 32.65 -18.56 3.94
C ALA D 621 33.71 -18.38 5.02
N ILE D 622 34.92 -17.98 4.61
CA ILE D 622 36.02 -17.72 5.57
C ILE D 622 35.67 -16.61 6.56
N SER D 623 35.08 -15.53 6.07
CA SER D 623 34.65 -14.43 6.93
C SER D 623 33.78 -14.96 8.06
N ALA D 624 32.74 -15.70 7.69
CA ALA D 624 31.80 -16.30 8.63
C ALA D 624 32.47 -17.25 9.63
N LEU D 625 33.34 -18.12 9.12
CA LEU D 625 34.14 -19.01 9.96
C LEU D 625 35.01 -18.20 10.92
N ALA D 626 35.58 -17.09 10.43
CA ALA D 626 36.45 -16.23 11.25
C ALA D 626 35.66 -15.50 12.33
N ALA D 627 34.39 -15.19 12.05
CA ALA D 627 33.50 -14.63 13.05
C ALA D 627 33.34 -15.55 14.28
N SER D 628 33.38 -16.87 14.05
CA SER D 628 33.26 -17.88 15.12
C SER D 628 34.54 -18.13 15.91
N LEU D 629 35.64 -18.40 15.20
CA LEU D 629 36.91 -18.72 15.82
C LEU D 629 37.46 -17.59 16.71
N GLY D 630 37.05 -16.35 16.44
CA GLY D 630 37.52 -15.20 17.22
C GLY D 630 39.04 -15.12 17.19
N LYS D 631 39.66 -15.12 18.38
CA LYS D 631 41.13 -15.21 18.51
C LYS D 631 41.72 -16.43 17.78
N GLY D 632 40.92 -17.48 17.62
CA GLY D 632 41.36 -18.69 16.93
C GLY D 632 41.66 -18.55 15.44
N PHE D 633 41.20 -17.46 14.82
CA PHE D 633 41.46 -17.26 13.40
C PHE D 633 42.85 -16.67 13.13
N GLU D 634 43.51 -16.12 14.15
CA GLU D 634 44.79 -15.42 13.94
C GLU D 634 45.85 -16.25 13.20
N LYS D 635 45.93 -17.54 13.50
CA LYS D 635 46.93 -18.40 12.85
C LYS D 635 46.76 -18.50 11.33
N TYR D 636 45.60 -18.07 10.80
CA TYR D 636 45.36 -17.99 9.34
C TYR D 636 45.46 -16.56 8.77
N LEU D 637 45.35 -15.57 9.64
CA LEU D 637 45.29 -14.16 9.22
C LEU D 637 46.40 -13.85 8.23
N GLU D 638 47.59 -14.36 8.53
CA GLU D 638 48.77 -14.20 7.67
C GLU D 638 48.50 -14.60 6.22
N THR D 639 48.16 -15.88 5.99
CA THR D 639 48.03 -16.41 4.63
C THR D 639 46.71 -15.98 3.97
N PHE D 640 45.75 -15.52 4.78
CA PHE D 640 44.47 -14.95 4.31
C PHE D 640 44.60 -13.49 3.86
N SER D 641 45.60 -12.80 4.40
CA SER D 641 45.86 -11.36 4.13
C SER D 641 45.71 -10.90 2.67
N PRO D 642 46.36 -11.60 1.71
CA PRO D 642 46.26 -11.16 0.30
C PRO D 642 44.82 -11.14 -0.20
N TYR D 643 44.05 -12.16 0.20
CA TYR D 643 42.65 -12.31 -0.19
C TYR D 643 41.74 -11.24 0.47
N LEU D 644 42.10 -10.80 1.67
CA LEU D 644 41.37 -9.73 2.33
C LEU D 644 41.52 -8.44 1.54
N LEU D 645 42.78 -8.13 1.21
CA LEU D 645 43.09 -6.91 0.47
C LEU D 645 42.46 -6.96 -0.93
N LYS D 646 42.63 -8.10 -1.59
CA LYS D 646 41.98 -8.37 -2.86
C LYS D 646 40.45 -8.09 -2.76
N ALA D 647 39.82 -8.51 -1.66
CA ALA D 647 38.39 -8.27 -1.47
C ALA D 647 38.08 -6.81 -1.13
N LEU D 648 38.80 -6.26 -0.15
CA LEU D 648 38.66 -4.84 0.25
C LEU D 648 38.70 -3.86 -0.93
N ASN D 649 39.57 -4.12 -1.90
CA ASN D 649 39.72 -3.23 -3.05
C ASN D 649 38.60 -3.29 -4.09
N GLN D 650 37.76 -4.33 -4.07
CA GLN D 650 36.66 -4.40 -5.03
C GLN D 650 35.54 -3.50 -4.53
N VAL D 651 35.82 -2.19 -4.51
CA VAL D 651 34.93 -1.21 -3.87
C VAL D 651 33.55 -1.12 -4.54
N ASP D 652 33.46 -1.59 -5.78
CA ASP D 652 32.17 -1.70 -6.50
C ASP D 652 31.39 -3.01 -6.23
N SER D 653 31.98 -3.93 -5.44
CA SER D 653 31.36 -5.22 -5.14
C SER D 653 30.88 -5.26 -3.69
N PRO D 654 29.80 -6.01 -3.41
CA PRO D 654 29.37 -6.27 -2.02
C PRO D 654 30.44 -6.89 -1.14
N VAL D 655 31.31 -7.71 -1.75
CA VAL D 655 32.39 -8.41 -1.05
C VAL D 655 33.28 -7.45 -0.24
N SER D 656 33.44 -6.21 -0.72
CA SER D 656 34.22 -5.20 0.01
C SER D 656 33.55 -4.82 1.33
N ILE D 657 32.23 -4.92 1.38
CA ILE D 657 31.45 -4.56 2.57
C ILE D 657 31.58 -5.61 3.68
N THR D 658 31.52 -6.89 3.32
CA THR D 658 31.74 -7.94 4.31
C THR D 658 33.22 -7.98 4.72
N ALA D 659 34.10 -7.59 3.80
CA ALA D 659 35.54 -7.48 4.12
C ALA D 659 35.79 -6.42 5.19
N VAL D 660 35.04 -5.31 5.14
CA VAL D 660 35.09 -4.33 6.22
C VAL D 660 34.51 -4.95 7.47
N GLY D 661 33.48 -5.75 7.30
CA GLY D 661 32.92 -6.49 8.41
C GLY D 661 33.94 -7.41 9.06
N PHE D 662 34.69 -8.14 8.22
CA PHE D 662 35.73 -9.04 8.71
C PHE D 662 36.79 -8.28 9.53
N ILE D 663 37.09 -7.05 9.13
CA ILE D 663 38.03 -6.22 9.90
C ILE D 663 37.43 -5.81 11.23
N ALA D 664 36.12 -5.54 11.24
CA ALA D 664 35.42 -5.22 12.48
C ALA D 664 35.52 -6.35 13.49
N ASP D 665 35.25 -7.57 13.02
CA ASP D 665 35.25 -8.77 13.87
C ASP D 665 36.64 -9.12 14.45
N ILE D 666 37.65 -9.32 13.61
CA ILE D 666 39.00 -9.64 14.15
C ILE D 666 39.63 -8.49 14.93
N SER D 667 39.27 -7.25 14.63
CA SER D 667 39.72 -6.14 15.46
C SER D 667 39.13 -6.30 16.84
N ASN D 668 37.87 -6.76 16.91
CA ASN D 668 37.17 -6.98 18.18
C ASN D 668 37.63 -8.24 18.93
N SER D 669 37.84 -9.36 18.22
CA SER D 669 38.19 -10.64 18.87
C SER D 669 39.64 -10.69 19.34
N LEU D 670 40.58 -10.31 18.46
CA LEU D 670 41.89 -9.84 18.92
C LEU D 670 41.52 -8.51 19.54
N GLU D 671 42.21 -8.06 20.56
CA GLU D 671 41.85 -6.76 21.12
C GLU D 671 42.93 -5.77 20.77
N GLU D 672 43.97 -5.70 21.59
CA GLU D 672 45.09 -4.82 21.36
C GLU D 672 46.17 -5.55 20.56
N ASP D 673 45.96 -6.85 20.31
CA ASP D 673 46.79 -7.64 19.39
C ASP D 673 46.50 -7.32 17.92
N PHE D 674 45.39 -6.63 17.66
CA PHE D 674 45.11 -6.12 16.32
C PHE D 674 46.12 -5.03 15.94
N ARG D 675 46.72 -4.36 16.94
CA ARG D 675 47.76 -3.34 16.68
C ARG D 675 48.79 -3.82 15.67
N ARG D 676 49.13 -5.10 15.74
CA ARG D 676 50.03 -5.74 14.78
C ARG D 676 49.57 -5.55 13.32
N TYR D 677 48.26 -5.63 13.08
CA TYR D 677 47.70 -5.56 11.72
C TYR D 677 47.02 -4.20 11.40
N SER D 678 46.95 -3.32 12.41
CA SER D 678 46.25 -2.03 12.31
C SER D 678 46.59 -1.22 11.05
N ASP D 679 47.87 -0.90 10.90
CA ASP D 679 48.33 0.08 9.91
C ASP D 679 47.98 -0.33 8.49
N ALA D 680 48.29 -1.56 8.15
CA ALA D 680 47.96 -2.11 6.82
C ALA D 680 46.47 -1.89 6.51
N MET D 681 45.62 -2.12 7.51
CA MET D 681 44.17 -1.97 7.36
C MET D 681 43.73 -0.52 7.24
N MET D 682 44.20 0.33 8.15
CA MET D 682 43.88 1.75 8.09
C MET D 682 44.24 2.40 6.75
N ASN D 683 45.47 2.17 6.27
CA ASN D 683 45.92 2.73 5.00
C ASN D 683 44.94 2.39 3.86
N VAL D 684 44.47 1.13 3.81
CA VAL D 684 43.54 0.68 2.78
C VAL D 684 42.12 1.23 3.00
N LEU D 685 41.74 1.46 4.25
CA LEU D 685 40.40 1.97 4.55
C LEU D 685 40.32 3.44 4.18
N ALA D 686 41.24 4.24 4.73
CA ALA D 686 41.28 5.68 4.46
C ALA D 686 41.22 5.91 2.95
N GLN D 687 41.95 5.07 2.24
CA GLN D 687 41.92 5.03 0.79
C GLN D 687 40.52 4.65 0.25
N MET D 688 40.05 3.44 0.59
CA MET D 688 38.77 2.92 0.09
C MET D 688 37.59 3.88 0.10
N ILE D 689 37.49 4.72 1.12
CA ILE D 689 36.37 5.66 1.24
C ILE D 689 36.46 6.79 0.18
N SER D 690 37.69 7.22 -0.11
CA SER D 690 37.98 8.26 -1.12
C SER D 690 37.90 7.77 -2.57
N ASN D 691 37.41 6.57 -2.79
CA ASN D 691 37.41 5.99 -4.12
C ASN D 691 36.21 6.51 -4.92
N PRO D 692 36.45 6.98 -6.16
CA PRO D 692 35.33 7.36 -7.03
C PRO D 692 34.27 6.26 -7.20
N ASN D 693 34.70 4.99 -7.14
CA ASN D 693 33.84 3.85 -7.46
C ASN D 693 33.20 3.15 -6.25
N ALA D 694 33.58 3.55 -5.04
CA ALA D 694 33.09 2.91 -3.83
C ALA D 694 31.56 2.98 -3.78
N ARG D 695 30.93 1.86 -3.43
CA ARG D 695 29.47 1.78 -3.31
C ARG D 695 28.97 2.70 -2.21
N ARG D 696 27.67 2.97 -2.23
CA ARG D 696 27.03 3.76 -1.17
C ARG D 696 27.28 3.12 0.18
N GLU D 697 27.11 1.80 0.26
CA GLU D 697 27.13 1.10 1.54
C GLU D 697 28.50 1.12 2.22
N LEU D 698 29.56 1.33 1.44
CA LEU D 698 30.95 1.22 1.91
C LEU D 698 31.41 2.42 2.77
N LYS D 699 30.82 3.59 2.53
CA LYS D 699 31.15 4.83 3.26
C LYS D 699 30.78 4.75 4.76
N PRO D 700 29.50 4.45 5.10
CA PRO D 700 29.16 4.21 6.51
C PRO D 700 29.81 2.96 7.13
N ALA D 701 29.95 1.89 6.37
CA ALA D 701 30.61 0.68 6.87
C ALA D 701 32.04 0.97 7.34
N VAL D 702 32.76 1.78 6.55
CA VAL D 702 34.13 2.19 6.87
C VAL D 702 34.17 3.18 8.04
N LEU D 703 33.24 4.14 8.06
CA LEU D 703 33.15 5.10 9.16
C LEU D 703 32.98 4.38 10.49
N SER D 704 32.09 3.40 10.53
CA SER D 704 31.84 2.64 11.74
C SER D 704 33.04 1.78 12.16
N VAL D 705 33.72 1.16 11.19
CA VAL D 705 34.86 0.28 11.48
C VAL D 705 36.06 1.04 12.04
N PHE D 706 36.12 2.35 11.80
CA PHE D 706 37.09 3.20 12.50
C PHE D 706 36.79 3.12 13.99
N GLY D 707 35.51 3.17 14.35
CA GLY D 707 35.07 2.97 15.74
C GLY D 707 35.62 1.69 16.34
N ASP D 708 35.34 0.56 15.68
CA ASP D 708 35.88 -0.76 16.07
C ASP D 708 37.40 -0.74 16.31
N ILE D 709 38.13 -0.22 15.34
CA ILE D 709 39.61 -0.20 15.37
C ILE D 709 40.09 0.74 16.49
N ALA D 710 39.59 1.98 16.51
CA ALA D 710 39.96 2.91 17.57
C ALA D 710 39.81 2.31 18.96
N SER D 711 38.67 1.69 19.24
CA SER D 711 38.33 1.21 20.60
C SER D 711 39.18 0.04 21.09
N ASN D 712 39.51 -0.89 20.19
CA ASN D 712 40.38 -2.03 20.50
C ASN D 712 41.89 -1.67 20.60
N ILE D 713 42.28 -0.55 19.98
CA ILE D 713 43.69 -0.21 19.71
C ILE D 713 44.24 0.96 20.57
N GLY D 714 43.36 1.70 21.23
CA GLY D 714 43.76 2.79 22.11
C GLY D 714 44.82 3.71 21.54
N ALA D 715 45.89 3.90 22.31
CA ALA D 715 46.95 4.88 21.99
C ALA D 715 47.52 4.77 20.58
N ASP D 716 47.62 3.55 20.04
CA ASP D 716 48.17 3.33 18.69
C ASP D 716 47.32 3.95 17.56
N PHE D 717 46.08 4.36 17.88
CA PHE D 717 45.18 5.03 16.94
C PHE D 717 45.51 6.52 16.72
N ILE D 718 46.29 7.11 17.61
CA ILE D 718 46.51 8.58 17.60
C ILE D 718 47.10 9.10 16.28
N PRO D 719 48.13 8.40 15.74
CA PRO D 719 48.65 8.77 14.41
C PRO D 719 47.57 9.01 13.35
N TYR D 720 46.50 8.20 13.39
CA TYR D 720 45.40 8.27 12.42
C TYR D 720 44.28 9.19 12.89
N LEU D 721 44.44 9.78 14.07
CA LEU D 721 43.37 10.55 14.67
C LEU D 721 42.94 11.68 13.72
N ASN D 722 43.86 12.58 13.43
CA ASN D 722 43.58 13.80 12.67
C ASN D 722 42.92 13.54 11.31
N ASP D 723 43.40 12.54 10.59
CA ASP D 723 42.83 12.21 9.28
C ASP D 723 41.40 11.67 9.47
N ILE D 724 41.19 10.75 10.41
CA ILE D 724 39.84 10.22 10.64
C ILE D 724 38.89 11.31 11.13
N MET D 725 39.36 12.22 11.98
CA MET D 725 38.52 13.34 12.39
C MET D 725 38.15 14.24 11.19
N ALA D 726 39.04 14.37 10.20
CA ALA D 726 38.68 15.06 8.97
C ALA D 726 37.56 14.35 8.20
N LEU D 727 37.71 13.03 8.04
CA LEU D 727 36.74 12.20 7.32
C LEU D 727 35.34 12.25 7.93
N CYS D 728 35.24 12.17 9.25
CA CYS D 728 33.96 12.38 9.94
C CYS D 728 33.94 13.76 10.62
N VAL D 729 33.82 14.74 9.74
CA VAL D 729 33.48 16.14 9.99
C VAL D 729 32.88 16.57 8.63
N ALA D 730 33.59 16.22 7.57
CA ALA D 730 33.05 16.24 6.20
C ALA D 730 31.79 15.39 6.09
N ALA D 731 31.78 14.25 6.76
CA ALA D 731 30.65 13.31 6.69
C ALA D 731 29.45 13.85 7.46
N GLN D 732 29.69 14.47 8.61
CA GLN D 732 28.60 14.97 9.44
C GLN D 732 27.94 16.23 8.87
N ASN D 733 28.65 16.95 7.98
CA ASN D 733 28.09 18.13 7.31
C ASN D 733 27.60 17.80 5.89
N THR D 734 27.35 16.51 5.65
CA THR D 734 26.84 16.02 4.36
C THR D 734 25.32 15.95 4.28
N LYS D 735 24.73 16.80 3.45
CA LYS D 735 23.26 16.86 3.29
C LYS D 735 22.78 15.73 2.39
N PRO D 736 21.47 15.41 2.44
CA PRO D 736 20.93 14.38 1.53
C PRO D 736 21.11 14.72 0.04
N GLU D 737 21.37 13.67 -0.73
CA GLU D 737 21.67 13.77 -2.17
C GLU D 737 20.51 14.44 -2.92
N ASN D 738 19.30 14.16 -2.44
CA ASN D 738 18.08 14.77 -2.93
C ASN D 738 17.13 14.94 -1.73
N GLY D 739 15.86 14.54 -1.87
CA GLY D 739 14.94 14.53 -0.73
C GLY D 739 14.10 13.27 -0.67
N THR D 740 14.54 12.21 -1.34
CA THR D 740 13.74 10.98 -1.43
C THR D 740 13.93 10.06 -0.23
N LEU D 741 13.14 8.98 -0.22
CA LEU D 741 13.28 7.86 0.72
C LEU D 741 14.72 7.63 1.19
N GLU D 742 15.57 7.15 0.29
CA GLU D 742 16.95 6.79 0.61
C GLU D 742 17.78 8.02 0.94
N ALA D 743 17.51 9.13 0.25
CA ALA D 743 18.28 10.36 0.42
C ALA D 743 18.63 10.64 1.87
N LEU D 744 17.62 10.63 2.74
CA LEU D 744 17.81 10.91 4.17
C LEU D 744 18.16 9.66 4.96
N ASP D 745 17.50 8.54 4.64
CA ASP D 745 17.79 7.23 5.26
C ASP D 745 19.27 6.87 5.17
N TYR D 746 19.86 7.15 4.02
CA TYR D 746 21.28 6.98 3.81
C TYR D 746 22.07 8.10 4.51
N GLN D 747 21.58 9.33 4.45
CA GLN D 747 22.25 10.43 5.15
C GLN D 747 22.33 10.17 6.65
N ILE D 748 21.26 9.60 7.21
CA ILE D 748 21.22 9.24 8.64
C ILE D 748 22.23 8.13 8.91
N LYS D 749 22.13 7.01 8.18
CA LYS D 749 23.11 5.90 8.25
C LYS D 749 24.57 6.37 8.31
N VAL D 750 24.88 7.42 7.54
CA VAL D 750 26.22 8.01 7.52
C VAL D 750 26.46 8.80 8.81
N LEU D 751 25.42 9.43 9.33
CA LEU D 751 25.52 10.17 10.57
C LEU D 751 25.65 9.24 11.78
N GLU D 752 24.87 8.16 11.77
CA GLU D 752 24.93 7.17 12.82
C GLU D 752 26.31 6.50 12.78
N ALA D 753 26.85 6.35 11.57
CA ALA D 753 28.19 5.80 11.37
C ALA D 753 29.30 6.73 11.90
N VAL D 754 29.09 8.04 11.75
CA VAL D 754 29.96 9.04 12.39
C VAL D 754 29.93 8.80 13.90
N LEU D 755 28.73 8.73 14.46
CA LEU D 755 28.55 8.49 15.90
C LEU D 755 29.33 7.25 16.37
N ASP D 756 29.17 6.14 15.63
CA ASP D 756 29.88 4.90 15.95
C ASP D 756 31.37 5.16 16.12
N ALA D 757 31.93 6.03 15.29
CA ALA D 757 33.37 6.35 15.31
C ALA D 757 33.79 7.24 16.48
N TYR D 758 32.96 8.23 16.83
CA TYR D 758 33.23 9.06 18.00
C TYR D 758 33.07 8.29 19.30
N VAL D 759 32.11 7.37 19.34
CA VAL D 759 31.92 6.49 20.49
C VAL D 759 33.11 5.56 20.66
N GLY D 760 33.59 5.02 19.54
CA GLY D 760 34.77 4.13 19.52
C GLY D 760 36.07 4.84 19.83
N ILE D 761 36.17 6.10 19.41
CA ILE D 761 37.32 6.94 19.71
C ILE D 761 37.35 7.32 21.18
N VAL D 762 36.29 7.97 21.65
CA VAL D 762 36.20 8.36 23.07
C VAL D 762 36.56 7.17 23.98
N ALA D 763 36.09 5.97 23.60
CA ALA D 763 36.38 4.74 24.33
C ALA D 763 37.87 4.38 24.28
N GLY D 764 38.41 4.27 23.07
CA GLY D 764 39.83 3.98 22.88
C GLY D 764 40.80 4.88 23.64
N LEU D 765 40.48 6.17 23.75
CA LEU D 765 41.42 7.14 24.33
C LEU D 765 41.00 7.67 25.70
N HIS D 766 40.38 6.82 26.51
CA HIS D 766 40.12 7.12 27.94
C HIS D 766 41.43 7.50 28.64
N ASP D 767 42.45 6.64 28.51
CA ASP D 767 43.79 6.83 29.08
C ASP D 767 44.50 8.06 28.54
N LYS D 768 44.20 8.39 27.29
CA LYS D 768 44.94 9.41 26.57
C LYS D 768 44.02 10.62 26.29
N PRO D 769 43.62 11.36 27.36
CA PRO D 769 42.77 12.54 27.17
C PRO D 769 43.45 13.66 26.39
N GLU D 770 44.75 13.81 26.60
CA GLU D 770 45.56 14.81 25.87
C GLU D 770 45.40 14.73 24.33
N ALA D 771 45.34 13.51 23.78
CA ALA D 771 45.17 13.30 22.33
C ALA D 771 43.74 13.61 21.84
N LEU D 772 42.74 13.33 22.68
CA LEU D 772 41.34 13.62 22.35
C LEU D 772 40.99 15.11 22.53
N PHE D 773 41.74 15.80 23.40
CA PHE D 773 41.42 17.18 23.79
C PHE D 773 41.15 18.12 22.60
N PRO D 774 42.06 18.16 21.60
CA PRO D 774 41.82 19.06 20.46
C PRO D 774 40.58 18.79 19.60
N TYR D 775 39.79 17.77 19.94
CA TYR D 775 38.61 17.42 19.13
C TYR D 775 37.28 17.47 19.89
N VAL D 776 37.32 17.82 21.17
CA VAL D 776 36.11 17.85 21.98
C VAL D 776 35.04 18.70 21.28
N GLY D 777 35.38 19.94 20.97
CA GLY D 777 34.47 20.84 20.30
C GLY D 777 33.79 20.22 19.08
N THR D 778 34.58 19.51 18.28
CA THR D 778 34.09 18.83 17.06
C THR D 778 33.01 17.78 17.36
N ILE D 779 33.22 17.03 18.44
CA ILE D 779 32.30 15.97 18.84
C ILE D 779 31.04 16.59 19.41
N PHE D 780 31.23 17.55 20.31
CA PHE D 780 30.10 18.34 20.84
C PHE D 780 29.31 19.08 19.75
N GLN D 781 29.98 19.49 18.68
CA GLN D 781 29.24 20.05 17.55
C GLN D 781 28.38 18.98 16.87
N PHE D 782 28.88 17.75 16.81
CA PHE D 782 28.08 16.65 16.24
C PHE D 782 26.93 16.26 17.15
N ILE D 783 27.14 16.37 18.45
CA ILE D 783 26.08 16.11 19.42
C ILE D 783 24.96 17.14 19.22
N ALA D 784 25.34 18.39 18.95
CA ALA D 784 24.38 19.46 18.67
C ALA D 784 23.45 19.10 17.53
N GLN D 785 23.98 18.48 16.47
CA GLN D 785 23.17 17.98 15.36
C GLN D 785 22.17 16.94 15.82
N VAL D 786 22.62 16.02 16.68
CA VAL D 786 21.76 15.00 17.23
C VAL D 786 20.60 15.70 17.92
N ALA D 787 20.91 16.59 18.86
CA ALA D 787 19.88 17.35 19.58
C ALA D 787 18.88 18.03 18.64
N GLU D 788 19.38 18.54 17.51
CA GLU D 788 18.54 19.27 16.57
C GLU D 788 17.62 18.39 15.71
N ASP D 789 18.17 17.36 15.07
CA ASP D 789 17.39 16.55 14.10
C ASP D 789 16.68 15.36 14.76
N PRO D 790 15.33 15.33 14.69
CA PRO D 790 14.54 14.21 15.19
C PRO D 790 14.97 12.83 14.67
N GLN D 791 15.39 12.73 13.41
CA GLN D 791 15.80 11.43 12.85
C GLN D 791 16.98 10.83 13.61
N LEU D 792 17.76 11.70 14.27
CA LEU D 792 18.84 11.28 15.16
C LEU D 792 18.34 11.07 16.60
N TYR D 793 17.96 12.16 17.28
CA TYR D 793 17.64 12.10 18.71
C TYR D 793 16.44 11.22 19.03
N SER D 794 15.47 11.15 18.12
CA SER D 794 14.27 10.35 18.36
C SER D 794 14.53 8.84 18.33
N GLU D 795 15.60 8.42 17.66
CA GLU D 795 16.06 7.03 17.73
C GLU D 795 16.75 6.82 19.08
N ASP D 796 16.22 5.86 19.83
CA ASP D 796 16.64 5.59 21.20
C ASP D 796 18.12 5.29 21.31
N ALA D 797 18.58 4.34 20.48
CA ALA D 797 19.99 3.95 20.47
C ALA D 797 20.90 5.15 20.22
N THR D 798 20.50 6.01 19.29
CA THR D 798 21.29 7.19 18.92
C THR D 798 21.39 8.18 20.08
N SER D 799 20.28 8.39 20.79
CA SER D 799 20.29 9.34 21.90
C SER D 799 21.11 8.85 23.09
N ARG D 800 20.99 7.56 23.41
CA ARG D 800 21.76 6.94 24.48
C ARG D 800 23.26 7.05 24.23
N ALA D 801 23.66 6.80 22.99
CA ALA D 801 25.08 6.91 22.61
C ALA D 801 25.50 8.38 22.72
N ALA D 802 24.71 9.28 22.13
CA ALA D 802 25.01 10.71 22.17
C ALA D 802 25.21 11.18 23.60
N VAL D 803 24.18 11.03 24.42
CA VAL D 803 24.23 11.46 25.80
C VAL D 803 25.27 10.67 26.61
N GLY D 804 25.63 9.48 26.14
CA GLY D 804 26.70 8.70 26.73
C GLY D 804 28.07 9.29 26.45
N LEU D 805 28.24 9.86 25.26
CA LEU D 805 29.47 10.59 24.93
C LEU D 805 29.61 11.77 25.87
N ILE D 806 28.51 12.51 26.03
CA ILE D 806 28.49 13.68 26.92
C ILE D 806 29.07 13.28 28.28
N GLY D 807 28.62 12.15 28.81
CA GLY D 807 29.10 11.67 30.10
C GLY D 807 30.53 11.14 30.08
N ASP D 808 30.85 10.31 29.09
CA ASP D 808 32.17 9.66 29.02
C ASP D 808 33.30 10.64 28.74
N ILE D 809 33.03 11.63 27.88
CA ILE D 809 33.99 12.71 27.62
C ILE D 809 34.25 13.50 28.92
N ALA D 810 33.18 13.86 29.63
CA ALA D 810 33.30 14.47 30.96
C ALA D 810 34.24 13.68 31.89
N ALA D 811 34.05 12.37 31.92
CA ALA D 811 34.86 11.50 32.79
C ALA D 811 36.36 11.43 32.45
N MET D 812 36.75 11.92 31.27
CA MET D 812 38.15 11.96 30.85
C MET D 812 38.88 13.26 31.24
N PHE D 813 38.13 14.35 31.42
CA PHE D 813 38.71 15.67 31.69
C PHE D 813 38.22 16.27 33.03
N PRO D 814 38.62 15.65 34.16
CA PRO D 814 38.20 16.06 35.50
C PRO D 814 38.97 17.25 36.08
N ASP D 815 39.60 18.06 35.24
CA ASP D 815 40.31 19.27 35.68
C ASP D 815 39.70 20.54 35.08
N GLY D 816 38.45 20.46 34.62
CA GLY D 816 37.74 21.62 34.07
C GLY D 816 38.35 22.15 32.78
N SER D 817 39.16 21.33 32.11
CA SER D 817 39.78 21.72 30.85
C SER D 817 38.72 21.98 29.78
N ILE D 818 37.57 21.33 29.91
CA ILE D 818 36.51 21.38 28.91
C ILE D 818 35.15 21.79 29.48
N LYS D 819 35.10 22.23 30.74
CA LYS D 819 33.82 22.50 31.43
C LYS D 819 32.95 23.59 30.76
N GLN D 820 33.54 24.39 29.87
CA GLN D 820 32.76 25.41 29.14
C GLN D 820 31.74 24.78 28.17
N PHE D 821 31.93 23.50 27.83
CA PHE D 821 30.97 22.77 27.00
C PHE D 821 29.78 22.30 27.84
N TYR D 822 30.06 21.92 29.08
CA TYR D 822 29.05 21.39 30.00
C TYR D 822 28.24 22.47 30.71
N GLY D 823 28.58 23.73 30.44
CA GLY D 823 27.80 24.87 30.92
C GLY D 823 26.80 25.42 29.92
N GLN D 824 26.75 24.84 28.73
CA GLN D 824 25.87 25.34 27.67
C GLN D 824 24.43 24.88 27.92
N ASP D 825 23.46 25.66 27.43
CA ASP D 825 22.05 25.41 27.70
C ASP D 825 21.49 24.23 26.92
N TRP D 826 21.85 24.14 25.64
CA TRP D 826 21.38 23.04 24.80
C TRP D 826 21.78 21.68 25.37
N VAL D 827 22.95 21.62 26.02
CA VAL D 827 23.45 20.39 26.65
C VAL D 827 22.61 20.03 27.88
N ILE D 828 22.39 20.99 28.78
CA ILE D 828 21.56 20.74 29.96
C ILE D 828 20.14 20.38 29.51
N ASP D 829 19.64 21.09 28.51
CA ASP D 829 18.30 20.84 27.98
C ASP D 829 18.21 19.52 27.24
N TYR D 830 19.30 19.09 26.58
CA TYR D 830 19.29 17.80 25.87
C TYR D 830 19.30 16.63 26.85
N ILE D 831 20.07 16.74 27.92
CA ILE D 831 20.12 15.67 28.91
C ILE D 831 18.74 15.53 29.55
N LYS D 832 18.07 16.67 29.75
CA LYS D 832 16.72 16.70 30.31
C LYS D 832 15.68 16.06 29.39
N ARG D 833 15.74 16.36 28.09
CA ARG D 833 14.76 15.78 27.14
C ARG D 833 14.87 14.26 27.08
N THR D 834 16.06 13.75 27.39
CA THR D 834 16.34 12.32 27.33
C THR D 834 15.78 11.53 28.53
N ARG D 835 15.62 12.20 29.69
CA ARG D 835 15.05 11.57 30.88
C ARG D 835 13.52 11.68 30.95
N SER D 836 12.86 12.05 29.85
CA SER D 836 11.44 12.40 29.85
C SER D 836 10.56 11.48 29.02
N GLY D 837 9.33 11.26 29.49
CA GLY D 837 8.30 10.54 28.74
C GLY D 837 8.57 9.05 28.66
N GLN D 838 8.04 8.38 27.63
CA GLN D 838 8.41 6.99 27.38
C GLN D 838 9.22 6.74 26.11
N LEU D 839 8.95 7.48 25.03
CA LEU D 839 9.80 7.41 23.82
C LEU D 839 11.13 6.71 24.11
N PHE D 840 11.93 7.30 25.00
CA PHE D 840 13.23 6.75 25.39
C PHE D 840 13.08 5.68 26.47
N SER D 841 13.69 4.53 26.22
CA SER D 841 13.66 3.40 27.15
C SER D 841 14.41 3.69 28.45
N GLN D 842 14.28 2.78 29.42
CA GLN D 842 14.93 2.92 30.72
C GLN D 842 16.47 2.94 30.62
N ALA D 843 17.03 2.10 29.76
CA ALA D 843 18.47 2.15 29.51
C ALA D 843 18.93 3.57 29.14
N THR D 844 18.19 4.21 28.24
CA THR D 844 18.51 5.57 27.78
C THR D 844 18.40 6.59 28.90
N LYS D 845 17.34 6.51 29.68
CA LYS D 845 17.16 7.41 30.82
C LYS D 845 18.26 7.23 31.86
N ASP D 846 18.76 6.01 32.05
CA ASP D 846 19.83 5.75 33.04
C ASP D 846 21.16 6.33 32.55
N THR D 847 21.45 6.20 31.26
CA THR D 847 22.65 6.78 30.70
C THR D 847 22.58 8.31 30.79
N ALA D 848 21.38 8.86 30.55
CA ALA D 848 21.16 10.31 30.71
C ALA D 848 21.39 10.77 32.15
N ARG D 849 21.01 9.94 33.12
CA ARG D 849 21.30 10.23 34.53
C ARG D 849 22.80 10.31 34.76
N TRP D 850 23.53 9.35 34.18
CA TRP D 850 24.99 9.32 34.25
C TRP D 850 25.60 10.61 33.69
N ALA D 851 25.14 11.00 32.51
CA ALA D 851 25.63 12.22 31.88
C ALA D 851 25.27 13.45 32.72
N ARG D 852 24.05 13.49 33.24
CA ARG D 852 23.59 14.61 34.04
C ARG D 852 24.51 14.85 35.24
N GLU D 853 24.92 13.77 35.90
CA GLU D 853 25.78 13.88 37.08
C GLU D 853 27.24 14.20 36.74
N GLN D 854 27.80 13.55 35.70
CA GLN D 854 29.15 13.88 35.24
C GLN D 854 29.21 15.34 34.78
N GLN D 855 28.09 15.83 34.27
CA GLN D 855 27.97 17.23 33.84
C GLN D 855 27.95 18.19 35.02
N LYS D 856 27.32 17.80 36.11
CA LYS D 856 27.28 18.63 37.32
C LYS D 856 28.65 18.74 38.01
N ARG D 857 29.47 17.69 37.91
CA ARG D 857 30.85 17.72 38.41
C ARG D 857 31.76 18.66 37.59
N GLN D 858 31.54 18.74 36.28
CA GLN D 858 32.31 19.65 35.42
C GLN D 858 32.14 21.10 35.84
N LEU D 859 30.87 21.52 35.98
CA LEU D 859 30.56 22.89 36.43
C LEU D 859 31.22 23.17 37.78
N SER D 860 31.21 22.16 38.64
CA SER D 860 31.76 22.25 40.00
C SER D 860 33.26 21.93 40.11
N LEU D 861 34.01 22.14 39.04
CA LEU D 861 35.46 22.03 39.07
C LEU D 861 36.11 23.40 38.87
PG GTP E . -23.91 3.82 22.25
O1G GTP E . -23.24 2.46 22.29
O2G GTP E . -24.57 3.98 20.91
O3G GTP E . -24.93 3.95 23.35
O3B GTP E . -22.73 4.88 22.40
PB GTP E . -22.95 6.46 22.46
O1B GTP E . -23.07 6.97 21.06
O2B GTP E . -24.12 6.84 23.33
O3A GTP E . -21.55 6.99 23.04
PA GTP E . -21.50 7.69 24.48
O1A GTP E . -22.43 8.88 24.45
O2A GTP E . -21.86 6.71 25.57
O5' GTP E . -20.01 8.24 24.72
C5' GTP E . -18.91 7.88 23.93
C4' GTP E . -17.62 8.42 24.53
O4' GTP E . -17.19 9.54 23.79
C3' GTP E . -17.72 8.88 25.98
O3' GTP E . -16.60 8.37 26.65
C2' GTP E . -17.70 10.39 25.93
O2' GTP E . -17.05 10.94 27.05
C1' GTP E . -16.93 10.65 24.65
N9 GTP E . -17.31 11.86 23.91
C8 GTP E . -18.56 12.20 23.50
N7 GTP E . -18.48 13.35 22.79
C5 GTP E . -17.19 13.74 22.75
C6 GTP E . -16.57 14.83 22.17
O6 GTP E . -17.23 15.67 21.55
N1 GTP E . -15.21 14.97 22.27
C2 GTP E . -14.47 14.05 22.97
N2 GTP E . -13.17 14.22 23.04
N3 GTP E . -15.09 12.95 23.54
C4 GTP E . -16.44 12.79 23.43
MG MG F . -25.65 5.77 24.12
PG GTP G . 26.73 -4.96 -21.02
O1G GTP G . 26.76 -3.53 -20.54
O2G GTP G . 25.52 -5.18 -21.92
O3G GTP G . 28.02 -5.22 -21.78
O3B GTP G . 26.64 -5.87 -19.69
PB GTP G . 26.69 -7.48 -19.66
O1B GTP G . 25.30 -8.08 -19.91
O2B GTP G . 27.71 -8.00 -20.63
O3A GTP G . 27.12 -7.79 -18.13
PA GTP G . 28.54 -8.47 -17.82
O1A GTP G . 28.64 -9.81 -18.52
O2A GTP G . 29.63 -7.53 -18.27
O5' GTP G . 28.59 -8.80 -16.23
C5' GTP G . 27.71 -8.28 -15.28
C4' GTP G . 28.14 -8.58 -13.84
O4' GTP G . 27.33 -9.58 -13.25
C3' GTP G . 29.58 -9.05 -13.64
O3' GTP G . 30.07 -8.38 -12.51
C2' GTP G . 29.48 -10.54 -13.35
O2' GTP G . 30.43 -10.99 -12.42
C1' GTP G . 28.10 -10.66 -12.74
N9 GTP G . 27.42 -11.92 -13.04
C8 GTP G . 27.19 -12.48 -14.28
N7 GTP G . 26.49 -13.64 -14.10
C5 GTP G . 26.27 -13.81 -12.76
C6 GTP G . 25.64 -14.80 -12.03
O6 GTP G . 25.11 -15.75 -12.60
N1 GTP G . 25.55 -14.69 -10.65
C2 GTP G . 26.14 -13.61 -10.02
N2 GTP G . 26.08 -13.51 -8.70
N3 GTP G . 26.77 -12.63 -10.75
C4 GTP G . 26.84 -12.73 -12.10
MG MG H . 28.71 -7.23 -22.24
#